data_2WBG
#
_entry.id   2WBG
#
_cell.length_a   89.989
_cell.length_b   73.187
_cell.length_c   138.085
_cell.angle_alpha   90.00
_cell.angle_beta   94.03
_cell.angle_gamma   90.00
#
_symmetry.space_group_name_H-M   'P 1 21 1'
#
loop_
_entity.id
_entity.type
_entity.pdbx_description
1 polymer 'BETA-GLUCOSIDASE A'
2 non-polymer (3Z,5S,6R,7S,8R,8aR)-3-(octylimino)hexahydro[1,3]oxazolo[3,4-a]pyridine-5,6,7,8-tetrol
3 non-polymer 'ACETATE ION'
4 water water
#
_entity_poly.entity_id   1
_entity_poly.type   'polypeptide(L)'
_entity_poly.pdbx_seq_one_letter_code
;MGSSHHHHHHSSGLVPRGSHMASNVKKFPEGFLWGVATASYQIEGSPLADGAGMSIWHTFSHTPGNVKNGDTGDVACDHY
NRWKEDIEIIEKLGVKAYRFSISWPRILPEGTGRVNQKGLDFYNRIIDTLLEKGITPFVTIYHWDLPFALQLKGGWANRE
IADWFAEYSRVLFENFGDRVKNWITLNEPWVVAIVGHLYGVHAPGMRDIYVAFRAVHNLLRAHARAVKVFRETVKDGKIG
IVFNNGYFEPASEKEEDIRAVRFMHQFNNYPLFLNPIYRGDYPELVLEFAREYLPENYKDDMSEIQEKIDFVGLNYYSGH
LVKFDPDAPAKVSFVERDLPKTAMGWEIVPEGIYWILKKVKEEYNPPEVYITENGAAFDDVVSEDGRVHDQNRIDYLKAH
IGQAWKAIQEGVPLKGYFVWSLLDNFEWAEGYSKRFGIVYVDYSTQKRIVKDSGYWYSNVVKNNGLED
;
_entity_poly.pdbx_strand_id   A,B,C,D
#
# COMPACT_ATOMS: atom_id res chain seq x y z
N VAL A 25 4.02 18.92 50.84
CA VAL A 25 5.31 18.16 50.92
C VAL A 25 5.06 16.70 50.59
N LYS A 26 6.11 16.00 50.14
CA LYS A 26 5.98 14.58 49.82
C LYS A 26 7.14 13.87 50.48
N LYS A 27 6.89 13.40 51.69
CA LYS A 27 7.91 12.74 52.48
C LYS A 27 7.96 11.27 52.12
N PHE A 28 9.16 10.73 52.03
CA PHE A 28 9.31 9.35 51.67
C PHE A 28 9.29 8.47 52.91
N PRO A 29 9.12 7.14 52.73
CA PRO A 29 9.17 6.24 53.85
C PRO A 29 10.44 6.38 54.67
N GLU A 30 10.34 6.04 55.96
CA GLU A 30 11.48 5.97 56.81
C GLU A 30 12.48 4.97 56.24
N GLY A 31 13.77 5.31 56.21
CA GLY A 31 14.75 4.40 55.67
C GLY A 31 14.84 4.36 54.15
N PHE A 32 14.07 5.19 53.46
CA PHE A 32 14.20 5.25 51.99
C PHE A 32 15.64 5.59 51.56
N LEU A 33 16.16 4.86 50.57
CA LEU A 33 17.54 5.02 50.13
CA LEU A 33 17.55 5.06 50.14
C LEU A 33 17.65 5.98 48.94
N TRP A 34 18.33 7.11 49.12
CA TRP A 34 18.57 8.04 48.03
C TRP A 34 19.98 7.80 47.54
N GLY A 35 20.13 7.56 46.24
CA GLY A 35 21.43 7.24 45.71
C GLY A 35 21.77 8.00 44.42
N VAL A 36 22.98 7.74 43.92
CA VAL A 36 23.42 8.23 42.62
C VAL A 36 24.10 7.03 41.97
N ALA A 37 24.15 7.01 40.65
CA ALA A 37 24.67 5.86 39.94
C ALA A 37 25.69 6.28 38.89
N THR A 38 26.64 5.38 38.65
CA THR A 38 27.64 5.47 37.57
C THR A 38 27.90 4.05 37.02
N ALA A 39 28.74 3.96 35.99
CA ALA A 39 29.23 2.67 35.47
C ALA A 39 30.73 2.80 35.20
N SER A 40 31.45 1.69 35.32
CA SER A 40 32.90 1.67 35.28
C SER A 40 33.48 2.28 34.00
N TYR A 41 33.01 1.82 32.83
CA TYR A 41 33.64 2.31 31.60
C TYR A 41 33.29 3.78 31.36
N GLN A 42 32.14 4.22 31.86
CA GLN A 42 31.70 5.59 31.60
C GLN A 42 32.47 6.64 32.38
N ILE A 43 33.06 6.26 33.51
CA ILE A 43 33.76 7.23 34.38
C ILE A 43 35.25 6.98 34.66
N GLU A 44 35.72 5.75 34.59
CA GLU A 44 37.03 5.46 35.17
C GLU A 44 38.25 5.97 34.39
N GLY A 45 38.23 5.78 33.08
CA GLY A 45 39.44 5.93 32.25
C GLY A 45 40.46 4.88 32.66
N SER A 46 41.69 5.00 32.15
CA SER A 46 42.78 4.03 32.45
C SER A 46 42.33 2.59 32.25
N PRO A 47 41.74 2.29 31.09
CA PRO A 47 41.13 0.97 30.88
C PRO A 47 42.13 -0.16 30.95
N LEU A 48 43.38 0.15 30.65
CA LEU A 48 44.44 -0.84 30.57
C LEU A 48 45.46 -0.77 31.73
N ALA A 49 45.19 0.06 32.73
CA ALA A 49 46.10 0.20 33.88
C ALA A 49 46.19 -1.07 34.70
N ASP A 50 47.37 -1.31 35.26
CA ASP A 50 47.55 -2.26 36.36
C ASP A 50 47.14 -3.66 35.99
N GLY A 51 47.52 -4.06 34.78
CA GLY A 51 47.24 -5.41 34.33
C GLY A 51 45.80 -5.66 33.87
N ALA A 52 44.98 -4.64 33.68
CA ALA A 52 43.62 -4.93 33.17
C ALA A 52 43.65 -5.49 31.73
N GLY A 53 42.69 -6.36 31.42
CA GLY A 53 42.53 -6.79 30.05
C GLY A 53 41.63 -5.80 29.31
N MET A 54 41.66 -5.88 27.98
CA MET A 54 40.76 -5.03 27.19
C MET A 54 39.32 -5.46 27.39
N SER A 55 38.41 -4.48 27.30
CA SER A 55 37.00 -4.79 27.22
C SER A 55 36.50 -4.61 25.80
N ILE A 56 35.29 -5.08 25.53
CA ILE A 56 34.69 -4.87 24.22
C ILE A 56 34.32 -3.40 24.00
N TRP A 57 34.21 -2.60 25.08
CA TRP A 57 34.01 -1.15 24.86
C TRP A 57 35.31 -0.42 24.51
N HIS A 58 36.42 -0.90 25.02
CA HIS A 58 37.70 -0.32 24.59
C HIS A 58 37.84 -0.61 23.08
N THR A 59 37.65 -1.85 22.66
CA THR A 59 37.91 -2.14 21.21
C THR A 59 36.85 -1.53 20.27
N PHE A 60 35.60 -1.53 20.71
CA PHE A 60 34.50 -0.89 19.98
C PHE A 60 34.71 0.63 19.82
N SER A 61 35.02 1.32 20.93
CA SER A 61 35.20 2.79 20.84
C SER A 61 36.50 3.13 20.08
N HIS A 62 37.49 2.22 20.05
CA HIS A 62 38.70 2.49 19.23
C HIS A 62 38.55 2.12 17.75
N THR A 63 37.33 1.78 17.35
CA THR A 63 37.05 1.41 15.97
C THR A 63 36.42 2.63 15.34
N PRO A 64 36.99 3.13 14.24
CA PRO A 64 36.44 4.34 13.65
C PRO A 64 34.97 4.20 13.28
N GLY A 65 34.22 5.28 13.45
CA GLY A 65 32.84 5.29 13.08
C GLY A 65 31.84 4.83 14.12
N ASN A 66 32.28 4.28 15.26
CA ASN A 66 31.29 3.70 16.20
C ASN A 66 30.78 4.67 17.29
N VAL A 67 31.54 5.69 17.59
CA VAL A 67 31.22 6.62 18.72
C VAL A 67 31.34 8.07 18.21
N LYS A 68 30.34 8.93 18.48
CA LYS A 68 30.41 10.32 18.09
CA LYS A 68 30.43 10.33 18.08
C LYS A 68 31.78 10.95 18.41
N ASN A 69 32.33 11.69 17.44
CA ASN A 69 33.62 12.40 17.61
C ASN A 69 34.83 11.53 17.82
N GLY A 70 34.70 10.22 17.63
CA GLY A 70 35.82 9.35 17.99
C GLY A 70 36.15 9.29 19.47
N ASP A 71 35.18 9.63 20.32
CA ASP A 71 35.40 9.60 21.78
C ASP A 71 35.64 8.20 22.26
N THR A 72 36.48 8.01 23.29
CA THR A 72 36.64 6.66 23.85
C THR A 72 36.58 6.77 25.34
N GLY A 73 36.65 5.63 26.03
CA GLY A 73 36.69 5.68 27.50
C GLY A 73 38.13 5.74 28.04
N ASP A 74 39.08 6.18 27.22
CA ASP A 74 40.49 6.11 27.63
C ASP A 74 40.76 6.94 28.90
N VAL A 75 40.14 8.11 29.00
CA VAL A 75 40.32 8.97 30.17
C VAL A 75 38.97 9.18 30.89
N ALA A 76 37.92 9.50 30.14
CA ALA A 76 36.61 9.73 30.73
C ALA A 76 36.73 10.79 31.84
N CYS A 77 36.27 10.44 33.04
CA CYS A 77 36.25 11.37 34.19
C CYS A 77 37.49 11.15 35.05
N ASP A 78 38.37 10.25 34.59
CA ASP A 78 39.60 9.90 35.32
C ASP A 78 39.28 9.46 36.76
N HIS A 79 38.11 8.85 36.95
CA HIS A 79 37.72 8.34 38.27
C HIS A 79 38.69 7.26 38.75
N TYR A 80 39.38 6.56 37.85
CA TYR A 80 40.43 5.61 38.28
C TYR A 80 41.43 6.26 39.24
N ASN A 81 41.73 7.54 39.03
CA ASN A 81 42.63 8.32 39.93
C ASN A 81 41.90 9.25 40.90
N ARG A 82 40.65 9.62 40.61
CA ARG A 82 39.97 10.67 41.37
C ARG A 82 38.82 10.19 42.23
N TRP A 83 38.68 8.86 42.33
CA TRP A 83 37.59 8.20 43.05
C TRP A 83 37.37 8.74 44.49
N LYS A 84 38.45 9.05 45.19
CA LYS A 84 38.30 9.58 46.56
C LYS A 84 37.59 10.93 46.57
N GLU A 85 38.02 11.85 45.70
CA GLU A 85 37.32 13.13 45.55
C GLU A 85 35.86 12.93 45.16
N ASP A 86 35.59 11.97 44.26
CA ASP A 86 34.18 11.80 43.81
C ASP A 86 33.31 11.28 44.95
N ILE A 87 33.82 10.30 45.67
CA ILE A 87 33.13 9.80 46.89
C ILE A 87 32.93 10.94 47.92
N GLU A 88 33.92 11.83 48.03
CA GLU A 88 33.80 12.97 48.97
C GLU A 88 32.65 13.91 48.56
N ILE A 89 32.44 14.09 47.24
CA ILE A 89 31.27 14.81 46.76
C ILE A 89 29.98 14.15 47.21
N ILE A 90 29.86 12.83 47.02
CA ILE A 90 28.65 12.10 47.42
C ILE A 90 28.38 12.34 48.92
N GLU A 91 29.42 12.15 49.71
CA GLU A 91 29.39 12.45 51.13
C GLU A 91 28.94 13.90 51.41
N LYS A 92 29.60 14.88 50.80
CA LYS A 92 29.24 16.28 51.03
C LYS A 92 27.78 16.56 50.67
N LEU A 93 27.28 15.91 49.61
CA LEU A 93 25.88 16.08 49.21
C LEU A 93 24.90 15.37 50.13
N GLY A 94 25.40 14.49 50.98
CA GLY A 94 24.51 13.74 51.92
C GLY A 94 23.84 12.53 51.30
N VAL A 95 24.32 12.15 50.10
CA VAL A 95 23.72 11.04 49.41
C VAL A 95 24.08 9.74 50.13
N LYS A 96 23.10 8.85 50.29
CA LYS A 96 23.27 7.71 51.19
C LYS A 96 23.67 6.38 50.54
N ALA A 97 23.54 6.32 49.21
CA ALA A 97 23.84 5.05 48.50
C ALA A 97 24.54 5.39 47.18
N TYR A 98 25.47 4.54 46.78
CA TYR A 98 26.20 4.77 45.52
C TYR A 98 26.13 3.46 44.72
N ARG A 99 25.48 3.49 43.55
CA ARG A 99 25.44 2.34 42.65
C ARG A 99 26.59 2.55 41.63
N PHE A 100 27.54 1.63 41.59
CA PHE A 100 28.64 1.74 40.66
C PHE A 100 28.86 0.35 40.08
N SER A 101 29.60 0.24 38.99
CA SER A 101 29.84 -1.10 38.43
C SER A 101 31.31 -1.44 38.52
N ILE A 102 31.58 -2.75 38.40
CA ILE A 102 32.92 -3.28 38.42
C ILE A 102 33.34 -3.73 37.02
N SER A 103 34.54 -3.33 36.60
CA SER A 103 35.06 -3.76 35.29
C SER A 103 35.56 -5.19 35.35
N TRP A 104 34.79 -6.09 34.74
CA TRP A 104 35.15 -7.50 34.65
C TRP A 104 36.61 -7.67 34.22
N PRO A 105 37.06 -7.03 33.12
CA PRO A 105 38.48 -7.35 32.78
C PRO A 105 39.55 -6.71 33.65
N ARG A 106 39.18 -5.78 34.54
CA ARG A 106 40.12 -5.34 35.59
C ARG A 106 40.37 -6.48 36.59
N ILE A 107 39.34 -7.30 36.81
CA ILE A 107 39.37 -8.37 37.83
C ILE A 107 39.91 -9.71 37.24
N LEU A 108 39.38 -10.08 36.08
CA LEU A 108 39.87 -11.24 35.34
C LEU A 108 40.21 -10.77 33.93
N PRO A 109 41.47 -10.39 33.70
CA PRO A 109 41.95 -9.88 32.41
C PRO A 109 41.61 -10.78 31.20
N GLU A 110 41.59 -12.11 31.39
CA GLU A 110 41.25 -13.03 30.29
CA GLU A 110 41.26 -13.05 30.31
C GLU A 110 39.82 -13.56 30.41
N GLY A 111 39.03 -12.95 31.29
CA GLY A 111 37.62 -13.31 31.45
C GLY A 111 37.42 -14.42 32.46
N THR A 112 38.29 -15.42 32.42
CA THR A 112 38.28 -16.47 33.43
C THR A 112 39.75 -16.73 33.82
N GLY A 113 39.97 -17.49 34.89
CA GLY A 113 41.33 -17.83 35.30
C GLY A 113 41.93 -16.87 36.29
N ARG A 114 43.09 -16.31 35.94
CA ARG A 114 43.92 -15.57 36.88
C ARG A 114 43.25 -14.27 37.32
N VAL A 115 43.20 -14.03 38.62
CA VAL A 115 42.58 -12.83 39.16
C VAL A 115 43.65 -11.74 39.28
N ASN A 116 43.29 -10.51 38.93
CA ASN A 116 44.22 -9.39 38.95
C ASN A 116 44.07 -8.63 40.28
N GLN A 117 45.05 -8.80 41.17
CA GLN A 117 45.00 -8.25 42.52
C GLN A 117 44.78 -6.76 42.48
N LYS A 118 45.48 -6.08 41.59
CA LYS A 118 45.36 -4.63 41.54
C LYS A 118 43.99 -4.19 41.16
N GLY A 119 43.27 -5.03 40.41
CA GLY A 119 41.89 -4.72 40.13
C GLY A 119 41.03 -4.85 41.37
N LEU A 120 41.24 -5.90 42.13
CA LEU A 120 40.58 -6.03 43.43
C LEU A 120 40.89 -4.85 44.40
N ASP A 121 42.14 -4.43 44.44
CA ASP A 121 42.58 -3.33 45.30
C ASP A 121 41.84 -2.03 44.97
N PHE A 122 41.69 -1.76 43.67
CA PHE A 122 41.02 -0.56 43.24
C PHE A 122 39.61 -0.49 43.81
N TYR A 123 38.85 -1.57 43.70
CA TYR A 123 37.45 -1.53 44.15
C TYR A 123 37.36 -1.66 45.67
N ASN A 124 38.34 -2.34 46.26
CA ASN A 124 38.36 -2.44 47.72
C ASN A 124 38.44 -1.08 48.40
N ARG A 125 39.29 -0.20 47.90
CA ARG A 125 39.45 1.14 48.47
C ARG A 125 38.19 1.97 48.31
N ILE A 126 37.59 1.91 47.13
CA ILE A 126 36.26 2.48 46.96
C ILE A 126 35.27 1.95 48.02
N ILE A 127 35.17 0.64 48.16
CA ILE A 127 34.18 0.07 49.08
C ILE A 127 34.49 0.50 50.54
N ASP A 128 35.74 0.34 50.95
CA ASP A 128 36.13 0.73 52.33
C ASP A 128 35.80 2.21 52.58
N THR A 129 36.09 3.06 51.58
CA THR A 129 35.85 4.50 51.72
C THR A 129 34.38 4.83 51.85
N LEU A 130 33.52 4.18 51.07
CA LEU A 130 32.10 4.42 51.14
C LEU A 130 31.59 4.03 52.52
N LEU A 131 31.95 2.83 52.95
CA LEU A 131 31.53 2.34 54.25
C LEU A 131 32.05 3.25 55.41
N GLU A 132 33.27 3.79 55.32
CA GLU A 132 33.75 4.69 56.38
C GLU A 132 32.92 5.95 56.45
N LYS A 133 32.33 6.34 55.32
CA LYS A 133 31.55 7.58 55.28
C LYS A 133 30.07 7.33 55.38
N GLY A 134 29.65 6.09 55.63
CA GLY A 134 28.23 5.76 55.84
C GLY A 134 27.38 5.80 54.56
N ILE A 135 28.03 5.52 53.42
CA ILE A 135 27.35 5.44 52.14
C ILE A 135 27.24 3.95 51.79
N THR A 136 26.03 3.47 51.48
CA THR A 136 25.79 2.07 51.14
C THR A 136 26.12 1.76 49.66
N PRO A 137 27.08 0.87 49.42
CA PRO A 137 27.37 0.49 48.03
C PRO A 137 26.29 -0.43 47.43
N PHE A 138 25.95 -0.17 46.17
CA PHE A 138 25.13 -1.11 45.38
C PHE A 138 26.00 -1.45 44.19
N VAL A 139 26.39 -2.71 44.04
CA VAL A 139 27.38 -3.03 43.04
C VAL A 139 26.71 -3.69 41.83
N THR A 140 26.94 -3.11 40.64
CA THR A 140 26.50 -3.72 39.41
C THR A 140 27.64 -4.59 38.91
N ILE A 141 27.39 -5.89 38.81
CA ILE A 141 28.45 -6.82 38.45
C ILE A 141 28.81 -6.61 36.95
N TYR A 142 27.78 -6.39 36.13
CA TYR A 142 27.98 -6.27 34.68
C TYR A 142 27.31 -5.03 34.14
N HIS A 143 28.10 -4.02 33.78
CA HIS A 143 27.51 -2.86 33.13
C HIS A 143 28.21 -2.66 31.76
N TRP A 144 28.32 -3.77 31.01
CA TRP A 144 28.52 -3.78 29.53
C TRP A 144 29.96 -3.93 29.07
N ASP A 145 30.93 -3.83 29.99
CA ASP A 145 32.35 -3.96 29.60
C ASP A 145 32.88 -5.40 29.68
N LEU A 146 32.33 -6.26 28.83
CA LEU A 146 32.75 -7.67 28.72
C LEU A 146 34.22 -7.74 28.40
N PRO A 147 34.94 -8.69 29.03
CA PRO A 147 36.32 -8.88 28.62
C PRO A 147 36.38 -9.22 27.13
N PHE A 148 37.29 -8.57 26.43
CA PHE A 148 37.48 -8.79 25.03
C PHE A 148 37.86 -10.25 24.79
N ALA A 149 38.73 -10.79 25.64
CA ALA A 149 39.06 -12.22 25.55
C ALA A 149 37.82 -13.14 25.43
N LEU A 150 36.74 -12.80 26.12
CA LEU A 150 35.52 -13.60 26.03
C LEU A 150 34.69 -13.35 24.74
N GLN A 151 34.74 -12.11 24.25
CA GLN A 151 34.12 -11.82 22.94
C GLN A 151 34.74 -12.65 21.82
N LEU A 152 36.04 -12.92 21.89
CA LEU A 152 36.70 -13.77 20.89
C LEU A 152 36.14 -15.19 20.89
N LYS A 153 35.51 -15.58 22.01
CA LYS A 153 34.92 -16.88 22.08
C LYS A 153 33.42 -16.78 21.88
N GLY A 154 32.92 -15.65 21.38
CA GLY A 154 31.49 -15.53 21.16
C GLY A 154 30.73 -14.65 22.14
N GLY A 155 31.35 -14.34 23.29
CA GLY A 155 30.69 -13.48 24.28
C GLY A 155 29.30 -13.97 24.65
N TRP A 156 28.30 -13.08 24.66
CA TRP A 156 26.94 -13.45 25.10
C TRP A 156 26.26 -14.42 24.15
N ALA A 157 26.85 -14.65 22.97
CA ALA A 157 26.25 -15.61 22.04
C ALA A 157 26.59 -17.06 22.45
N ASN A 158 27.55 -17.21 23.35
CA ASN A 158 28.07 -18.55 23.66
C ASN A 158 27.43 -19.04 24.95
N ARG A 159 26.73 -20.18 24.89
CA ARG A 159 26.14 -20.78 26.10
C ARG A 159 27.04 -20.79 27.31
N GLU A 160 28.33 -21.04 27.06
CA GLU A 160 29.34 -21.16 28.10
C GLU A 160 29.47 -19.93 28.95
N ILE A 161 29.00 -18.78 28.46
CA ILE A 161 29.05 -17.56 29.27
C ILE A 161 28.34 -17.67 30.63
N ALA A 162 27.36 -18.56 30.76
CA ALA A 162 26.75 -18.74 32.09
C ALA A 162 27.83 -19.15 33.13
N ASP A 163 28.72 -20.04 32.71
CA ASP A 163 29.85 -20.48 33.54
C ASP A 163 30.84 -19.35 33.79
N TRP A 164 31.23 -18.66 32.72
CA TRP A 164 32.21 -17.58 32.83
C TRP A 164 31.71 -16.54 33.81
N PHE A 165 30.43 -16.23 33.70
CA PHE A 165 29.82 -15.18 34.48
C PHE A 165 29.65 -15.61 35.93
N ALA A 166 29.28 -16.86 36.13
CA ALA A 166 29.15 -17.44 37.49
C ALA A 166 30.50 -17.41 38.22
N GLU A 167 31.57 -17.79 37.51
CA GLU A 167 32.92 -17.73 38.08
C GLU A 167 33.37 -16.31 38.41
N TYR A 168 33.11 -15.37 37.50
CA TYR A 168 33.44 -13.98 37.74
C TYR A 168 32.69 -13.45 38.97
N SER A 169 31.39 -13.75 39.04
CA SER A 169 30.54 -13.31 40.17
C SER A 169 31.08 -13.84 41.50
N ARG A 170 31.47 -15.13 41.49
CA ARG A 170 32.06 -15.78 42.65
C ARG A 170 33.24 -15.01 43.19
N VAL A 171 34.20 -14.70 42.31
CA VAL A 171 35.34 -13.87 42.67
C VAL A 171 34.89 -12.56 43.33
N LEU A 172 33.88 -11.87 42.80
CA LEU A 172 33.41 -10.64 43.45
C LEU A 172 32.74 -10.88 44.80
N PHE A 173 31.91 -11.92 44.87
CA PHE A 173 31.23 -12.24 46.12
C PHE A 173 32.24 -12.62 47.22
N GLU A 174 33.28 -13.35 46.85
CA GLU A 174 34.27 -13.82 47.82
C GLU A 174 35.11 -12.66 48.33
N ASN A 175 35.46 -11.76 47.42
CA ASN A 175 36.34 -10.67 47.76
C ASN A 175 35.62 -9.51 48.40
N PHE A 176 34.38 -9.23 48.00
CA PHE A 176 33.74 -8.02 48.52
C PHE A 176 32.48 -8.27 49.33
N GLY A 177 32.03 -9.53 49.39
CA GLY A 177 30.69 -9.85 49.91
C GLY A 177 30.60 -9.71 51.43
N ASP A 178 31.74 -9.63 52.08
CA ASP A 178 31.79 -9.33 53.51
C ASP A 178 31.26 -7.92 53.78
N ARG A 179 31.55 -7.00 52.85
CA ARG A 179 31.23 -5.60 53.01
C ARG A 179 30.06 -5.15 52.16
N VAL A 180 30.00 -5.62 50.91
CA VAL A 180 28.91 -5.27 50.03
C VAL A 180 27.73 -6.24 50.16
N LYS A 181 26.54 -5.72 50.45
CA LYS A 181 25.38 -6.55 50.73
C LYS A 181 24.25 -6.35 49.77
N ASN A 182 24.46 -5.49 48.76
CA ASN A 182 23.42 -5.14 47.80
C ASN A 182 24.05 -5.20 46.40
N TRP A 183 23.58 -6.15 45.58
CA TRP A 183 24.25 -6.58 44.35
C TRP A 183 23.27 -6.60 43.19
N ILE A 184 23.74 -6.26 41.99
CA ILE A 184 22.91 -6.32 40.77
C ILE A 184 23.68 -7.17 39.78
N THR A 185 23.05 -8.23 39.24
CA THR A 185 23.77 -9.08 38.28
C THR A 185 24.05 -8.31 36.97
N LEU A 186 22.99 -7.82 36.33
CA LEU A 186 23.13 -7.25 34.99
C LEU A 186 22.42 -5.92 34.90
N ASN A 187 23.08 -4.96 34.25
CA ASN A 187 22.42 -3.74 33.87
C ASN A 187 21.82 -3.88 32.47
N GLU A 188 20.48 -3.83 32.39
CA GLU A 188 19.72 -3.75 31.14
C GLU A 188 20.10 -4.82 30.12
N PRO A 189 19.85 -6.09 30.46
CA PRO A 189 20.16 -7.14 29.49
C PRO A 189 19.46 -6.92 28.12
N TRP A 190 18.30 -6.27 28.07
CA TRP A 190 17.69 -6.00 26.77
C TRP A 190 18.65 -5.19 25.90
N VAL A 191 19.26 -4.16 26.50
CA VAL A 191 20.14 -3.27 25.75
C VAL A 191 21.38 -4.06 25.34
N VAL A 192 21.94 -4.80 26.28
CA VAL A 192 23.11 -5.63 25.98
C VAL A 192 22.84 -6.52 24.75
N ALA A 193 21.75 -7.26 24.83
CA ALA A 193 21.38 -8.14 23.72
C ALA A 193 21.01 -7.42 22.40
N ILE A 194 19.98 -6.59 22.48
CA ILE A 194 19.38 -5.95 21.29
C ILE A 194 20.23 -4.80 20.71
N VAL A 195 20.68 -3.88 21.56
CA VAL A 195 21.43 -2.74 21.02
C VAL A 195 22.85 -3.19 20.64
N GLY A 196 23.37 -4.17 21.39
CA GLY A 196 24.71 -4.62 21.09
C GLY A 196 24.79 -5.69 19.98
N HIS A 197 23.70 -6.41 19.70
CA HIS A 197 23.80 -7.55 18.77
C HIS A 197 22.76 -7.57 17.67
N LEU A 198 21.73 -6.74 17.77
CA LEU A 198 20.76 -6.59 16.68
C LEU A 198 20.93 -5.23 15.97
N TYR A 199 20.98 -4.13 16.73
CA TYR A 199 21.16 -2.82 16.11
CA TYR A 199 21.17 -2.84 16.11
C TYR A 199 22.62 -2.52 15.82
N GLY A 200 23.52 -3.16 16.57
CA GLY A 200 24.95 -3.00 16.37
C GLY A 200 25.43 -1.61 16.77
N VAL A 201 24.66 -0.86 17.57
CA VAL A 201 24.98 0.52 17.99
C VAL A 201 25.88 0.53 19.25
N HIS A 202 25.83 -0.56 20.01
CA HIS A 202 26.74 -0.73 21.13
C HIS A 202 27.63 -1.91 20.92
N ALA A 203 28.73 -1.98 21.67
CA ALA A 203 29.63 -3.15 21.62
C ALA A 203 28.84 -4.45 21.90
N PRO A 204 29.18 -5.56 21.22
CA PRO A 204 30.28 -5.72 20.27
C PRO A 204 29.97 -5.30 18.82
N GLY A 205 28.85 -4.62 18.62
CA GLY A 205 28.56 -3.98 17.34
C GLY A 205 27.96 -4.90 16.26
N MET A 206 27.23 -5.92 16.67
CA MET A 206 26.77 -6.90 15.69
C MET A 206 25.34 -6.64 15.26
N ARG A 207 24.98 -7.14 14.08
CA ARG A 207 23.58 -7.05 13.57
C ARG A 207 23.13 -8.43 13.09
N ASP A 208 22.70 -9.26 14.04
CA ASP A 208 22.24 -10.60 13.75
C ASP A 208 21.14 -10.98 14.74
N ILE A 209 19.92 -11.09 14.25
CA ILE A 209 18.77 -11.29 15.12
C ILE A 209 18.81 -12.63 15.86
N TYR A 210 19.45 -13.64 15.26
CA TYR A 210 19.58 -14.94 15.96
C TYR A 210 20.57 -14.83 17.09
N VAL A 211 21.70 -14.15 16.84
CA VAL A 211 22.64 -13.93 17.94
C VAL A 211 21.97 -13.11 19.06
N ALA A 212 21.24 -12.08 18.67
CA ALA A 212 20.61 -11.20 19.67
C ALA A 212 19.70 -11.98 20.62
N PHE A 213 18.88 -12.90 20.11
CA PHE A 213 17.98 -13.65 21.03
C PHE A 213 18.70 -14.77 21.76
N ARG A 214 19.76 -15.31 21.18
CA ARG A 214 20.65 -16.13 21.99
C ARG A 214 21.26 -15.35 23.15
N ALA A 215 21.64 -14.10 22.91
CA ALA A 215 22.22 -13.26 23.96
C ALA A 215 21.17 -13.05 25.07
N VAL A 216 19.93 -12.75 24.68
CA VAL A 216 18.85 -12.54 25.68
C VAL A 216 18.81 -13.75 26.60
N HIS A 217 18.75 -14.94 26.01
CA HIS A 217 18.62 -16.19 26.76
C HIS A 217 19.83 -16.50 27.60
N ASN A 218 21.03 -16.27 27.05
CA ASN A 218 22.24 -16.49 27.83
C ASN A 218 22.39 -15.49 28.97
N LEU A 219 21.93 -14.26 28.74
CA LEU A 219 21.96 -13.29 29.85
C LEU A 219 21.07 -13.80 31.02
N LEU A 220 19.89 -14.29 30.69
CA LEU A 220 19.06 -14.89 31.74
C LEU A 220 19.73 -16.06 32.43
N ARG A 221 20.35 -16.95 31.67
CA ARG A 221 21.07 -18.08 32.27
C ARG A 221 22.23 -17.65 33.17
N ALA A 222 23.00 -16.67 32.71
CA ALA A 222 24.14 -16.15 33.49
C ALA A 222 23.68 -15.47 34.78
N HIS A 223 22.67 -14.62 34.68
CA HIS A 223 22.11 -13.98 35.84
C HIS A 223 21.73 -15.07 36.87
N ALA A 224 20.91 -16.04 36.47
CA ALA A 224 20.40 -17.04 37.43
C ALA A 224 21.52 -17.83 38.09
N ARG A 225 22.53 -18.17 37.30
CA ARG A 225 23.71 -18.88 37.77
CA ARG A 225 23.69 -18.90 37.80
C ARG A 225 24.50 -18.06 38.81
N ALA A 226 24.58 -16.75 38.56
CA ALA A 226 25.21 -15.84 39.51
C ALA A 226 24.43 -15.77 40.83
N VAL A 227 23.10 -15.72 40.77
CA VAL A 227 22.31 -15.63 42.00
C VAL A 227 22.51 -16.95 42.79
N LYS A 228 22.51 -18.07 42.08
CA LYS A 228 22.76 -19.36 42.73
C LYS A 228 24.11 -19.36 43.48
N VAL A 229 25.19 -18.93 42.84
CA VAL A 229 26.48 -18.73 43.50
C VAL A 229 26.36 -17.72 44.70
N PHE A 230 25.63 -16.64 44.51
CA PHE A 230 25.40 -15.66 45.58
C PHE A 230 24.81 -16.34 46.85
N ARG A 231 23.85 -17.22 46.68
CA ARG A 231 23.20 -17.87 47.82
C ARG A 231 24.22 -18.70 48.59
N GLU A 232 25.18 -19.25 47.88
CA GLU A 232 26.25 -20.00 48.52
C GLU A 232 27.30 -19.17 49.24
N THR A 233 27.53 -17.94 48.81
CA THR A 233 28.69 -17.19 49.28
CA THR A 233 28.70 -17.18 49.26
C THR A 233 28.36 -16.02 50.19
N VAL A 234 27.27 -15.33 49.92
CA VAL A 234 26.89 -14.14 50.68
C VAL A 234 25.53 -14.36 51.35
N LYS A 235 25.55 -14.89 52.56
CA LYS A 235 24.30 -15.34 53.17
C LYS A 235 23.40 -14.22 53.64
N ASP A 236 23.95 -13.06 53.92
CA ASP A 236 23.10 -12.03 54.46
C ASP A 236 22.96 -10.85 53.49
N GLY A 237 23.14 -11.10 52.20
CA GLY A 237 23.04 -10.02 51.19
C GLY A 237 21.77 -10.14 50.38
N LYS A 238 21.50 -9.13 49.55
CA LYS A 238 20.42 -9.19 48.63
C LYS A 238 20.95 -8.97 47.22
N ILE A 239 20.33 -9.65 46.26
CA ILE A 239 20.74 -9.55 44.83
C ILE A 239 19.52 -9.35 43.95
N GLY A 240 19.69 -8.57 42.88
CA GLY A 240 18.59 -8.33 41.95
C GLY A 240 19.21 -8.08 40.58
N ILE A 241 18.44 -7.44 39.72
CA ILE A 241 18.81 -7.31 38.33
C ILE A 241 18.10 -6.06 37.86
N VAL A 242 18.68 -5.38 36.88
CA VAL A 242 18.16 -4.08 36.47
C VAL A 242 17.67 -4.07 35.02
N PHE A 243 16.50 -3.49 34.80
CA PHE A 243 15.92 -3.44 33.46
C PHE A 243 15.71 -2.02 32.97
N ASN A 244 15.98 -1.78 31.68
CA ASN A 244 15.43 -0.56 31.06
C ASN A 244 13.92 -0.65 30.83
N ASN A 245 13.22 0.48 30.86
CA ASN A 245 11.80 0.54 30.57
C ASN A 245 11.39 1.87 30.01
N GLY A 246 10.38 1.85 29.14
CA GLY A 246 9.72 3.06 28.70
C GLY A 246 8.23 2.95 28.95
N TYR A 247 7.54 4.08 28.95
CA TYR A 247 6.09 4.06 29.11
C TYR A 247 5.47 4.19 27.73
N PHE A 248 4.97 3.06 27.21
CA PHE A 248 4.40 3.02 25.89
C PHE A 248 2.93 3.35 25.91
N GLU A 249 2.52 4.22 24.99
CA GLU A 249 1.10 4.54 24.86
C GLU A 249 0.67 4.38 23.40
N PRO A 250 -0.60 4.04 23.17
CA PRO A 250 -1.11 3.81 21.80
C PRO A 250 -1.45 5.10 21.02
N ALA A 251 -1.05 5.15 19.75
CA ALA A 251 -1.29 6.31 18.93
C ALA A 251 -2.79 6.56 18.61
N SER A 252 -3.60 5.51 18.74
CA SER A 252 -5.04 5.66 18.50
C SER A 252 -5.76 4.58 19.28
N GLU A 253 -7.06 4.46 19.09
CA GLU A 253 -7.78 3.42 19.79
C GLU A 253 -7.88 2.17 18.93
N LYS A 254 -7.45 2.24 17.68
CA LYS A 254 -7.49 1.05 16.84
C LYS A 254 -6.91 -0.08 17.64
N GLU A 255 -7.43 -1.29 17.42
CA GLU A 255 -7.06 -2.44 18.23
C GLU A 255 -5.59 -2.83 17.95
N GLU A 256 -5.11 -2.58 16.73
CA GLU A 256 -3.73 -2.95 16.38
C GLU A 256 -2.69 -2.05 17.06
N ASP A 257 -3.09 -0.82 17.40
CA ASP A 257 -2.24 0.10 18.17
C ASP A 257 -2.18 -0.37 19.61
N ILE A 258 -3.31 -0.82 20.15
CA ILE A 258 -3.32 -1.34 21.50
C ILE A 258 -2.51 -2.62 21.61
N ARG A 259 -2.57 -3.47 20.60
CA ARG A 259 -1.76 -4.68 20.64
CA ARG A 259 -1.74 -4.68 20.59
C ARG A 259 -0.28 -4.34 20.42
N ALA A 260 0.00 -3.29 19.63
CA ALA A 260 1.39 -2.85 19.47
C ALA A 260 2.02 -2.44 20.82
N VAL A 261 1.27 -1.71 21.65
CA VAL A 261 1.76 -1.28 22.95
C VAL A 261 2.04 -2.49 23.86
N ARG A 262 1.15 -3.48 23.81
CA ARG A 262 1.32 -4.66 24.65
C ARG A 262 2.60 -5.38 24.24
N PHE A 263 2.78 -5.52 22.93
CA PHE A 263 4.06 -6.05 22.40
C PHE A 263 5.26 -5.24 22.90
N MET A 264 5.23 -3.92 22.74
CA MET A 264 6.40 -3.12 23.11
C MET A 264 6.69 -3.23 24.62
N HIS A 265 5.66 -3.27 25.46
CA HIS A 265 5.87 -3.49 26.88
C HIS A 265 6.50 -4.86 27.14
N GLN A 266 5.95 -5.92 26.54
CA GLN A 266 6.48 -7.25 26.81
C GLN A 266 7.91 -7.43 26.31
N PHE A 267 8.23 -6.76 25.23
CA PHE A 267 9.55 -6.93 24.65
C PHE A 267 10.60 -5.97 25.21
N ASN A 268 10.25 -4.68 25.34
CA ASN A 268 11.23 -3.65 25.71
CA ASN A 268 11.22 -3.65 25.69
C ASN A 268 11.38 -3.37 27.21
N ASN A 269 10.39 -3.81 28.01
CA ASN A 269 10.33 -3.57 29.43
C ASN A 269 10.64 -4.83 30.24
N TYR A 270 10.53 -4.75 31.56
CA TYR A 270 10.85 -5.87 32.45
C TYR A 270 10.21 -7.25 32.12
N PRO A 271 9.04 -7.30 31.46
CA PRO A 271 8.42 -8.63 31.28
C PRO A 271 9.29 -9.62 30.46
N LEU A 272 10.10 -9.12 29.53
CA LEU A 272 10.95 -10.03 28.74
C LEU A 272 11.77 -10.93 29.64
N PHE A 273 12.25 -10.38 30.76
CA PHE A 273 13.09 -11.11 31.68
C PHE A 273 12.32 -11.59 32.93
N LEU A 274 11.32 -10.81 33.37
CA LEU A 274 10.61 -11.20 34.59
C LEU A 274 9.60 -12.33 34.35
N ASN A 275 9.08 -12.44 33.13
CA ASN A 275 8.14 -13.54 32.86
C ASN A 275 8.91 -14.86 32.96
N PRO A 276 10.11 -14.92 32.38
CA PRO A 276 10.94 -16.10 32.64
C PRO A 276 11.24 -16.33 34.13
N ILE A 277 11.73 -15.29 34.82
CA ILE A 277 12.11 -15.42 36.20
C ILE A 277 10.94 -15.80 37.13
N TYR A 278 9.79 -15.16 36.96
CA TYR A 278 8.65 -15.43 37.84
C TYR A 278 7.62 -16.44 37.31
N ARG A 279 7.49 -16.57 35.99
CA ARG A 279 6.49 -17.48 35.40
C ARG A 279 7.09 -18.68 34.60
N GLY A 280 8.42 -18.72 34.44
CA GLY A 280 9.09 -19.82 33.70
C GLY A 280 8.94 -19.87 32.18
N ASP A 281 8.57 -18.75 31.54
CA ASP A 281 8.61 -18.67 30.08
C ASP A 281 8.71 -17.21 29.66
N TYR A 282 9.09 -16.97 28.40
CA TYR A 282 9.04 -15.64 27.84
C TYR A 282 7.59 -15.23 27.68
N PRO A 283 7.34 -13.92 27.64
CA PRO A 283 6.02 -13.38 27.39
C PRO A 283 5.41 -13.93 26.08
N GLU A 284 4.10 -14.19 26.09
CA GLU A 284 3.33 -14.66 24.93
CA GLU A 284 3.45 -14.76 24.91
C GLU A 284 3.71 -14.00 23.60
N LEU A 285 3.64 -12.67 23.60
CA LEU A 285 3.81 -11.92 22.37
C LEU A 285 5.25 -11.96 21.92
N VAL A 286 6.17 -12.12 22.85
CA VAL A 286 7.60 -12.21 22.52
C VAL A 286 7.85 -13.54 21.83
N LEU A 287 7.30 -14.62 22.39
CA LEU A 287 7.38 -15.92 21.73
C LEU A 287 6.81 -15.92 20.33
N GLU A 288 5.66 -15.28 20.14
CA GLU A 288 5.01 -15.20 18.83
CA GLU A 288 5.04 -15.24 18.83
C GLU A 288 5.98 -14.65 17.81
N PHE A 289 6.64 -13.56 18.17
CA PHE A 289 7.52 -12.84 17.29
C PHE A 289 8.86 -13.57 17.14
N ALA A 290 9.36 -14.15 18.21
CA ALA A 290 10.78 -14.52 18.23
C ALA A 290 11.11 -15.97 18.44
N ARG A 291 10.11 -16.86 18.45
CA ARG A 291 10.43 -18.29 18.65
C ARG A 291 11.50 -18.79 17.67
N GLU A 292 11.47 -18.26 16.43
CA GLU A 292 12.45 -18.74 15.40
C GLU A 292 13.88 -18.53 15.84
N TYR A 293 14.13 -17.44 16.57
CA TYR A 293 15.51 -16.99 16.88
C TYR A 293 16.01 -17.54 18.21
N LEU A 294 15.08 -17.98 19.06
CA LEU A 294 15.48 -18.50 20.37
C LEU A 294 16.03 -19.92 20.15
N PRO A 295 16.93 -20.38 21.03
CA PRO A 295 17.38 -21.77 20.87
C PRO A 295 16.14 -22.68 20.97
N GLU A 296 16.05 -23.72 20.15
CA GLU A 296 14.81 -24.55 20.06
C GLU A 296 14.40 -25.13 21.43
N ASN A 297 15.39 -25.61 22.20
CA ASN A 297 15.10 -26.17 23.55
C ASN A 297 15.32 -25.15 24.68
N TYR A 298 15.07 -23.89 24.39
CA TYR A 298 15.26 -22.83 25.41
C TYR A 298 14.47 -23.12 26.70
N LYS A 299 13.28 -23.67 26.58
CA LYS A 299 12.45 -23.88 27.80
C LYS A 299 13.09 -24.85 28.81
N ASP A 300 13.98 -25.71 28.36
CA ASP A 300 14.72 -26.57 29.27
C ASP A 300 15.47 -25.80 30.36
N ASP A 301 15.78 -24.53 30.11
CA ASP A 301 16.61 -23.75 31.02
C ASP A 301 15.74 -22.93 31.97
N MET A 302 14.45 -22.89 31.71
CA MET A 302 13.56 -22.02 32.51
C MET A 302 13.55 -22.36 34.01
N SER A 303 13.69 -23.62 34.39
CA SER A 303 13.57 -23.95 35.81
CA SER A 303 13.57 -23.94 35.82
C SER A 303 14.72 -23.27 36.55
N GLU A 304 15.93 -23.39 36.00
CA GLU A 304 17.09 -22.76 36.57
C GLU A 304 16.98 -21.21 36.58
N ILE A 305 16.47 -20.65 35.49
CA ILE A 305 16.26 -19.19 35.38
C ILE A 305 15.31 -18.63 36.46
N GLN A 306 14.47 -19.49 37.04
CA GLN A 306 13.55 -19.07 38.10
C GLN A 306 14.18 -18.86 39.50
N GLU A 307 15.48 -19.04 39.60
CA GLU A 307 16.21 -18.78 40.82
C GLU A 307 15.70 -17.50 41.52
N LYS A 308 15.33 -17.59 42.79
CA LYS A 308 14.68 -16.46 43.46
C LYS A 308 15.60 -15.24 43.60
N ILE A 309 15.08 -14.07 43.24
CA ILE A 309 15.80 -12.81 43.39
C ILE A 309 15.19 -11.95 44.52
N ASP A 310 15.98 -11.03 45.08
CA ASP A 310 15.58 -10.23 46.25
C ASP A 310 14.86 -8.94 45.87
N PHE A 311 15.28 -8.32 44.77
CA PHE A 311 14.66 -7.09 44.32
C PHE A 311 14.76 -6.94 42.81
N VAL A 312 13.92 -6.06 42.26
CA VAL A 312 13.99 -5.69 40.84
C VAL A 312 14.42 -4.23 40.77
N GLY A 313 15.47 -3.96 40.00
CA GLY A 313 15.79 -2.57 39.70
C GLY A 313 15.14 -2.13 38.38
N LEU A 314 14.49 -0.98 38.40
CA LEU A 314 13.89 -0.41 37.18
C LEU A 314 14.59 0.89 36.80
N ASN A 315 15.12 0.95 35.57
CA ASN A 315 15.57 2.22 34.96
C ASN A 315 14.42 2.83 34.19
N TYR A 316 14.31 4.15 34.22
CA TYR A 316 13.24 4.79 33.49
C TYR A 316 13.67 6.20 33.11
N TYR A 317 13.48 6.54 31.83
CA TYR A 317 13.83 7.87 31.29
C TYR A 317 12.77 8.52 30.44
N SER A 318 12.01 7.73 29.70
CA SER A 318 11.15 8.32 28.68
CA SER A 318 11.19 8.28 28.61
C SER A 318 9.87 7.56 28.37
N GLY A 319 8.93 8.28 27.78
CA GLY A 319 7.69 7.71 27.27
C GLY A 319 7.66 7.76 25.74
N HIS A 320 6.90 6.84 25.15
CA HIS A 320 6.82 6.70 23.69
C HIS A 320 5.41 6.42 23.19
N LEU A 321 4.99 7.17 22.19
CA LEU A 321 3.77 6.85 21.45
C LEU A 321 4.10 5.84 20.35
N VAL A 322 3.30 4.78 20.31
CA VAL A 322 3.52 3.64 19.44
C VAL A 322 2.28 3.37 18.53
N LYS A 323 2.53 2.87 17.31
CA LYS A 323 1.45 2.44 16.44
C LYS A 323 1.81 1.14 15.73
N PHE A 324 0.79 0.41 15.29
CA PHE A 324 1.00 -0.68 14.38
C PHE A 324 1.49 -0.09 13.08
N ASP A 325 2.51 -0.71 12.50
CA ASP A 325 3.04 -0.23 11.24
C ASP A 325 3.45 -1.44 10.41
N PRO A 326 2.71 -1.70 9.31
CA PRO A 326 2.97 -2.88 8.50
C PRO A 326 4.37 -2.90 7.89
N ASP A 327 4.95 -1.72 7.65
CA ASP A 327 6.28 -1.64 6.99
C ASP A 327 7.49 -1.80 7.92
N ALA A 328 7.26 -1.80 9.22
CA ALA A 328 8.38 -1.80 10.13
C ALA A 328 8.70 -3.22 10.64
N PRO A 329 9.95 -3.45 11.04
CA PRO A 329 10.28 -4.70 11.69
C PRO A 329 9.40 -4.84 12.93
N ALA A 330 8.96 -6.06 13.25
CA ALA A 330 8.08 -6.26 14.40
C ALA A 330 6.75 -5.53 14.19
N LYS A 331 6.62 -4.84 13.07
CA LYS A 331 5.36 -4.20 12.72
C LYS A 331 4.93 -3.16 13.76
N VAL A 332 5.91 -2.46 14.31
CA VAL A 332 5.62 -1.38 15.24
CA VAL A 332 5.63 -1.39 15.26
C VAL A 332 6.54 -0.21 14.93
N SER A 333 6.03 1.01 15.07
CA SER A 333 6.89 2.17 14.99
CA SER A 333 6.82 2.22 14.92
C SER A 333 6.49 3.21 16.04
N PHE A 334 7.48 4.01 16.43
CA PHE A 334 7.30 5.11 17.37
C PHE A 334 6.70 6.27 16.60
N VAL A 335 5.86 7.06 17.26
CA VAL A 335 5.28 8.26 16.68
C VAL A 335 5.69 9.47 17.54
N GLU A 336 6.39 10.42 16.93
CA GLU A 336 6.79 11.66 17.63
C GLU A 336 5.64 12.48 18.24
N ARG A 337 5.82 12.97 19.45
CA ARG A 337 4.78 13.78 20.07
C ARG A 337 5.22 15.22 20.40
N ASP A 338 4.24 16.11 20.53
CA ASP A 338 4.42 17.49 20.99
C ASP A 338 4.57 17.52 22.51
N LEU A 339 5.71 17.08 23.03
CA LEU A 339 5.93 17.01 24.47
CA LEU A 339 5.93 17.05 24.47
C LEU A 339 7.33 17.59 24.74
N PRO A 340 7.57 18.10 25.96
CA PRO A 340 8.91 18.57 26.30
C PRO A 340 9.88 17.41 26.12
N LYS A 341 11.05 17.71 25.56
CA LYS A 341 12.05 16.69 25.39
C LYS A 341 13.37 17.11 26.04
N THR A 342 14.24 16.15 26.28
CA THR A 342 15.57 16.44 26.79
C THR A 342 16.45 16.72 25.58
N ALA A 343 17.74 16.95 25.84
CA ALA A 343 18.67 17.22 24.78
C ALA A 343 18.92 15.95 23.97
N MET A 344 18.49 14.78 24.48
CA MET A 344 18.51 13.53 23.68
C MET A 344 17.36 13.50 22.65
N GLY A 345 16.39 14.38 22.81
CA GLY A 345 15.15 14.28 22.05
C GLY A 345 14.19 13.27 22.68
N TRP A 346 14.50 12.78 23.87
CA TRP A 346 13.59 11.86 24.57
C TRP A 346 12.47 12.59 25.27
N GLU A 347 11.24 12.15 25.01
CA GLU A 347 10.05 12.75 25.60
C GLU A 347 10.01 12.61 27.10
N ILE A 348 9.66 13.71 27.75
CA ILE A 348 9.61 13.77 29.20
C ILE A 348 8.18 13.47 29.67
N VAL A 349 7.98 12.30 30.27
CA VAL A 349 6.65 11.79 30.64
C VAL A 349 6.77 11.21 32.02
N PRO A 350 6.74 12.07 33.05
CA PRO A 350 7.06 11.66 34.40
C PRO A 350 6.06 10.62 34.93
N GLU A 351 4.80 10.66 34.47
CA GLU A 351 3.79 9.71 34.96
C GLU A 351 4.12 8.30 34.46
N GLY A 352 4.99 8.21 33.47
CA GLY A 352 5.58 6.92 33.09
C GLY A 352 6.27 6.16 34.21
N ILE A 353 6.94 6.87 35.11
CA ILE A 353 7.66 6.20 36.17
C ILE A 353 6.65 5.61 37.17
N TYR A 354 5.56 6.34 37.39
CA TYR A 354 4.43 5.86 38.22
C TYR A 354 3.83 4.59 37.59
N TRP A 355 3.58 4.65 36.28
CA TRP A 355 3.00 3.51 35.55
C TRP A 355 3.85 2.26 35.63
N ILE A 356 5.14 2.37 35.30
CA ILE A 356 6.06 1.21 35.32
C ILE A 356 6.19 0.62 36.74
N LEU A 357 6.14 1.49 37.75
CA LEU A 357 6.19 1.03 39.13
C LEU A 357 4.89 0.30 39.55
N LYS A 358 3.74 0.89 39.23
CA LYS A 358 2.43 0.25 39.48
C LYS A 358 2.38 -1.07 38.72
N LYS A 359 2.72 -1.01 37.44
CA LYS A 359 2.59 -2.20 36.61
C LYS A 359 3.50 -3.37 36.99
N VAL A 360 4.71 -3.10 37.45
CA VAL A 360 5.60 -4.22 37.84
C VAL A 360 5.04 -4.90 39.10
N LYS A 361 4.45 -4.09 39.98
CA LYS A 361 3.74 -4.66 41.14
C LYS A 361 2.53 -5.48 40.67
N GLU A 362 1.66 -4.91 39.85
CA GLU A 362 0.46 -5.64 39.40
C GLU A 362 0.84 -6.97 38.75
N GLU A 363 1.86 -6.94 37.88
CA GLU A 363 2.18 -8.10 37.07
C GLU A 363 3.05 -9.12 37.77
N TYR A 364 4.05 -8.71 38.53
CA TYR A 364 4.98 -9.70 39.10
C TYR A 364 5.17 -9.62 40.61
N ASN A 365 4.56 -8.61 41.23
CA ASN A 365 4.73 -8.39 42.69
CA ASN A 365 4.69 -8.43 42.68
C ASN A 365 6.10 -8.72 43.24
N PRO A 366 7.15 -8.07 42.71
CA PRO A 366 8.44 -8.33 43.32
C PRO A 366 8.44 -7.84 44.78
N PRO A 367 9.20 -8.51 45.67
CA PRO A 367 9.19 -8.14 47.08
C PRO A 367 9.70 -6.71 47.32
N GLU A 368 10.70 -6.29 46.53
CA GLU A 368 11.33 -4.98 46.70
C GLU A 368 11.68 -4.46 45.31
N VAL A 369 11.44 -3.18 45.12
CA VAL A 369 11.80 -2.49 43.87
C VAL A 369 12.68 -1.27 44.18
N TYR A 370 13.57 -0.94 43.23
CA TYR A 370 14.42 0.27 43.29
C TYR A 370 14.39 0.91 41.94
N ILE A 371 14.28 2.23 41.89
CA ILE A 371 14.56 2.93 40.62
C ILE A 371 16.07 3.02 40.59
N THR A 372 16.70 2.25 39.70
CA THR A 372 18.16 2.18 39.68
C THR A 372 18.80 3.20 38.73
N GLU A 373 17.99 3.81 37.87
CA GLU A 373 18.38 5.02 37.12
C GLU A 373 17.19 5.89 36.79
N ASN A 374 17.37 7.19 36.95
CA ASN A 374 16.44 8.16 36.40
C ASN A 374 17.27 9.45 36.22
N GLY A 375 17.15 10.12 35.08
CA GLY A 375 17.99 11.31 34.87
C GLY A 375 17.78 11.86 33.48
N ALA A 376 18.51 12.92 33.15
CA ALA A 376 18.30 13.60 31.89
C ALA A 376 19.56 14.34 31.42
N ALA A 377 19.73 14.38 30.10
CA ALA A 377 20.80 15.16 29.47
C ALA A 377 20.20 16.48 29.01
N PHE A 378 20.83 17.58 29.41
CA PHE A 378 20.48 18.91 28.94
C PHE A 378 21.78 19.62 28.53
N ASP A 379 21.63 20.66 27.72
CA ASP A 379 22.76 21.42 27.19
C ASP A 379 23.24 22.34 28.33
N ASP A 380 24.06 21.76 29.19
CA ASP A 380 24.58 22.44 30.38
C ASP A 380 25.58 23.56 30.06
N VAL A 381 25.40 24.71 30.70
CA VAL A 381 26.29 25.86 30.45
C VAL A 381 26.92 26.28 31.79
N VAL A 382 28.25 26.41 31.86
CA VAL A 382 28.90 26.99 33.05
C VAL A 382 28.87 28.53 32.92
N SER A 383 28.14 29.18 33.81
CA SER A 383 28.01 30.65 33.74
C SER A 383 29.19 31.34 34.41
N GLU A 384 29.22 32.68 34.33
CA GLU A 384 30.37 33.46 34.82
C GLU A 384 30.57 33.26 36.31
N ASP A 385 29.53 32.82 37.02
CA ASP A 385 29.63 32.63 38.46
C ASP A 385 30.30 31.27 38.82
N GLY A 386 30.76 30.55 37.79
CA GLY A 386 31.35 29.24 38.00
C GLY A 386 30.33 28.17 38.42
N ARG A 387 29.08 28.36 38.04
CA ARG A 387 28.04 27.41 38.39
CA ARG A 387 28.00 27.44 38.41
C ARG A 387 27.20 26.99 37.18
N VAL A 388 26.38 25.97 37.37
CA VAL A 388 25.57 25.40 36.27
C VAL A 388 24.10 25.43 36.68
N HIS A 389 23.35 26.36 36.09
CA HIS A 389 21.98 26.61 36.54
C HIS A 389 20.95 25.75 35.82
N ASP A 390 21.02 24.43 36.04
CA ASP A 390 20.23 23.47 35.27
C ASP A 390 18.82 23.26 35.86
N GLN A 391 18.03 24.33 35.90
CA GLN A 391 16.63 24.23 36.31
C GLN A 391 15.88 23.16 35.47
N ASN A 392 16.27 23.02 34.20
CA ASN A 392 15.66 21.96 33.37
C ASN A 392 15.83 20.56 33.97
N ARG A 393 17.03 20.27 34.45
CA ARG A 393 17.28 18.98 35.08
C ARG A 393 16.56 18.83 36.45
N ILE A 394 16.56 19.91 37.22
CA ILE A 394 15.79 19.90 38.45
C ILE A 394 14.31 19.59 38.16
N ASP A 395 13.74 20.31 37.20
CA ASP A 395 12.34 20.10 36.87
C ASP A 395 12.09 18.63 36.45
N TYR A 396 13.01 18.08 35.68
CA TYR A 396 12.88 16.67 35.31
C TYR A 396 12.89 15.74 36.53
N LEU A 397 13.91 15.88 37.39
CA LEU A 397 14.04 14.98 38.53
C LEU A 397 12.87 15.12 39.48
N LYS A 398 12.47 16.37 39.73
CA LYS A 398 11.39 16.66 40.67
C LYS A 398 10.11 15.97 40.23
N ALA A 399 9.74 16.13 38.96
CA ALA A 399 8.50 15.51 38.47
C ALA A 399 8.51 13.97 38.63
N HIS A 400 9.64 13.34 38.33
CA HIS A 400 9.77 11.88 38.47
C HIS A 400 9.76 11.38 39.90
N ILE A 401 10.43 12.12 40.78
CA ILE A 401 10.43 11.80 42.20
C ILE A 401 8.99 11.92 42.77
N GLY A 402 8.25 12.93 42.32
CA GLY A 402 6.87 13.12 42.76
C GLY A 402 6.00 11.94 42.34
N GLN A 403 6.24 11.45 41.12
CA GLN A 403 5.47 10.33 40.57
C GLN A 403 5.85 9.02 41.29
N ALA A 404 7.12 8.87 41.63
CA ALA A 404 7.57 7.72 42.38
C ALA A 404 6.89 7.71 43.75
N TRP A 405 6.76 8.90 44.32
CA TRP A 405 6.14 9.07 45.64
C TRP A 405 4.70 8.58 45.59
N LYS A 406 4.00 8.95 44.51
CA LYS A 406 2.62 8.53 44.33
C LYS A 406 2.54 6.99 44.25
N ALA A 407 3.43 6.38 43.46
CA ALA A 407 3.50 4.92 43.45
C ALA A 407 3.60 4.31 44.86
N ILE A 408 4.45 4.90 45.70
CA ILE A 408 4.63 4.43 47.07
C ILE A 408 3.32 4.54 47.87
N GLN A 409 2.64 5.67 47.75
CA GLN A 409 1.36 5.87 48.46
C GLN A 409 0.38 4.75 48.08
N GLU A 410 0.38 4.35 46.81
CA GLU A 410 -0.53 3.31 46.34
C GLU A 410 -0.01 1.88 46.51
N GLY A 411 1.03 1.71 47.30
CA GLY A 411 1.45 0.37 47.70
C GLY A 411 2.67 -0.28 47.06
N VAL A 412 3.29 0.35 46.06
CA VAL A 412 4.54 -0.23 45.49
C VAL A 412 5.66 -0.24 46.51
N PRO A 413 6.34 -1.38 46.68
CA PRO A 413 7.42 -1.50 47.64
C PRO A 413 8.78 -0.92 47.12
N LEU A 414 8.75 0.33 46.69
CA LEU A 414 9.94 1.07 46.23
C LEU A 414 10.84 1.45 47.42
N LYS A 415 12.03 0.87 47.48
CA LYS A 415 12.94 1.05 48.61
C LYS A 415 14.01 2.15 48.43
N GLY A 416 14.19 2.64 47.20
CA GLY A 416 15.26 3.62 46.94
C GLY A 416 15.14 4.18 45.54
N TYR A 417 15.89 5.26 45.28
CA TYR A 417 15.87 5.94 43.98
C TYR A 417 17.28 6.44 43.70
N PHE A 418 17.82 6.08 42.53
CA PHE A 418 19.19 6.51 42.19
C PHE A 418 19.15 7.41 40.96
N VAL A 419 19.78 8.57 41.07
CA VAL A 419 19.84 9.46 39.94
C VAL A 419 20.97 9.02 39.00
N TRP A 420 20.65 8.93 37.71
CA TRP A 420 21.71 8.77 36.70
C TRP A 420 22.01 10.19 36.22
N SER A 421 23.19 10.76 36.48
CA SER A 421 24.34 10.12 37.07
C SER A 421 24.96 11.10 38.07
N LEU A 422 25.81 10.59 38.95
CA LEU A 422 26.66 11.48 39.77
C LEU A 422 27.45 12.45 38.89
N LEU A 423 28.07 11.92 37.83
CA LEU A 423 29.03 12.69 37.01
C LEU A 423 28.61 12.74 35.56
N ASP A 424 28.88 13.84 34.88
CA ASP A 424 28.83 13.84 33.42
C ASP A 424 29.85 12.78 33.02
N ASN A 425 29.58 12.04 31.94
CA ASN A 425 30.46 10.93 31.64
C ASN A 425 30.38 10.49 30.18
N PHE A 426 31.04 9.40 29.85
CA PHE A 426 31.03 8.87 28.46
C PHE A 426 29.68 8.19 28.18
N GLU A 427 28.79 8.83 27.41
CA GLU A 427 27.42 8.33 27.12
C GLU A 427 27.48 7.37 25.91
N TRP A 428 28.26 6.32 26.06
CA TRP A 428 28.30 5.25 25.05
C TRP A 428 28.46 5.79 23.62
N ALA A 429 27.61 5.40 22.66
CA ALA A 429 27.85 5.83 21.27
C ALA A 429 27.76 7.34 21.07
N GLU A 430 27.15 8.04 22.03
CA GLU A 430 27.11 9.52 21.99
C GLU A 430 28.41 10.17 22.45
N GLY A 431 29.31 9.37 23.04
CA GLY A 431 30.51 9.93 23.67
C GLY A 431 30.22 11.00 24.74
N TYR A 432 31.09 12.02 24.82
CA TYR A 432 31.01 13.00 25.92
C TYR A 432 30.01 14.10 25.61
N SER A 433 29.39 14.02 24.43
CA SER A 433 28.50 15.10 23.96
C SER A 433 27.20 15.22 24.77
N LYS A 434 26.86 14.18 25.51
CA LYS A 434 25.63 14.22 26.31
C LYS A 434 25.95 14.09 27.80
N ARG A 435 25.51 15.10 28.56
CA ARG A 435 25.84 15.25 29.99
C ARG A 435 24.61 14.93 30.85
N PHE A 436 24.72 13.88 31.68
CA PHE A 436 23.63 13.44 32.58
C PHE A 436 23.91 13.73 34.06
N GLY A 437 25.07 14.30 34.34
CA GLY A 437 25.53 14.42 35.72
C GLY A 437 24.68 15.40 36.54
N ILE A 438 24.66 15.19 37.85
CA ILE A 438 24.27 16.32 38.75
C ILE A 438 25.53 17.06 39.16
N VAL A 439 26.70 16.54 38.72
CA VAL A 439 28.01 17.20 38.87
C VAL A 439 28.62 17.32 37.44
N TYR A 440 28.98 18.55 37.07
CA TYR A 440 29.55 18.87 35.76
C TYR A 440 31.01 18.50 35.79
N VAL A 441 31.51 17.99 34.66
CA VAL A 441 32.90 17.68 34.60
C VAL A 441 33.51 18.41 33.44
N ASP A 442 34.47 19.27 33.73
CA ASP A 442 35.20 19.91 32.66
CA ASP A 442 35.24 19.95 32.69
C ASP A 442 36.36 19.01 32.29
N TYR A 443 36.22 18.37 31.14
CA TYR A 443 37.17 17.34 30.77
C TYR A 443 38.60 17.85 30.56
N SER A 444 38.79 19.12 30.19
CA SER A 444 40.18 19.65 30.05
C SER A 444 40.98 19.63 31.35
N THR A 445 40.33 19.93 32.47
CA THR A 445 40.99 20.01 33.75
C THR A 445 40.58 18.90 34.70
N GLN A 446 39.55 18.14 34.34
CA GLN A 446 38.91 17.18 35.27
C GLN A 446 38.25 17.82 36.51
N LYS A 447 38.08 19.15 36.46
CA LYS A 447 37.43 19.87 37.53
C LYS A 447 35.97 19.40 37.66
N ARG A 448 35.51 19.20 38.90
CA ARG A 448 34.09 18.86 39.16
C ARG A 448 33.36 20.13 39.60
N ILE A 449 32.21 20.43 39.00
CA ILE A 449 31.35 21.53 39.46
C ILE A 449 29.94 20.99 39.78
N VAL A 450 29.58 20.98 41.07
CA VAL A 450 28.21 20.55 41.43
C VAL A 450 27.21 21.46 40.75
N LYS A 451 26.27 20.87 40.01
CA LYS A 451 25.20 21.61 39.32
C LYS A 451 24.09 21.98 40.29
N ASP A 452 23.27 22.94 39.91
CA ASP A 452 22.13 23.28 40.75
C ASP A 452 21.27 22.03 41.07
N SER A 453 21.13 21.12 40.10
CA SER A 453 20.40 19.85 40.38
C SER A 453 21.08 19.06 41.48
N GLY A 454 22.40 19.14 41.58
CA GLY A 454 23.06 18.43 42.68
C GLY A 454 22.75 19.03 44.06
N TYR A 455 22.84 20.35 44.16
CA TYR A 455 22.42 21.02 45.41
C TYR A 455 20.94 20.74 45.75
N TRP A 456 20.08 20.81 44.74
CA TRP A 456 18.66 20.49 44.91
C TRP A 456 18.43 19.06 45.40
N TYR A 457 19.15 18.11 44.78
CA TYR A 457 18.99 16.72 45.17
C TYR A 457 19.46 16.48 46.63
N SER A 458 20.57 17.12 47.01
CA SER A 458 21.10 17.10 48.36
C SER A 458 20.02 17.51 49.38
N ASN A 459 19.26 18.55 49.05
CA ASN A 459 18.13 18.97 49.88
C ASN A 459 17.02 17.93 49.91
N VAL A 460 16.71 17.34 48.75
CA VAL A 460 15.71 16.25 48.71
C VAL A 460 16.15 15.14 49.68
N VAL A 461 17.42 14.79 49.63
CA VAL A 461 17.93 13.77 50.53
C VAL A 461 17.81 14.19 52.01
N LYS A 462 18.22 15.42 52.31
CA LYS A 462 18.14 15.95 53.67
C LYS A 462 16.67 15.98 54.15
N ASN A 463 15.75 16.39 53.29
CA ASN A 463 14.34 16.41 53.67
C ASN A 463 13.66 15.05 53.59
N ASN A 464 14.40 14.03 53.12
CA ASN A 464 13.73 12.77 52.73
C ASN A 464 12.51 12.98 51.82
N GLY A 465 12.60 13.85 50.83
CA GLY A 465 11.47 14.05 49.93
C GLY A 465 11.32 15.46 49.40
N LEU A 466 10.14 15.79 48.86
CA LEU A 466 9.99 17.09 48.20
C LEU A 466 9.27 18.10 49.14
N GLU A 467 9.82 19.31 49.21
CA GLU A 467 9.22 20.35 50.09
C GLU A 467 9.07 21.64 49.32
N VAL B 25 -51.89 32.08 23.95
CA VAL B 25 -50.66 31.25 23.99
C VAL B 25 -50.96 29.82 23.57
N LYS B 26 -49.91 29.14 23.09
CA LYS B 26 -50.01 27.75 22.69
C LYS B 26 -48.81 27.05 23.28
N LYS B 27 -49.02 26.40 24.41
CA LYS B 27 -47.94 25.75 25.11
C LYS B 27 -47.99 24.28 24.72
N PHE B 28 -46.84 23.72 24.36
CA PHE B 28 -46.75 22.32 23.98
C PHE B 28 -46.65 21.40 25.21
N PRO B 29 -46.80 20.08 25.00
CA PRO B 29 -46.76 19.16 26.13
C PRO B 29 -45.42 19.18 26.83
N GLU B 30 -45.42 18.81 28.11
CA GLU B 30 -44.17 18.74 28.83
C GLU B 30 -43.28 17.75 28.10
N GLY B 31 -42.00 18.09 27.99
CA GLY B 31 -41.02 17.20 27.37
C GLY B 31 -41.07 17.20 25.85
N PHE B 32 -41.95 18.01 25.27
CA PHE B 32 -41.97 18.17 23.81
C PHE B 32 -40.55 18.55 23.34
N LEU B 33 -40.08 17.96 22.23
CA LEU B 33 -38.68 18.14 21.81
C LEU B 33 -38.54 19.11 20.64
N TRP B 34 -37.74 20.15 20.86
CA TRP B 34 -37.49 21.19 19.86
C TRP B 34 -36.11 21.01 19.26
N GLY B 35 -36.05 20.90 17.93
CA GLY B 35 -34.78 20.60 17.28
C GLY B 35 -34.52 21.40 16.03
N VAL B 36 -33.32 21.21 15.50
CA VAL B 36 -32.98 21.69 14.18
C VAL B 36 -32.34 20.52 13.44
N ALA B 37 -32.36 20.58 12.11
CA ALA B 37 -31.92 19.46 11.28
C ALA B 37 -30.91 19.93 10.24
N THR B 38 -30.01 19.01 9.90
CA THR B 38 -29.12 19.15 8.76
C THR B 38 -28.91 17.77 8.11
N ALA B 39 -28.13 17.74 7.02
CA ALA B 39 -27.69 16.51 6.36
C ALA B 39 -26.21 16.63 5.99
N SER B 40 -25.49 15.52 6.02
CA SER B 40 -24.06 15.52 5.88
C SER B 40 -23.52 16.20 4.62
N TYR B 41 -23.98 15.77 3.45
CA TYR B 41 -23.42 16.30 2.18
C TYR B 41 -23.75 17.79 2.07
N GLN B 42 -24.87 18.20 2.64
CA GLN B 42 -25.30 19.57 2.49
C GLN B 42 -24.48 20.57 3.32
N ILE B 43 -23.83 20.10 4.37
CA ILE B 43 -23.10 21.04 5.27
C ILE B 43 -21.60 20.77 5.44
N GLU B 44 -21.14 19.54 5.21
CA GLU B 44 -19.80 19.15 5.72
C GLU B 44 -18.65 19.71 4.92
N GLY B 45 -18.76 19.58 3.60
CA GLY B 45 -17.62 19.79 2.71
C GLY B 45 -16.59 18.71 2.99
N SER B 46 -15.41 18.84 2.38
CA SER B 46 -14.31 17.90 2.58
C SER B 46 -14.78 16.47 2.37
N PRO B 47 -15.48 16.21 1.25
CA PRO B 47 -16.08 14.89 1.03
C PRO B 47 -15.05 13.77 0.88
N LEU B 48 -13.81 14.10 0.55
CA LEU B 48 -12.79 13.06 0.37
C LEU B 48 -11.69 13.09 1.42
N ALA B 49 -11.93 13.83 2.49
CA ALA B 49 -10.97 13.95 3.58
C ALA B 49 -10.80 12.61 4.33
N ASP B 50 -9.57 12.37 4.80
CA ASP B 50 -9.34 11.33 5.81
C ASP B 50 -9.86 9.95 5.38
N GLY B 51 -9.63 9.55 4.13
CA GLY B 51 -9.92 8.19 3.70
C GLY B 51 -11.35 7.91 3.22
N ALA B 52 -12.21 8.93 3.26
CA ALA B 52 -13.60 8.79 2.77
C ALA B 52 -13.69 8.36 1.30
N GLY B 53 -14.69 7.53 0.97
CA GLY B 53 -14.95 7.19 -0.42
C GLY B 53 -15.84 8.26 -1.06
N MET B 54 -15.84 8.35 -2.39
CA MET B 54 -16.78 9.24 -3.08
C MET B 54 -18.21 8.84 -2.80
N SER B 55 -19.12 9.82 -2.74
CA SER B 55 -20.55 9.47 -2.72
C SER B 55 -21.12 9.72 -4.11
N ILE B 56 -22.36 9.31 -4.31
CA ILE B 56 -23.04 9.62 -5.56
C ILE B 56 -23.36 11.10 -5.68
N TRP B 57 -23.40 11.82 -4.56
CA TRP B 57 -23.61 13.27 -4.70
C TRP B 57 -22.37 14.04 -5.11
N HIS B 58 -21.20 13.53 -4.73
CA HIS B 58 -19.93 14.05 -5.24
C HIS B 58 -19.89 13.90 -6.76
N THR B 59 -20.18 12.70 -7.26
CA THR B 59 -20.04 12.42 -8.72
C THR B 59 -21.15 13.10 -9.51
N PHE B 60 -22.37 13.10 -8.97
CA PHE B 60 -23.48 13.79 -9.61
C PHE B 60 -23.23 15.29 -9.67
N SER B 61 -22.80 15.90 -8.56
CA SER B 61 -22.60 17.36 -8.60
C SER B 61 -21.37 17.80 -9.42
N HIS B 62 -20.39 16.91 -9.56
CA HIS B 62 -19.23 17.21 -10.42
C HIS B 62 -19.51 16.90 -11.88
N THR B 63 -20.76 16.53 -12.21
CA THR B 63 -21.15 16.34 -13.61
C THR B 63 -21.81 17.65 -14.12
N PRO B 64 -21.27 18.23 -15.20
CA PRO B 64 -21.89 19.48 -15.70
C PRO B 64 -23.36 19.37 -16.03
N GLY B 65 -24.11 20.39 -15.63
CA GLY B 65 -25.51 20.43 -15.95
C GLY B 65 -26.45 19.96 -14.86
N ASN B 66 -25.93 19.24 -13.87
CA ASN B 66 -26.81 18.66 -12.84
C ASN B 66 -27.26 19.55 -11.69
N VAL B 67 -26.44 20.54 -11.35
CA VAL B 67 -26.67 21.39 -10.16
C VAL B 67 -26.53 22.85 -10.62
N LYS B 68 -27.44 23.72 -10.18
CA LYS B 68 -27.36 25.13 -10.56
C LYS B 68 -26.00 25.75 -10.28
N ASN B 69 -25.52 26.53 -11.24
CA ASN B 69 -24.27 27.25 -11.12
C ASN B 69 -23.06 26.35 -10.96
N GLY B 70 -23.23 25.06 -11.17
CA GLY B 70 -22.09 24.14 -11.03
C GLY B 70 -21.62 23.99 -9.59
N ASP B 71 -22.51 24.30 -8.66
CA ASP B 71 -22.21 24.12 -7.24
C ASP B 71 -22.02 22.64 -6.90
N THR B 72 -21.19 22.38 -5.90
CA THR B 72 -20.91 21.03 -5.36
C THR B 72 -20.86 21.13 -3.86
N GLY B 73 -20.79 19.96 -3.21
CA GLY B 73 -20.55 19.91 -1.79
C GLY B 73 -19.09 19.86 -1.38
N ASP B 74 -18.16 20.28 -2.25
CA ASP B 74 -16.71 20.25 -1.87
C ASP B 74 -16.39 21.01 -0.57
N VAL B 75 -17.04 22.14 -0.35
CA VAL B 75 -16.77 22.95 0.82
C VAL B 75 -18.05 23.14 1.66
N ALA B 76 -19.14 23.53 1.01
CA ALA B 76 -20.41 23.70 1.71
C ALA B 76 -20.24 24.67 2.87
N CYS B 77 -20.68 24.27 4.07
CA CYS B 77 -20.55 25.12 5.27
C CYS B 77 -19.25 24.82 6.03
N ASP B 78 -18.40 23.98 5.44
CA ASP B 78 -17.16 23.59 6.09
C ASP B 78 -17.40 23.05 7.50
N HIS B 79 -18.56 22.41 7.72
CA HIS B 79 -18.88 21.81 9.02
C HIS B 79 -17.89 20.71 9.40
N TYR B 80 -17.24 20.12 8.41
CA TYR B 80 -16.30 19.06 8.72
C TYR B 80 -15.21 19.62 9.66
N ASN B 81 -14.92 20.91 9.50
CA ASN B 81 -13.96 21.61 10.35
C ASN B 81 -14.61 22.50 11.40
N ARG B 82 -15.82 22.99 11.15
CA ARG B 82 -16.49 23.97 12.02
C ARG B 82 -17.59 23.42 12.92
N TRP B 83 -17.65 22.08 13.05
CA TRP B 83 -18.70 21.42 13.83
C TRP B 83 -18.89 21.95 15.27
N LYS B 84 -17.79 22.18 15.97
CA LYS B 84 -17.87 22.59 17.36
C LYS B 84 -18.59 23.94 17.46
N GLU B 85 -18.26 24.85 16.55
CA GLU B 85 -18.90 26.17 16.56
C GLU B 85 -20.38 26.03 16.25
N ASP B 86 -20.70 25.18 15.28
CA ASP B 86 -22.09 24.94 14.93
C ASP B 86 -22.88 24.39 16.10
N ILE B 87 -22.31 23.43 16.81
CA ILE B 87 -22.97 22.88 17.99
C ILE B 87 -23.09 23.95 19.09
N GLU B 88 -22.05 24.77 19.22
CA GLU B 88 -22.12 25.88 20.19
C GLU B 88 -23.27 26.87 19.89
N ILE B 89 -23.65 26.97 18.61
CA ILE B 89 -24.80 27.84 18.30
C ILE B 89 -26.10 27.17 18.75
N ILE B 90 -26.23 25.89 18.42
CA ILE B 90 -27.38 25.14 18.90
C ILE B 90 -27.51 25.33 20.44
N GLU B 91 -26.40 25.19 21.17
CA GLU B 91 -26.42 25.33 22.63
C GLU B 91 -26.83 26.75 23.03
N LYS B 92 -26.23 27.72 22.36
CA LYS B 92 -26.47 29.11 22.72
C LYS B 92 -27.96 29.46 22.49
N LEU B 93 -28.59 28.84 21.51
CA LEU B 93 -30.01 29.11 21.23
C LEU B 93 -30.96 28.32 22.13
N GLY B 94 -30.41 27.42 22.93
CA GLY B 94 -31.22 26.59 23.83
C GLY B 94 -31.98 25.47 23.12
N VAL B 95 -31.61 25.18 21.88
CA VAL B 95 -32.32 24.16 21.10
C VAL B 95 -31.96 22.78 21.69
N LYS B 96 -32.96 21.92 21.85
CA LYS B 96 -32.78 20.71 22.65
C LYS B 96 -32.34 19.47 21.90
N ALA B 97 -32.61 19.43 20.60
CA ALA B 97 -32.33 18.25 19.78
C ALA B 97 -31.60 18.64 18.47
N TYR B 98 -30.71 17.78 18.00
CA TYR B 98 -30.00 18.01 16.75
C TYR B 98 -30.17 16.75 15.86
N ARG B 99 -30.94 16.91 14.78
CA ARG B 99 -31.03 15.84 13.75
C ARG B 99 -29.92 16.07 12.70
N PHE B 100 -29.00 15.12 12.58
CA PHE B 100 -27.97 15.21 11.55
C PHE B 100 -27.84 13.85 10.87
N SER B 101 -27.16 13.79 9.72
CA SER B 101 -26.98 12.51 9.08
C SER B 101 -25.51 12.13 9.05
N ILE B 102 -25.26 10.83 8.84
CA ILE B 102 -23.94 10.30 8.76
C ILE B 102 -23.59 9.97 7.32
N SER B 103 -22.41 10.39 6.87
CA SER B 103 -21.96 10.05 5.52
C SER B 103 -21.47 8.61 5.43
N TRP B 104 -22.24 7.76 4.74
CA TRP B 104 -21.92 6.33 4.58
C TRP B 104 -20.48 6.16 4.07
N PRO B 105 -20.08 6.87 2.99
CA PRO B 105 -18.71 6.61 2.50
C PRO B 105 -17.59 7.15 3.38
N ARG B 106 -17.91 7.96 4.39
CA ARG B 106 -16.91 8.27 5.39
C ARG B 106 -16.73 7.07 6.33
N ILE B 107 -17.78 6.28 6.53
CA ILE B 107 -17.69 5.15 7.45
C ILE B 107 -17.15 3.92 6.73
N LEU B 108 -17.74 3.62 5.57
CA LEU B 108 -17.28 2.51 4.72
C LEU B 108 -17.00 3.03 3.32
N PRO B 109 -15.75 3.40 3.07
CA PRO B 109 -15.36 4.02 1.80
C PRO B 109 -15.78 3.18 0.59
N GLU B 110 -15.77 1.86 0.72
CA GLU B 110 -16.19 0.99 -0.40
C GLU B 110 -17.65 0.53 -0.24
N GLY B 111 -18.40 1.12 0.69
CA GLY B 111 -19.79 0.72 0.96
C GLY B 111 -19.93 -0.48 1.89
N THR B 112 -19.12 -1.49 1.65
CA THR B 112 -19.00 -2.62 2.59
C THR B 112 -17.54 -2.84 2.93
N GLY B 113 -17.28 -3.77 3.85
CA GLY B 113 -15.90 -4.12 4.19
C GLY B 113 -15.24 -3.21 5.22
N ARG B 114 -14.04 -2.75 4.90
CA ARG B 114 -13.19 -2.10 5.89
C ARG B 114 -13.80 -0.80 6.46
N VAL B 115 -13.85 -0.69 7.78
CA VAL B 115 -14.38 0.51 8.42
C VAL B 115 -13.30 1.60 8.48
N ASN B 116 -13.67 2.85 8.19
CA ASN B 116 -12.72 3.98 8.21
C ASN B 116 -12.65 4.60 9.61
N GLN B 117 -11.57 4.36 10.34
CA GLN B 117 -11.52 4.83 11.73
C GLN B 117 -11.76 6.35 11.83
N LYS B 118 -11.20 7.11 10.89
CA LYS B 118 -11.32 8.57 10.93
C LYS B 118 -12.76 9.08 10.70
N GLY B 119 -13.60 8.30 10.03
CA GLY B 119 -15.01 8.69 9.94
C GLY B 119 -15.76 8.48 11.25
N LEU B 120 -15.47 7.37 11.92
CA LEU B 120 -15.96 7.14 13.24
C LEU B 120 -15.49 8.27 14.16
N ASP B 121 -14.20 8.62 14.07
CA ASP B 121 -13.69 9.68 14.95
C ASP B 121 -14.54 10.96 14.78
N PHE B 122 -14.73 11.35 13.52
CA PHE B 122 -15.49 12.57 13.19
C PHE B 122 -16.85 12.56 13.85
N TYR B 123 -17.62 11.49 13.66
CA TYR B 123 -18.95 11.53 14.23
C TYR B 123 -18.92 11.34 15.76
N ASN B 124 -17.90 10.64 16.28
CA ASN B 124 -17.85 10.47 17.76
C ASN B 124 -17.71 11.80 18.49
N ARG B 125 -16.95 12.73 17.92
CA ARG B 125 -16.72 14.00 18.59
C ARG B 125 -17.96 14.82 18.60
N ILE B 126 -18.71 14.77 17.48
CA ILE B 126 -19.97 15.48 17.41
C ILE B 126 -20.91 14.96 18.47
N ILE B 127 -21.04 13.65 18.51
CA ILE B 127 -21.95 13.01 19.46
C ILE B 127 -21.51 13.32 20.93
N ASP B 128 -20.23 13.08 21.23
CA ASP B 128 -19.73 13.37 22.59
C ASP B 128 -20.01 14.84 22.95
N THR B 129 -19.76 15.76 22.03
CA THR B 129 -19.96 17.19 22.28
C THR B 129 -21.43 17.57 22.47
N LEU B 130 -22.33 16.98 21.68
CA LEU B 130 -23.77 17.21 21.88
C LEU B 130 -24.22 16.77 23.27
N LEU B 131 -23.80 15.58 23.67
CA LEU B 131 -24.27 15.02 24.96
C LEU B 131 -23.73 15.84 26.13
N GLU B 132 -22.45 16.21 26.10
CA GLU B 132 -21.95 17.01 27.24
C GLU B 132 -22.63 18.38 27.33
N LYS B 133 -23.29 18.83 26.25
CA LYS B 133 -24.00 20.13 26.27
C LYS B 133 -25.50 20.00 26.41
N GLY B 134 -25.99 18.78 26.64
CA GLY B 134 -27.42 18.58 26.88
C GLY B 134 -28.30 18.57 25.64
N ILE B 135 -27.71 18.30 24.48
CA ILE B 135 -28.49 18.28 23.25
C ILE B 135 -28.67 16.83 22.81
N THR B 136 -29.91 16.47 22.48
CA THR B 136 -30.25 15.08 22.14
C THR B 136 -29.98 14.79 20.66
N PRO B 137 -29.10 13.83 20.36
CA PRO B 137 -28.86 13.55 18.97
C PRO B 137 -29.96 12.68 18.33
N PHE B 138 -30.29 12.98 17.09
CA PHE B 138 -31.22 12.15 16.29
C PHE B 138 -30.46 11.90 15.01
N VAL B 139 -30.08 10.64 14.79
CA VAL B 139 -29.22 10.34 13.64
C VAL B 139 -29.97 9.74 12.47
N THR B 140 -29.83 10.39 11.31
CA THR B 140 -30.34 9.89 10.05
C THR B 140 -29.23 9.03 9.47
N ILE B 141 -29.48 7.73 9.36
CA ILE B 141 -28.45 6.82 8.82
C ILE B 141 -28.17 7.11 7.33
N TYR B 142 -29.23 7.39 6.57
CA TYR B 142 -29.10 7.64 5.15
C TYR B 142 -29.86 8.88 4.71
N HIS B 143 -29.11 9.93 4.35
CA HIS B 143 -29.71 11.14 3.79
C HIS B 143 -29.07 11.42 2.41
N TRP B 144 -29.05 10.38 1.58
CA TRP B 144 -28.86 10.51 0.12
C TRP B 144 -27.44 10.28 -0.42
N ASP B 145 -26.43 10.34 0.44
CA ASP B 145 -25.03 10.25 -0.03
C ASP B 145 -24.50 8.80 -0.06
N LEU B 146 -25.04 8.01 -0.99
CA LEU B 146 -24.72 6.60 -1.15
C LEU B 146 -23.27 6.50 -1.61
N PRO B 147 -22.50 5.56 -1.03
CA PRO B 147 -21.15 5.35 -1.55
C PRO B 147 -21.16 5.07 -3.07
N PHE B 148 -20.28 5.75 -3.80
CA PHE B 148 -20.20 5.59 -5.24
C PHE B 148 -19.87 4.14 -5.56
N ALA B 149 -19.11 3.48 -4.69
CA ALA B 149 -18.68 2.10 -5.01
C ALA B 149 -19.91 1.20 -5.16
N LEU B 150 -20.96 1.53 -4.41
CA LEU B 150 -22.20 0.74 -4.43
C LEU B 150 -23.08 1.07 -5.64
N GLN B 151 -23.06 2.33 -6.05
CA GLN B 151 -23.78 2.72 -7.28
C GLN B 151 -23.24 1.98 -8.51
N LEU B 152 -21.93 1.74 -8.58
CA LEU B 152 -21.33 0.98 -9.67
C LEU B 152 -21.83 -0.46 -9.71
N LYS B 153 -22.39 -0.92 -8.58
CA LYS B 153 -22.99 -2.24 -8.51
C LYS B 153 -24.52 -2.13 -8.51
N GLY B 154 -25.05 -1.00 -8.95
CA GLY B 154 -26.50 -0.88 -9.14
C GLY B 154 -27.20 -0.02 -8.09
N GLY B 155 -26.51 0.24 -6.99
CA GLY B 155 -27.13 1.05 -5.92
C GLY B 155 -28.48 0.51 -5.48
N TRP B 156 -29.45 1.40 -5.33
CA TRP B 156 -30.76 1.06 -4.80
C TRP B 156 -31.55 0.12 -5.73
N ALA B 157 -31.05 -0.03 -6.96
CA ALA B 157 -31.65 -0.93 -7.93
C ALA B 157 -31.36 -2.39 -7.62
N ASN B 158 -30.31 -2.63 -6.82
CA ASN B 158 -29.78 -3.97 -6.61
C ASN B 158 -30.31 -4.51 -5.28
N ARG B 159 -31.02 -5.64 -5.32
CA ARG B 159 -31.59 -6.23 -4.10
C ARG B 159 -30.56 -6.43 -2.97
N GLU B 160 -29.28 -6.59 -3.34
CA GLU B 160 -28.26 -6.85 -2.32
C GLU B 160 -28.06 -5.64 -1.40
N ILE B 161 -28.65 -4.51 -1.77
CA ILE B 161 -28.46 -3.32 -0.94
C ILE B 161 -29.12 -3.48 0.43
N ALA B 162 -30.14 -4.32 0.54
CA ALA B 162 -30.68 -4.57 1.86
C ALA B 162 -29.58 -5.12 2.80
N ASP B 163 -28.72 -6.00 2.29
CA ASP B 163 -27.59 -6.49 3.07
C ASP B 163 -26.56 -5.38 3.31
N TRP B 164 -26.29 -4.59 2.28
CA TRP B 164 -25.17 -3.63 2.39
C TRP B 164 -25.57 -2.63 3.46
N PHE B 165 -26.85 -2.26 3.40
CA PHE B 165 -27.39 -1.24 4.30
C PHE B 165 -27.46 -1.77 5.74
N ALA B 166 -27.81 -3.05 5.88
CA ALA B 166 -27.85 -3.70 7.20
C ALA B 166 -26.46 -3.72 7.80
N GLU B 167 -25.45 -4.07 7.01
CA GLU B 167 -24.06 -4.09 7.45
CA GLU B 167 -24.12 -4.10 7.56
C GLU B 167 -23.62 -2.69 7.92
N TYR B 168 -24.03 -1.68 7.14
CA TYR B 168 -23.61 -0.32 7.46
C TYR B 168 -24.26 0.10 8.76
N SER B 169 -25.57 -0.20 8.89
CA SER B 169 -26.32 0.18 10.05
C SER B 169 -25.73 -0.46 11.31
N ARG B 170 -25.30 -1.70 11.18
CA ARG B 170 -24.69 -2.41 12.31
C ARG B 170 -23.42 -1.69 12.77
N VAL B 171 -22.55 -1.32 11.84
CA VAL B 171 -21.35 -0.53 12.18
C VAL B 171 -21.76 0.70 12.99
N LEU B 172 -22.79 1.41 12.55
CA LEU B 172 -23.19 2.62 13.27
C LEU B 172 -23.77 2.32 14.66
N PHE B 173 -24.66 1.32 14.74
CA PHE B 173 -25.28 0.99 16.03
C PHE B 173 -24.24 0.50 17.04
N GLU B 174 -23.32 -0.36 16.60
CA GLU B 174 -22.26 -0.86 17.50
CA GLU B 174 -22.22 -0.86 17.45
C GLU B 174 -21.29 0.25 17.94
N ASN B 175 -21.03 1.24 17.08
CA ASN B 175 -20.09 2.30 17.48
C ASN B 175 -20.73 3.48 18.21
N PHE B 176 -21.99 3.77 17.94
CA PHE B 176 -22.58 5.02 18.39
C PHE B 176 -23.78 4.81 19.25
N GLY B 177 -24.33 3.59 19.21
CA GLY B 177 -25.57 3.28 19.94
C GLY B 177 -25.45 3.28 21.45
N ASP B 178 -24.22 3.29 21.97
CA ASP B 178 -24.03 3.49 23.42
C ASP B 178 -24.45 4.92 23.84
N ARG B 179 -24.39 5.87 22.90
CA ARG B 179 -24.68 7.28 23.21
C ARG B 179 -25.89 7.81 22.48
N VAL B 180 -26.05 7.45 21.20
CA VAL B 180 -27.24 7.88 20.40
C VAL B 180 -28.39 6.87 20.57
N LYS B 181 -29.56 7.35 20.98
CA LYS B 181 -30.73 6.51 21.23
C LYS B 181 -31.92 6.79 20.32
N ASN B 182 -31.77 7.75 19.41
CA ASN B 182 -32.85 8.15 18.54
C ASN B 182 -32.30 8.09 17.08
N TRP B 183 -32.88 7.18 16.30
CA TRP B 183 -32.38 6.84 14.97
C TRP B 183 -33.47 6.87 13.86
N ILE B 184 -33.05 7.24 12.64
CA ILE B 184 -33.92 7.26 11.46
C ILE B 184 -33.14 6.48 10.40
N THR B 185 -33.80 5.49 9.80
CA THR B 185 -33.11 4.69 8.78
C THR B 185 -32.91 5.54 7.52
N LEU B 186 -34.01 6.06 6.99
CA LEU B 186 -33.93 6.72 5.67
C LEU B 186 -34.61 8.06 5.69
N ASN B 187 -33.97 9.06 5.12
CA ASN B 187 -34.65 10.30 4.83
C ASN B 187 -35.33 10.24 3.46
N GLU B 188 -36.65 10.39 3.46
CA GLU B 188 -37.45 10.55 2.23
C GLU B 188 -37.15 9.50 1.15
N PRO B 189 -37.45 8.22 1.44
CA PRO B 189 -37.21 7.23 0.41
C PRO B 189 -37.96 7.52 -0.91
N TRP B 190 -39.10 8.21 -0.87
CA TRP B 190 -39.77 8.59 -2.13
C TRP B 190 -38.88 9.45 -3.03
N VAL B 191 -38.17 10.39 -2.41
CA VAL B 191 -37.27 11.26 -3.16
C VAL B 191 -36.08 10.46 -3.67
N VAL B 192 -35.47 9.65 -2.79
CA VAL B 192 -34.36 8.81 -3.19
C VAL B 192 -34.74 8.01 -4.44
N ALA B 193 -35.93 7.39 -4.40
CA ALA B 193 -36.36 6.50 -5.48
C ALA B 193 -36.79 7.27 -6.73
N ILE B 194 -37.78 8.15 -6.57
CA ILE B 194 -38.44 8.78 -7.71
C ILE B 194 -37.65 9.97 -8.25
N VAL B 195 -37.15 10.85 -7.38
CA VAL B 195 -36.39 12.01 -7.91
C VAL B 195 -35.00 11.56 -8.37
N GLY B 196 -34.44 10.54 -7.72
CA GLY B 196 -33.09 10.09 -8.12
C GLY B 196 -33.09 9.13 -9.31
N HIS B 197 -34.18 8.39 -9.49
CA HIS B 197 -34.21 7.32 -10.51
C HIS B 197 -35.30 7.37 -11.57
N LEU B 198 -36.33 8.24 -11.38
CA LEU B 198 -37.35 8.46 -12.41
C LEU B 198 -37.21 9.84 -13.06
N TYR B 199 -37.12 10.89 -12.25
CA TYR B 199 -36.95 12.24 -12.81
CA TYR B 199 -36.95 12.22 -12.81
C TYR B 199 -35.49 12.52 -13.13
N GLY B 200 -34.56 11.77 -12.51
CA GLY B 200 -33.14 11.99 -12.76
C GLY B 200 -32.60 13.34 -12.30
N VAL B 201 -33.37 14.04 -11.47
CA VAL B 201 -33.02 15.37 -10.98
C VAL B 201 -32.05 15.33 -9.75
N HIS B 202 -32.06 14.21 -8.99
CA HIS B 202 -31.09 13.96 -7.90
C HIS B 202 -30.19 12.78 -8.26
N ALA B 203 -29.06 12.67 -7.59
CA ALA B 203 -28.17 11.51 -7.75
C ALA B 203 -29.01 10.23 -7.52
N PRO B 204 -28.79 9.16 -8.32
CA PRO B 204 -27.70 9.02 -9.31
C PRO B 204 -28.06 9.49 -10.70
N GLY B 205 -29.17 10.21 -10.81
CA GLY B 205 -29.49 10.91 -12.06
C GLY B 205 -30.08 10.03 -13.15
N MET B 206 -30.92 9.06 -12.77
CA MET B 206 -31.50 8.11 -13.70
CA MET B 206 -31.50 8.12 -13.74
C MET B 206 -32.97 8.42 -14.02
N ARG B 207 -33.44 7.95 -15.19
CA ARG B 207 -34.86 8.07 -15.59
C ARG B 207 -35.32 6.73 -16.16
N ASP B 208 -35.76 5.85 -15.26
CA ASP B 208 -36.18 4.53 -15.64
C ASP B 208 -37.20 4.10 -14.60
N ILE B 209 -38.45 3.97 -15.02
CA ILE B 209 -39.51 3.80 -14.07
C ILE B 209 -39.46 2.40 -13.43
N TYR B 210 -38.85 1.44 -14.12
CA TYR B 210 -38.73 0.10 -13.54
C TYR B 210 -37.64 0.10 -12.48
N VAL B 211 -36.54 0.80 -12.77
CA VAL B 211 -35.52 0.95 -11.75
C VAL B 211 -36.09 1.70 -10.53
N ALA B 212 -36.86 2.76 -10.79
CA ALA B 212 -37.36 3.58 -9.72
C ALA B 212 -38.23 2.80 -8.71
N PHE B 213 -39.12 1.94 -9.21
CA PHE B 213 -39.99 1.17 -8.28
C PHE B 213 -39.25 0.02 -7.63
N ARG B 214 -38.20 -0.47 -8.28
CA ARG B 214 -37.32 -1.41 -7.57
C ARG B 214 -36.58 -0.73 -6.42
N ALA B 215 -36.21 0.55 -6.62
CA ALA B 215 -35.62 1.33 -5.54
C ALA B 215 -36.62 1.54 -4.42
N VAL B 216 -37.87 1.88 -4.74
CA VAL B 216 -38.87 2.01 -3.65
C VAL B 216 -38.85 0.74 -2.80
N HIS B 217 -38.88 -0.39 -3.48
CA HIS B 217 -39.00 -1.69 -2.81
C HIS B 217 -37.72 -2.05 -1.99
N ASN B 218 -36.56 -1.87 -2.61
CA ASN B 218 -35.29 -2.10 -1.93
C ASN B 218 -35.07 -1.17 -0.73
N LEU B 219 -35.56 0.08 -0.82
CA LEU B 219 -35.50 1.03 0.27
C LEU B 219 -36.30 0.46 1.44
N LEU B 220 -37.53 0.02 1.21
CA LEU B 220 -38.31 -0.63 2.31
C LEU B 220 -37.58 -1.84 2.89
N ARG B 221 -37.10 -2.72 2.00
CA ARG B 221 -36.36 -3.88 2.45
C ARG B 221 -35.13 -3.55 3.32
N ALA B 222 -34.36 -2.56 2.91
CA ALA B 222 -33.15 -2.15 3.64
C ALA B 222 -33.56 -1.52 4.96
N HIS B 223 -34.57 -0.66 4.93
CA HIS B 223 -35.08 -0.08 6.17
C HIS B 223 -35.43 -1.15 7.22
N ALA B 224 -36.17 -2.18 6.78
CA ALA B 224 -36.66 -3.19 7.72
C ALA B 224 -35.49 -4.02 8.24
N ARG B 225 -34.53 -4.31 7.39
CA ARG B 225 -33.40 -5.10 7.80
CA ARG B 225 -33.34 -5.08 7.80
C ARG B 225 -32.55 -4.30 8.83
N ALA B 226 -32.37 -2.99 8.59
CA ALA B 226 -31.68 -2.13 9.60
C ALA B 226 -32.42 -2.14 10.94
N VAL B 227 -33.74 -2.09 10.92
CA VAL B 227 -34.50 -2.08 12.18
C VAL B 227 -34.31 -3.41 12.91
N LYS B 228 -34.38 -4.50 12.16
CA LYS B 228 -34.09 -5.81 12.73
C LYS B 228 -32.71 -5.86 13.41
N VAL B 229 -31.68 -5.33 12.73
CA VAL B 229 -30.35 -5.21 13.35
C VAL B 229 -30.34 -4.29 14.59
N PHE B 230 -31.10 -3.20 14.52
CA PHE B 230 -31.27 -2.31 15.66
C PHE B 230 -31.73 -3.07 16.91
N ARG B 231 -32.68 -3.98 16.76
CA ARG B 231 -33.26 -4.68 17.92
C ARG B 231 -32.25 -5.60 18.62
N GLU B 232 -31.26 -6.05 17.86
CA GLU B 232 -30.21 -6.87 18.42
C GLU B 232 -29.17 -6.05 19.18
N THR B 233 -29.07 -4.76 18.87
CA THR B 233 -27.87 -4.01 19.25
C THR B 233 -28.14 -2.85 20.22
N VAL B 234 -29.17 -2.08 19.96
CA VAL B 234 -29.52 -0.93 20.77
C VAL B 234 -30.83 -1.18 21.51
N LYS B 235 -30.73 -1.83 22.67
CA LYS B 235 -31.92 -2.33 23.36
C LYS B 235 -32.85 -1.23 23.92
N ASP B 236 -32.27 -0.07 24.26
CA ASP B 236 -33.05 0.99 24.88
C ASP B 236 -33.31 2.15 23.91
N GLY B 237 -33.08 1.94 22.62
CA GLY B 237 -33.17 3.02 21.65
C GLY B 237 -34.52 3.02 20.94
N LYS B 238 -34.75 4.06 20.14
CA LYS B 238 -35.96 4.20 19.34
C LYS B 238 -35.54 4.45 17.90
N ILE B 239 -36.22 3.78 16.96
CA ILE B 239 -35.85 3.88 15.55
C ILE B 239 -37.09 4.16 14.71
N GLY B 240 -36.94 5.05 13.74
CA GLY B 240 -38.02 5.36 12.84
C GLY B 240 -37.55 5.60 11.42
N ILE B 241 -38.42 6.28 10.68
CA ILE B 241 -38.21 6.55 9.25
C ILE B 241 -38.90 7.85 8.88
N VAL B 242 -38.35 8.55 7.91
CA VAL B 242 -38.81 9.87 7.58
C VAL B 242 -39.37 9.96 6.14
N PHE B 243 -40.50 10.64 6.01
CA PHE B 243 -41.22 10.73 4.74
C PHE B 243 -41.49 12.17 4.35
N ASN B 244 -41.31 12.49 3.06
CA ASN B 244 -41.80 13.76 2.54
C ASN B 244 -43.30 13.69 2.38
N ASN B 245 -43.94 14.86 2.47
CA ASN B 245 -45.39 14.94 2.40
C ASN B 245 -45.76 16.30 1.91
N GLY B 246 -46.78 16.36 1.06
CA GLY B 246 -47.37 17.62 0.65
C GLY B 246 -48.87 17.56 0.90
N TYR B 247 -49.51 18.72 1.03
CA TYR B 247 -50.95 18.74 1.32
C TYR B 247 -51.68 18.93 0.01
N PHE B 248 -52.27 17.84 -0.51
CA PHE B 248 -52.90 17.92 -1.84
C PHE B 248 -54.37 18.22 -1.72
N GLU B 249 -54.82 19.20 -2.49
CA GLU B 249 -56.24 19.55 -2.49
C GLU B 249 -56.72 19.48 -3.92
N PRO B 250 -58.01 19.19 -4.11
CA PRO B 250 -58.60 19.04 -5.45
C PRO B 250 -58.93 20.38 -6.16
N ALA B 251 -58.59 20.46 -7.44
CA ALA B 251 -58.82 21.67 -8.24
C ALA B 251 -60.31 21.97 -8.42
N SER B 252 -61.16 20.94 -8.34
CA SER B 252 -62.61 21.11 -8.41
C SER B 252 -63.18 19.88 -7.72
N GLU B 253 -64.50 19.80 -7.56
CA GLU B 253 -65.05 18.58 -6.93
C GLU B 253 -65.50 17.51 -7.94
N LYS B 254 -65.07 17.64 -9.19
CA LYS B 254 -65.24 16.56 -10.15
C LYS B 254 -64.57 15.32 -9.55
N GLU B 255 -65.14 14.14 -9.82
CA GLU B 255 -64.66 12.90 -9.19
C GLU B 255 -63.22 12.54 -9.62
N GLU B 256 -62.85 12.87 -10.85
CA GLU B 256 -61.49 12.53 -11.29
C GLU B 256 -60.41 13.42 -10.62
N ASP B 257 -60.84 14.58 -10.12
CA ASP B 257 -59.95 15.48 -9.42
C ASP B 257 -59.76 15.00 -7.97
N ILE B 258 -60.85 14.56 -7.35
CA ILE B 258 -60.76 14.04 -6.00
C ILE B 258 -59.93 12.72 -5.97
N ARG B 259 -60.05 11.93 -7.04
CA ARG B 259 -59.29 10.70 -7.15
C ARG B 259 -57.82 11.04 -7.41
N ALA B 260 -57.57 12.11 -8.16
CA ALA B 260 -56.19 12.54 -8.44
C ALA B 260 -55.48 12.87 -7.10
N VAL B 261 -56.19 13.57 -6.21
CA VAL B 261 -55.72 13.81 -4.83
C VAL B 261 -55.41 12.50 -4.09
N ARG B 262 -56.34 11.56 -4.15
CA ARG B 262 -56.11 10.28 -3.51
C ARG B 262 -54.84 9.64 -4.04
N PHE B 263 -54.67 9.66 -5.35
CA PHE B 263 -53.47 9.05 -5.90
C PHE B 263 -52.23 9.79 -5.39
N MET B 264 -52.26 11.11 -5.47
CA MET B 264 -51.08 11.89 -5.07
C MET B 264 -50.70 11.64 -3.62
N HIS B 265 -51.70 11.67 -2.71
CA HIS B 265 -51.51 11.23 -1.35
C HIS B 265 -50.92 9.82 -1.21
N GLN B 266 -51.46 8.83 -1.91
CA GLN B 266 -50.97 7.46 -1.71
C GLN B 266 -49.55 7.28 -2.25
N PHE B 267 -49.21 8.02 -3.32
CA PHE B 267 -47.91 7.85 -4.00
C PHE B 267 -46.84 8.76 -3.39
N ASN B 268 -47.21 10.01 -3.16
CA ASN B 268 -46.22 11.02 -2.77
C ASN B 268 -45.96 11.16 -1.28
N ASN B 269 -46.92 10.74 -0.48
CA ASN B 269 -46.85 10.92 0.95
C ASN B 269 -46.57 9.60 1.65
N TYR B 270 -46.67 9.60 2.98
CA TYR B 270 -46.28 8.44 3.77
C TYR B 270 -46.95 7.09 3.38
N PRO B 271 -48.19 7.11 2.81
CA PRO B 271 -48.82 5.79 2.59
C PRO B 271 -48.00 4.82 1.72
N LEU B 272 -47.19 5.35 0.81
CA LEU B 272 -46.45 4.47 -0.11
C LEU B 272 -45.58 3.50 0.70
N PHE B 273 -45.07 3.97 1.85
CA PHE B 273 -44.24 3.16 2.72
C PHE B 273 -44.96 2.68 3.96
N LEU B 274 -45.94 3.44 4.45
CA LEU B 274 -46.62 2.98 5.66
C LEU B 274 -47.66 1.89 5.39
N ASN B 275 -48.20 1.84 4.17
CA ASN B 275 -49.11 0.76 3.86
C ASN B 275 -48.34 -0.55 3.91
N PRO B 276 -47.15 -0.60 3.28
CA PRO B 276 -46.35 -1.80 3.47
C PRO B 276 -46.00 -2.08 4.95
N ILE B 277 -45.49 -1.07 5.66
CA ILE B 277 -44.98 -1.29 7.02
C ILE B 277 -46.14 -1.72 7.95
N TYR B 278 -47.30 -1.07 7.87
CA TYR B 278 -48.39 -1.41 8.78
C TYR B 278 -49.42 -2.43 8.24
N ARG B 279 -49.62 -2.46 6.93
CA ARG B 279 -50.65 -3.34 6.36
C ARG B 279 -50.13 -4.48 5.45
N GLY B 280 -48.83 -4.49 5.15
CA GLY B 280 -48.21 -5.53 4.36
C GLY B 280 -48.44 -5.49 2.85
N ASP B 281 -48.76 -4.32 2.30
CA ASP B 281 -48.82 -4.19 0.85
C ASP B 281 -48.76 -2.73 0.47
N TYR B 282 -48.46 -2.44 -0.79
CA TYR B 282 -48.54 -1.05 -1.26
C TYR B 282 -49.99 -0.59 -1.27
N PRO B 283 -50.23 0.73 -1.24
CA PRO B 283 -51.61 1.20 -1.32
C PRO B 283 -52.25 0.86 -2.65
N GLU B 284 -53.59 0.77 -2.66
CA GLU B 284 -54.35 0.38 -3.84
C GLU B 284 -54.10 1.19 -5.11
N LEU B 285 -54.20 2.52 -5.05
CA LEU B 285 -53.92 3.34 -6.23
C LEU B 285 -52.48 3.23 -6.74
N VAL B 286 -51.53 3.04 -5.85
CA VAL B 286 -50.14 2.85 -6.27
C VAL B 286 -49.99 1.51 -7.02
N LEU B 287 -50.58 0.45 -6.47
CA LEU B 287 -50.56 -0.85 -7.12
C LEU B 287 -51.27 -0.82 -8.47
N GLU B 288 -52.37 -0.09 -8.54
CA GLU B 288 -53.04 0.06 -9.82
C GLU B 288 -52.13 0.71 -10.88
N PHE B 289 -51.37 1.72 -10.48
CA PHE B 289 -50.53 2.46 -11.44
C PHE B 289 -49.25 1.69 -11.75
N ALA B 290 -48.67 1.04 -10.75
CA ALA B 290 -47.25 0.63 -10.84
C ALA B 290 -46.97 -0.85 -10.67
N ARG B 291 -48.03 -1.64 -10.60
CA ARG B 291 -47.93 -3.11 -10.60
C ARG B 291 -46.89 -3.62 -11.59
N GLU B 292 -46.92 -3.09 -12.81
CA GLU B 292 -46.03 -3.53 -13.86
C GLU B 292 -44.55 -3.36 -13.49
N TYR B 293 -44.25 -2.30 -12.72
CA TYR B 293 -42.85 -1.90 -12.46
C TYR B 293 -42.21 -2.54 -11.21
N LEU B 294 -43.05 -3.02 -10.31
CA LEU B 294 -42.59 -3.69 -9.11
C LEU B 294 -42.15 -5.10 -9.49
N PRO B 295 -41.22 -5.69 -8.72
CA PRO B 295 -40.95 -7.11 -8.87
C PRO B 295 -42.29 -7.87 -8.77
N GLU B 296 -42.44 -8.92 -9.56
CA GLU B 296 -43.71 -9.65 -9.59
C GLU B 296 -43.96 -10.33 -8.23
N ASN B 297 -42.88 -10.81 -7.60
CA ASN B 297 -43.00 -11.45 -6.28
C ASN B 297 -42.60 -10.52 -5.13
N TYR B 298 -42.88 -9.23 -5.31
CA TYR B 298 -42.51 -8.23 -4.30
C TYR B 298 -43.21 -8.56 -2.96
N LYS B 299 -44.43 -9.09 -3.05
CA LYS B 299 -45.21 -9.34 -1.83
C LYS B 299 -44.53 -10.35 -0.88
N ASP B 300 -43.71 -11.25 -1.42
CA ASP B 300 -42.89 -12.12 -0.61
C ASP B 300 -42.02 -11.38 0.42
N ASP B 301 -41.74 -10.11 0.18
CA ASP B 301 -40.86 -9.37 1.09
C ASP B 301 -41.65 -8.62 2.17
N MET B 302 -42.96 -8.57 2.01
CA MET B 302 -43.78 -7.74 2.88
C MET B 302 -43.79 -8.19 4.34
N SER B 303 -43.74 -9.49 4.60
CA SER B 303 -43.72 -9.95 6.00
C SER B 303 -42.51 -9.30 6.72
N GLU B 304 -41.33 -9.37 6.11
CA GLU B 304 -40.12 -8.75 6.70
C GLU B 304 -40.20 -7.23 6.80
N ILE B 305 -40.86 -6.62 5.83
CA ILE B 305 -41.01 -5.16 5.81
C ILE B 305 -41.85 -4.62 6.99
N GLN B 306 -42.63 -5.48 7.60
CA GLN B 306 -43.51 -5.03 8.66
C GLN B 306 -42.83 -4.96 10.03
N GLU B 307 -41.51 -5.18 10.05
CA GLU B 307 -40.67 -5.01 11.20
C GLU B 307 -41.08 -3.76 11.97
N LYS B 308 -41.42 -3.94 13.26
CA LYS B 308 -42.08 -2.89 14.04
C LYS B 308 -41.18 -1.66 14.19
N ILE B 309 -41.73 -0.46 13.97
CA ILE B 309 -40.99 0.78 14.13
C ILE B 309 -41.49 1.58 15.35
N ASP B 310 -40.65 2.46 15.91
CA ASP B 310 -41.04 3.23 17.14
C ASP B 310 -41.73 4.57 16.87
N PHE B 311 -41.43 5.16 15.71
CA PHE B 311 -42.01 6.46 15.41
C PHE B 311 -41.97 6.70 13.94
N VAL B 312 -42.81 7.60 13.49
CA VAL B 312 -42.81 8.05 12.11
C VAL B 312 -42.31 9.49 12.11
N GLY B 313 -41.40 9.83 11.20
CA GLY B 313 -41.06 11.23 10.99
C GLY B 313 -41.72 11.71 9.71
N LEU B 314 -42.38 12.85 9.82
CA LEU B 314 -42.95 13.52 8.67
C LEU B 314 -42.25 14.84 8.37
N ASN B 315 -41.81 15.00 7.13
CA ASN B 315 -41.34 16.30 6.64
C ASN B 315 -42.49 16.95 5.95
N TYR B 316 -42.57 18.26 6.06
CA TYR B 316 -43.65 18.96 5.41
C TYR B 316 -43.22 20.39 5.09
N TYR B 317 -43.48 20.81 3.86
CA TYR B 317 -43.11 22.16 3.39
C TYR B 317 -44.22 22.93 2.67
N SER B 318 -45.08 22.22 1.93
CA SER B 318 -45.92 22.91 0.97
CA SER B 318 -45.88 22.89 0.91
C SER B 318 -47.22 22.22 0.64
N GLY B 319 -48.14 23.00 0.10
CA GLY B 319 -49.42 22.48 -0.35
C GLY B 319 -49.52 22.58 -1.87
N HIS B 320 -50.36 21.74 -2.48
CA HIS B 320 -50.48 21.68 -3.92
C HIS B 320 -51.90 21.41 -4.37
N LEU B 321 -52.35 22.20 -5.34
CA LEU B 321 -53.63 21.97 -5.98
C LEU B 321 -53.47 21.03 -7.19
N VAL B 322 -54.33 20.02 -7.23
CA VAL B 322 -54.17 18.91 -8.15
C VAL B 322 -55.41 18.69 -9.03
N LYS B 323 -55.19 18.36 -10.31
CA LYS B 323 -56.32 17.99 -11.16
C LYS B 323 -56.01 16.73 -11.95
N PHE B 324 -57.07 16.03 -12.37
CA PHE B 324 -56.93 14.98 -13.37
C PHE B 324 -56.48 15.67 -14.65
N ASP B 325 -55.48 15.11 -15.31
CA ASP B 325 -54.98 15.65 -16.55
C ASP B 325 -54.72 14.47 -17.47
N PRO B 326 -55.51 14.36 -18.55
CA PRO B 326 -55.41 13.18 -19.41
C PRO B 326 -54.09 13.13 -20.16
N ASP B 327 -53.40 14.26 -20.25
CA ASP B 327 -52.16 14.34 -21.03
C ASP B 327 -50.88 14.17 -20.24
N ALA B 328 -50.97 14.14 -18.92
CA ALA B 328 -49.76 14.09 -18.09
C ALA B 328 -49.46 12.65 -17.64
N PRO B 329 -48.18 12.36 -17.35
CA PRO B 329 -47.86 11.03 -16.78
C PRO B 329 -48.65 10.76 -15.49
N ALA B 330 -49.21 9.55 -15.39
CA ALA B 330 -50.07 9.16 -14.27
C ALA B 330 -51.34 10.00 -14.22
N LYS B 331 -51.56 10.81 -15.24
CA LYS B 331 -52.83 11.56 -15.44
C LYS B 331 -53.14 12.56 -14.32
N VAL B 332 -52.11 13.12 -13.73
CA VAL B 332 -52.27 14.16 -12.72
CA VAL B 332 -52.28 14.16 -12.73
C VAL B 332 -51.32 15.31 -13.00
N SER B 333 -51.80 16.54 -12.85
CA SER B 333 -50.88 17.66 -12.89
C SER B 333 -51.20 18.69 -11.80
N PHE B 334 -50.20 19.50 -11.48
CA PHE B 334 -50.35 20.54 -10.47
C PHE B 334 -50.97 21.80 -11.10
N VAL B 335 -51.80 22.49 -10.34
CA VAL B 335 -52.38 23.74 -10.80
C VAL B 335 -51.86 24.84 -9.90
N GLU B 336 -51.24 25.85 -10.47
CA GLU B 336 -50.68 26.95 -9.70
C GLU B 336 -51.78 27.80 -9.07
N ARG B 337 -51.68 28.09 -7.77
CA ARG B 337 -52.64 28.94 -7.05
C ARG B 337 -52.05 30.33 -6.75
N ASP B 338 -52.90 31.36 -6.66
CA ASP B 338 -52.44 32.70 -6.25
C ASP B 338 -52.31 32.77 -4.72
N LEU B 339 -51.20 32.23 -4.21
CA LEU B 339 -50.96 32.09 -2.78
C LEU B 339 -49.56 32.62 -2.49
N PRO B 340 -49.30 33.01 -1.22
CA PRO B 340 -47.94 33.33 -0.83
C PRO B 340 -47.00 32.15 -1.12
N LYS B 341 -45.85 32.46 -1.71
CA LYS B 341 -44.82 31.44 -2.03
C LYS B 341 -43.48 31.75 -1.38
N THR B 342 -42.67 30.72 -1.18
CA THR B 342 -41.28 30.97 -0.75
C THR B 342 -40.42 31.23 -1.98
N ALA B 343 -39.12 31.44 -1.76
CA ALA B 343 -38.16 31.64 -2.83
C ALA B 343 -38.05 30.42 -3.74
N MET B 344 -38.51 29.25 -3.29
CA MET B 344 -38.64 28.05 -4.17
C MET B 344 -39.83 28.11 -5.09
N GLY B 345 -40.73 29.06 -4.89
CA GLY B 345 -42.03 29.04 -5.59
C GLY B 345 -43.00 28.10 -4.92
N TRP B 346 -42.68 27.60 -3.74
CA TRP B 346 -43.59 26.64 -3.10
C TRP B 346 -44.67 27.40 -2.36
N GLU B 347 -45.92 26.98 -2.53
CA GLU B 347 -47.05 27.60 -1.83
C GLU B 347 -47.09 27.36 -0.33
N ILE B 348 -47.30 28.44 0.41
CA ILE B 348 -47.29 28.36 1.86
C ILE B 348 -48.71 28.03 2.34
N VAL B 349 -48.90 26.80 2.80
CA VAL B 349 -50.21 26.31 3.27
C VAL B 349 -50.06 25.61 4.60
N PRO B 350 -49.99 26.40 5.67
CA PRO B 350 -49.71 25.98 7.03
C PRO B 350 -50.69 24.90 7.51
N GLU B 351 -51.96 24.99 7.12
CA GLU B 351 -52.94 23.99 7.59
C GLU B 351 -52.62 22.60 7.06
N GLY B 352 -51.80 22.54 6.01
CA GLY B 352 -51.33 21.28 5.49
C GLY B 352 -50.57 20.45 6.52
N ILE B 353 -49.81 21.10 7.41
CA ILE B 353 -49.08 20.32 8.44
C ILE B 353 -50.06 19.74 9.47
N TYR B 354 -51.14 20.48 9.71
CA TYR B 354 -52.23 19.96 10.52
C TYR B 354 -52.87 18.74 9.83
N TRP B 355 -53.28 18.91 8.57
CA TRP B 355 -53.89 17.81 7.80
C TRP B 355 -53.02 16.53 7.80
N ILE B 356 -51.75 16.67 7.48
CA ILE B 356 -50.91 15.48 7.38
C ILE B 356 -50.80 14.75 8.73
N LEU B 357 -50.65 15.52 9.83
CA LEU B 357 -50.62 14.92 11.17
C LEU B 357 -51.90 14.18 11.54
N LYS B 358 -53.05 14.82 11.30
CA LYS B 358 -54.34 14.17 11.55
C LYS B 358 -54.46 12.91 10.70
N LYS B 359 -54.07 13.01 9.44
CA LYS B 359 -54.24 11.90 8.52
C LYS B 359 -53.38 10.72 8.85
N VAL B 360 -52.14 10.93 9.30
CA VAL B 360 -51.29 9.76 9.62
C VAL B 360 -51.86 9.01 10.84
N LYS B 361 -52.41 9.77 11.80
CA LYS B 361 -53.09 9.17 12.95
CA LYS B 361 -53.06 9.13 12.94
C LYS B 361 -54.27 8.35 12.49
N GLU B 362 -55.13 9.00 11.73
CA GLU B 362 -56.33 8.39 11.18
C GLU B 362 -56.04 7.10 10.37
N GLU B 363 -55.01 7.13 9.54
CA GLU B 363 -54.72 6.00 8.65
C GLU B 363 -53.89 4.87 9.22
N TYR B 364 -52.89 5.18 10.06
CA TYR B 364 -51.97 4.15 10.54
C TYR B 364 -51.77 4.15 12.05
N ASN B 365 -52.20 5.24 12.69
CA ASN B 365 -52.03 5.39 14.13
C ASN B 365 -50.66 5.02 14.68
N PRO B 366 -49.58 5.62 14.12
CA PRO B 366 -48.25 5.35 14.68
C PRO B 366 -48.24 5.78 16.18
N PRO B 367 -47.50 5.07 17.04
CA PRO B 367 -47.46 5.41 18.48
C PRO B 367 -46.86 6.79 18.76
N GLU B 368 -45.82 7.18 18.01
CA GLU B 368 -45.18 8.50 18.14
C GLU B 368 -44.94 9.08 16.75
N VAL B 369 -45.09 10.40 16.60
CA VAL B 369 -44.81 11.11 15.34
C VAL B 369 -43.84 12.27 15.66
N TYR B 370 -42.91 12.58 14.75
CA TYR B 370 -42.11 13.82 14.87
C TYR B 370 -42.21 14.56 13.55
N ILE B 371 -42.24 15.90 13.60
CA ILE B 371 -42.01 16.67 12.38
C ILE B 371 -40.51 16.76 12.27
N THR B 372 -39.94 16.03 11.31
CA THR B 372 -38.49 15.89 11.22
C THR B 372 -37.87 16.97 10.34
N GLU B 373 -38.71 17.70 9.61
CA GLU B 373 -38.31 18.87 8.83
C GLU B 373 -39.51 19.76 8.58
N ASN B 374 -39.34 21.06 8.80
CA ASN B 374 -40.28 22.03 8.28
C ASN B 374 -39.48 23.33 8.20
N GLY B 375 -39.57 24.07 7.11
CA GLY B 375 -38.73 25.25 6.98
C GLY B 375 -39.01 25.98 5.69
N ALA B 376 -38.28 27.06 5.42
CA ALA B 376 -38.53 27.82 4.18
C ALA B 376 -37.28 28.50 3.64
N ALA B 377 -37.20 28.62 2.31
CA ALA B 377 -36.18 29.40 1.65
C ALA B 377 -36.75 30.78 1.34
N PHE B 378 -36.03 31.82 1.75
CA PHE B 378 -36.36 33.19 1.41
C PHE B 378 -35.07 33.89 0.98
N ASP B 379 -35.22 35.00 0.28
CA ASP B 379 -34.09 35.76 -0.27
C ASP B 379 -33.43 36.56 0.83
N ASP B 380 -32.73 35.88 1.73
CA ASP B 380 -32.14 36.54 2.90
C ASP B 380 -31.06 37.54 2.50
N VAL B 381 -31.10 38.69 3.13
CA VAL B 381 -30.04 39.69 2.97
C VAL B 381 -29.49 40.07 4.35
N VAL B 382 -28.17 40.21 4.40
CA VAL B 382 -27.48 40.74 5.57
C VAL B 382 -27.53 42.27 5.44
N SER B 383 -28.26 42.93 6.34
CA SER B 383 -28.38 44.39 6.30
CA SER B 383 -28.38 44.39 6.27
C SER B 383 -27.12 45.07 6.83
N GLU B 384 -27.05 46.39 6.71
CA GLU B 384 -25.84 47.13 7.14
C GLU B 384 -25.56 46.90 8.61
N ASP B 385 -26.59 46.58 9.39
CA ASP B 385 -26.39 46.31 10.80
C ASP B 385 -25.75 44.95 11.10
N GLY B 386 -25.42 44.19 10.04
CA GLY B 386 -24.85 42.84 10.23
C GLY B 386 -25.88 41.78 10.63
N ARG B 387 -27.16 42.09 10.49
CA ARG B 387 -28.19 41.19 10.97
C ARG B 387 -29.00 40.68 9.78
N VAL B 388 -29.79 39.64 9.98
CA VAL B 388 -30.63 39.15 8.92
C VAL B 388 -32.06 39.15 9.42
N HIS B 389 -32.86 40.07 8.87
CA HIS B 389 -34.22 40.33 9.35
C HIS B 389 -35.23 39.53 8.52
N ASP B 390 -35.34 38.23 8.84
CA ASP B 390 -36.17 37.31 8.07
C ASP B 390 -37.53 37.07 8.74
N GLN B 391 -38.29 38.15 8.90
CA GLN B 391 -39.65 38.07 9.38
C GLN B 391 -40.50 37.10 8.53
N ASN B 392 -40.18 37.01 7.25
CA ASN B 392 -40.91 36.10 6.37
C ASN B 392 -40.78 34.65 6.84
N ARG B 393 -39.59 34.28 7.30
CA ARG B 393 -39.35 32.94 7.74
C ARG B 393 -39.95 32.78 9.12
N ILE B 394 -39.89 33.84 9.93
CA ILE B 394 -40.55 33.75 11.25
C ILE B 394 -42.04 33.45 11.06
N ASP B 395 -42.69 34.19 10.16
CA ASP B 395 -44.14 34.03 9.90
C ASP B 395 -44.46 32.60 9.40
N TYR B 396 -43.60 32.10 8.52
CA TYR B 396 -43.75 30.77 7.99
C TYR B 396 -43.68 29.75 9.14
N LEU B 397 -42.63 29.85 9.95
CA LEU B 397 -42.42 28.89 11.03
C LEU B 397 -43.57 28.94 12.05
N LYS B 398 -43.89 30.14 12.48
CA LYS B 398 -44.96 30.35 13.46
C LYS B 398 -46.32 29.76 13.00
N ALA B 399 -46.70 30.01 11.75
CA ALA B 399 -47.95 29.48 11.23
C ALA B 399 -47.98 27.95 11.27
N HIS B 400 -46.86 27.30 10.95
CA HIS B 400 -46.80 25.83 10.97
C HIS B 400 -46.75 25.26 12.38
N ILE B 401 -45.90 25.86 13.21
CA ILE B 401 -45.86 25.49 14.62
C ILE B 401 -47.27 25.60 15.25
N GLY B 402 -47.99 26.65 14.92
CA GLY B 402 -49.38 26.80 15.41
C GLY B 402 -50.29 25.64 14.98
N GLN B 403 -50.13 25.18 13.75
CA GLN B 403 -50.98 24.09 13.24
C GLN B 403 -50.60 22.77 13.87
N ALA B 404 -49.31 22.58 14.11
CA ALA B 404 -48.82 21.39 14.80
C ALA B 404 -49.38 21.29 16.21
N TRP B 405 -49.48 22.45 16.85
CA TRP B 405 -50.08 22.55 18.18
C TRP B 405 -51.52 22.11 18.16
N LYS B 406 -52.28 22.61 17.20
CA LYS B 406 -53.67 22.20 17.03
C LYS B 406 -53.80 20.67 16.89
N ALA B 407 -52.92 20.05 16.11
CA ALA B 407 -53.02 18.59 15.95
C ALA B 407 -52.80 17.89 17.27
N ILE B 408 -51.88 18.44 18.06
CA ILE B 408 -51.61 17.91 19.37
C ILE B 408 -52.88 18.00 20.23
N GLN B 409 -53.61 19.11 20.07
CA GLN B 409 -54.80 19.34 20.90
C GLN B 409 -55.90 18.36 20.50
N GLU B 410 -55.83 17.83 19.28
CA GLU B 410 -56.80 16.84 18.85
C GLU B 410 -56.28 15.40 18.91
N GLY B 411 -55.20 15.16 19.62
CA GLY B 411 -54.84 13.77 19.90
C GLY B 411 -53.68 13.14 19.13
N VAL B 412 -53.12 13.84 18.15
CA VAL B 412 -51.94 13.29 17.46
C VAL B 412 -50.77 13.21 18.44
N PRO B 413 -50.11 12.04 18.55
CA PRO B 413 -48.97 11.89 19.46
C PRO B 413 -47.67 12.48 18.88
N LEU B 414 -47.68 13.78 18.60
CA LEU B 414 -46.53 14.51 18.11
C LEU B 414 -45.54 14.76 19.25
N LYS B 415 -44.36 14.16 19.17
CA LYS B 415 -43.37 14.22 20.24
C LYS B 415 -42.31 15.33 20.08
N GLY B 416 -42.21 15.93 18.88
CA GLY B 416 -41.20 16.96 18.62
C GLY B 416 -41.31 17.57 17.23
N TYR B 417 -40.45 18.55 16.97
CA TYR B 417 -40.54 19.35 15.77
C TYR B 417 -39.14 19.88 15.48
N PHE B 418 -38.66 19.66 14.25
CA PHE B 418 -37.30 20.04 13.86
C PHE B 418 -37.38 21.05 12.74
N VAL B 419 -36.71 22.19 12.94
CA VAL B 419 -36.56 23.19 11.86
C VAL B 419 -35.52 22.71 10.86
N TRP B 420 -35.91 22.66 9.60
CA TRP B 420 -34.95 22.61 8.49
C TRP B 420 -34.69 24.08 8.07
N SER B 421 -33.50 24.61 8.28
CA SER B 421 -32.32 23.90 8.78
C SER B 421 -31.60 24.79 9.81
N LEU B 422 -30.67 24.22 10.57
CA LEU B 422 -29.79 25.07 11.39
C LEU B 422 -29.08 26.11 10.49
N LEU B 423 -28.49 25.63 9.40
CA LEU B 423 -27.58 26.45 8.58
C LEU B 423 -28.10 26.56 7.14
N ASP B 424 -27.92 27.72 6.52
CA ASP B 424 -27.99 27.80 5.05
C ASP B 424 -27.02 26.76 4.53
N ASN B 425 -27.34 26.12 3.42
CA ASN B 425 -26.53 24.97 2.99
C ASN B 425 -26.69 24.64 1.52
N PHE B 426 -26.10 23.52 1.09
CA PHE B 426 -26.14 23.07 -0.32
C PHE B 426 -27.50 22.46 -0.55
N GLU B 427 -28.39 23.16 -1.25
CA GLU B 427 -29.79 22.72 -1.46
C GLU B 427 -29.89 21.81 -2.69
N TRP B 428 -29.12 20.71 -2.69
CA TRP B 428 -29.19 19.71 -3.77
C TRP B 428 -29.10 20.36 -5.17
N ALA B 429 -30.05 20.10 -6.08
CA ALA B 429 -29.88 20.56 -7.45
C ALA B 429 -29.92 22.09 -7.57
N GLU B 430 -30.41 22.76 -6.51
CA GLU B 430 -30.46 24.23 -6.49
C GLU B 430 -29.14 24.84 -6.03
N GLY B 431 -28.23 24.00 -5.56
CA GLY B 431 -26.96 24.51 -5.09
C GLY B 431 -27.15 25.47 -3.92
N TYR B 432 -26.22 26.43 -3.80
CA TYR B 432 -26.26 27.33 -2.63
C TYR B 432 -27.22 28.49 -2.75
N SER B 433 -27.93 28.57 -3.88
CA SER B 433 -28.85 29.70 -4.15
C SER B 433 -30.09 29.75 -3.27
N LYS B 434 -30.38 28.67 -2.56
CA LYS B 434 -31.59 28.67 -1.75
C LYS B 434 -31.19 28.46 -0.30
N ARG B 435 -31.54 29.44 0.55
CA ARG B 435 -31.11 29.45 1.94
C ARG B 435 -32.26 29.08 2.88
N PHE B 436 -32.14 27.95 3.56
CA PHE B 436 -33.17 27.51 4.52
C PHE B 436 -32.77 27.71 5.98
N GLY B 437 -31.58 28.25 6.27
CA GLY B 437 -31.11 28.24 7.66
C GLY B 437 -31.88 29.18 8.57
N ILE B 438 -31.83 28.91 9.87
CA ILE B 438 -32.07 29.95 10.87
C ILE B 438 -30.75 30.61 11.22
N VAL B 439 -29.66 30.11 10.64
CA VAL B 439 -28.35 30.76 10.76
C VAL B 439 -27.84 30.98 9.34
N TYR B 440 -27.44 32.22 9.04
CA TYR B 440 -26.97 32.60 7.72
C TYR B 440 -25.52 32.21 7.66
N VAL B 441 -25.09 31.71 6.50
CA VAL B 441 -23.70 31.35 6.29
C VAL B 441 -23.18 32.20 5.14
N ASP B 442 -22.17 33.01 5.42
CA ASP B 442 -21.53 33.79 4.38
C ASP B 442 -20.46 32.89 3.78
N TYR B 443 -20.71 32.38 2.58
CA TYR B 443 -19.78 31.37 2.02
C TYR B 443 -18.44 31.95 1.62
N SER B 444 -18.35 33.27 1.51
CA SER B 444 -17.02 33.83 1.21
C SER B 444 -16.08 33.85 2.43
N THR B 445 -16.62 33.79 3.65
CA THR B 445 -15.79 33.81 4.85
C THR B 445 -16.06 32.65 5.80
N GLN B 446 -17.15 31.90 5.52
CA GLN B 446 -17.69 30.87 6.43
C GLN B 446 -18.26 31.41 7.76
N LYS B 447 -18.43 32.74 7.85
CA LYS B 447 -19.00 33.33 9.05
C LYS B 447 -20.47 32.91 9.21
N ARG B 448 -20.87 32.54 10.41
CA ARG B 448 -22.28 32.29 10.75
C ARG B 448 -22.91 33.56 11.32
N ILE B 449 -24.10 33.91 10.83
CA ILE B 449 -24.87 35.00 11.40
C ILE B 449 -26.26 34.48 11.80
N VAL B 450 -26.56 34.51 13.10
CA VAL B 450 -27.85 34.02 13.56
C VAL B 450 -28.91 34.96 13.03
N LYS B 451 -29.89 34.42 12.32
CA LYS B 451 -30.94 35.23 11.74
C LYS B 451 -32.00 35.60 12.79
N ASP B 452 -32.86 36.55 12.47
CA ASP B 452 -33.88 36.89 13.44
C ASP B 452 -34.71 35.66 13.80
N SER B 453 -34.93 34.76 12.83
CA SER B 453 -35.68 33.52 13.08
C SER B 453 -35.00 32.60 14.09
N GLY B 454 -33.68 32.66 14.17
CA GLY B 454 -32.94 31.86 15.14
C GLY B 454 -33.23 32.36 16.56
N TYR B 455 -33.16 33.67 16.74
CA TYR B 455 -33.47 34.27 18.05
C TYR B 455 -34.92 34.06 18.42
N TRP B 456 -35.83 34.24 17.45
CA TRP B 456 -37.26 33.93 17.64
C TRP B 456 -37.48 32.46 18.07
N TYR B 457 -36.86 31.52 17.35
CA TYR B 457 -37.06 30.08 17.63
C TYR B 457 -36.45 29.73 19.01
N SER B 458 -35.32 30.35 19.34
CA SER B 458 -34.74 30.22 20.68
C SER B 458 -35.84 30.50 21.73
N ASN B 459 -36.58 31.58 21.50
CA ASN B 459 -37.67 31.97 22.36
C ASN B 459 -38.77 30.92 22.45
N VAL B 460 -39.19 30.38 21.30
CA VAL B 460 -40.21 29.30 21.27
C VAL B 460 -39.75 28.12 22.13
N VAL B 461 -38.50 27.72 21.95
CA VAL B 461 -37.98 26.64 22.75
C VAL B 461 -38.01 27.01 24.24
N LYS B 462 -37.62 28.23 24.57
CA LYS B 462 -37.63 28.69 25.98
C LYS B 462 -39.03 28.63 26.56
N ASN B 463 -40.00 29.15 25.84
CA ASN B 463 -41.38 29.17 26.32
C ASN B 463 -42.15 27.88 26.10
N ASN B 464 -41.48 26.87 25.54
CA ASN B 464 -42.13 25.62 25.12
C ASN B 464 -43.39 25.90 24.31
N GLY B 465 -43.34 26.91 23.43
CA GLY B 465 -44.47 27.22 22.56
C GLY B 465 -44.53 28.65 22.05
N LEU B 466 -45.71 29.03 21.56
CA LEU B 466 -45.93 30.36 21.03
C LEU B 466 -46.61 31.30 22.05
N GLU B 467 -46.34 32.59 21.93
CA GLU B 467 -47.00 33.59 22.80
C GLU B 467 -47.63 34.70 21.95
N VAL C 25 44.81 -10.83 -33.12
CA VAL C 25 44.65 -12.18 -32.49
C VAL C 25 45.52 -12.35 -31.23
N LYS C 26 44.85 -12.69 -30.13
CA LYS C 26 45.55 -12.91 -28.91
C LYS C 26 45.25 -14.33 -28.49
N LYS C 27 46.18 -15.22 -28.83
CA LYS C 27 46.01 -16.66 -28.57
C LYS C 27 46.65 -17.02 -27.22
N PHE C 28 45.95 -17.77 -26.37
CA PHE C 28 46.48 -18.09 -25.04
C PHE C 28 47.34 -19.37 -25.09
N PRO C 29 48.00 -19.70 -23.98
CA PRO C 29 48.88 -20.88 -24.08
C PRO C 29 48.08 -22.16 -24.25
N GLU C 30 48.72 -23.22 -24.74
CA GLU C 30 48.00 -24.48 -24.89
CA GLU C 30 48.04 -24.51 -24.87
C GLU C 30 47.47 -24.95 -23.53
N GLY C 31 46.25 -25.46 -23.52
CA GLY C 31 45.68 -26.00 -22.30
C GLY C 31 45.27 -24.94 -21.26
N PHE C 32 45.30 -23.66 -21.65
CA PHE C 32 44.88 -22.58 -20.71
C PHE C 32 43.46 -22.91 -20.24
N LEU C 33 43.14 -22.66 -18.97
CA LEU C 33 41.88 -23.12 -18.43
C LEU C 33 40.86 -22.00 -18.37
N TRP C 34 39.89 -22.00 -19.28
CA TRP C 34 38.83 -20.99 -19.28
C TRP C 34 37.71 -21.53 -18.39
N GLY C 35 37.23 -20.70 -17.46
CA GLY C 35 36.30 -21.18 -16.48
C GLY C 35 35.21 -20.15 -16.23
N VAL C 36 34.25 -20.58 -15.40
CA VAL C 36 33.20 -19.70 -14.86
C VAL C 36 33.11 -20.01 -13.35
N ALA C 37 32.65 -19.05 -12.56
CA ALA C 37 32.67 -19.21 -11.11
C ALA C 37 31.32 -18.85 -10.47
N THR C 38 31.00 -19.54 -9.38
CA THR C 38 29.85 -19.21 -8.53
C THR C 38 30.24 -19.45 -7.04
N ALA C 39 29.30 -19.21 -6.10
CA ALA C 39 29.47 -19.55 -4.70
C ALA C 39 28.16 -20.09 -4.16
N SER C 40 28.27 -20.99 -3.19
CA SER C 40 27.12 -21.76 -2.72
C SER C 40 25.92 -20.89 -2.30
N TYR C 41 26.16 -19.97 -1.38
CA TYR C 41 25.05 -19.21 -0.80
C TYR C 41 24.41 -18.32 -1.86
N GLN C 42 25.19 -17.94 -2.85
CA GLN C 42 24.70 -17.00 -3.86
C GLN C 42 23.80 -17.68 -4.85
N ILE C 43 23.94 -18.99 -5.08
CA ILE C 43 23.13 -19.62 -6.15
C ILE C 43 22.19 -20.73 -5.66
N GLU C 44 22.52 -21.37 -4.55
CA GLU C 44 21.87 -22.65 -4.27
C GLU C 44 20.39 -22.54 -3.84
N GLY C 45 20.09 -21.62 -2.92
CA GLY C 45 18.76 -21.66 -2.28
C GLY C 45 18.72 -22.85 -1.32
N SER C 46 17.57 -23.11 -0.71
CA SER C 46 17.39 -24.31 0.14
C SER C 46 18.47 -24.45 1.20
N PRO C 47 18.75 -23.36 1.94
CA PRO C 47 19.80 -23.35 2.94
C PRO C 47 19.61 -24.40 4.04
N LEU C 48 18.38 -24.82 4.30
CA LEU C 48 18.18 -25.77 5.41
C LEU C 48 17.66 -27.14 4.94
N ALA C 49 17.80 -27.43 3.64
CA ALA C 49 17.30 -28.68 3.06
C ALA C 49 18.18 -29.79 3.59
N ASP C 50 17.59 -30.98 3.68
CA ASP C 50 18.37 -32.22 3.94
C ASP C 50 19.25 -32.15 5.20
N GLY C 51 18.70 -31.51 6.23
CA GLY C 51 19.33 -31.40 7.55
C GLY C 51 20.52 -30.46 7.68
N ALA C 52 20.72 -29.59 6.70
CA ALA C 52 21.87 -28.66 6.74
C ALA C 52 21.71 -27.74 7.96
N GLY C 53 22.86 -27.30 8.53
CA GLY C 53 22.80 -26.27 9.59
C GLY C 53 22.62 -24.87 9.02
N MET C 54 22.10 -23.94 9.82
CA MET C 54 22.13 -22.54 9.38
C MET C 54 23.57 -22.06 9.15
N SER C 55 23.75 -21.15 8.18
CA SER C 55 25.01 -20.43 8.06
C SER C 55 24.85 -19.00 8.59
N ILE C 56 25.96 -18.30 8.79
CA ILE C 56 25.86 -16.86 9.19
C ILE C 56 25.22 -15.98 8.12
N TRP C 57 25.21 -16.43 6.86
CA TRP C 57 24.53 -15.63 5.82
C TRP C 57 23.01 -15.82 5.90
N HIS C 58 22.58 -17.02 6.30
CA HIS C 58 21.14 -17.23 6.53
C HIS C 58 20.71 -16.30 7.69
N THR C 59 21.45 -16.32 8.80
CA THR C 59 21.00 -15.52 9.94
C THR C 59 21.15 -14.00 9.68
N PHE C 60 22.24 -13.62 8.99
CA PHE C 60 22.50 -12.19 8.66
C PHE C 60 21.40 -11.70 7.71
N SER C 61 21.08 -12.48 6.67
CA SER C 61 20.16 -11.94 5.68
C SER C 61 18.71 -11.99 6.21
N HIS C 62 18.47 -12.84 7.21
CA HIS C 62 17.14 -12.85 7.86
C HIS C 62 17.03 -11.81 8.96
N THR C 63 18.05 -10.97 9.11
CA THR C 63 17.99 -9.84 10.05
C THR C 63 17.59 -8.59 9.23
N PRO C 64 16.51 -7.93 9.62
CA PRO C 64 16.06 -6.73 8.93
C PRO C 64 17.13 -5.67 8.85
N GLY C 65 17.24 -5.06 7.67
CA GLY C 65 18.15 -3.95 7.42
C GLY C 65 19.54 -4.30 6.93
N ASN C 66 19.86 -5.58 6.81
CA ASN C 66 21.23 -5.98 6.39
C ASN C 66 21.41 -6.11 4.87
N VAL C 67 20.34 -6.41 4.15
CA VAL C 67 20.45 -6.69 2.73
C VAL C 67 19.42 -5.85 2.04
N LYS C 68 19.82 -5.25 0.93
CA LYS C 68 18.92 -4.47 0.08
C LYS C 68 17.63 -5.21 -0.23
N ASN C 69 16.50 -4.48 -0.09
CA ASN C 69 15.18 -5.02 -0.40
C ASN C 69 14.78 -6.20 0.47
N GLY C 70 15.53 -6.47 1.55
CA GLY C 70 15.21 -7.62 2.41
C GLY C 70 15.39 -8.94 1.67
N ASP C 71 16.30 -8.96 0.70
CA ASP C 71 16.55 -10.19 -0.08
C ASP C 71 17.30 -11.18 0.80
N THR C 72 17.06 -12.48 0.59
CA THR C 72 17.86 -13.53 1.26
C THR C 72 18.29 -14.58 0.24
N GLY C 73 19.18 -15.48 0.66
CA GLY C 73 19.56 -16.62 -0.19
C GLY C 73 18.61 -17.80 -0.10
N ASP C 74 17.40 -17.61 0.43
CA ASP C 74 16.48 -18.77 0.62
C ASP C 74 16.16 -19.53 -0.67
N VAL C 75 15.96 -18.78 -1.76
CA VAL C 75 15.67 -19.40 -3.07
C VAL C 75 16.85 -19.20 -4.05
N ALA C 76 17.33 -17.97 -4.16
CA ALA C 76 18.42 -17.64 -5.08
C ALA C 76 18.12 -18.15 -6.47
N CYS C 77 19.05 -18.86 -7.10
CA CYS C 77 18.85 -19.48 -8.41
C CYS C 77 18.29 -20.91 -8.32
N ASP C 78 17.95 -21.35 -7.10
CA ASP C 78 17.43 -22.70 -6.92
C ASP C 78 18.38 -23.75 -7.56
N HIS C 79 19.69 -23.50 -7.51
CA HIS C 79 20.68 -24.43 -8.09
C HIS C 79 20.67 -25.72 -7.22
N TYR C 80 20.23 -25.63 -5.96
CA TYR C 80 20.06 -26.86 -5.17
C TYR C 80 19.25 -27.93 -5.92
N ASN C 81 18.27 -27.47 -6.70
CA ASN C 81 17.44 -28.37 -7.52
C ASN C 81 17.80 -28.35 -8.98
N ARG C 82 18.38 -27.25 -9.46
CA ARG C 82 18.60 -27.04 -10.90
C ARG C 82 20.06 -27.22 -11.34
N TRP C 83 20.88 -27.79 -10.46
CA TRP C 83 22.34 -27.93 -10.69
C TRP C 83 22.65 -28.62 -12.02
N LYS C 84 21.86 -29.61 -12.37
CA LYS C 84 22.13 -30.37 -13.60
C LYS C 84 21.93 -29.52 -14.84
N GLU C 85 20.83 -28.78 -14.92
CA GLU C 85 20.66 -27.79 -16.01
C GLU C 85 21.81 -26.80 -16.08
N ASP C 86 22.27 -26.30 -14.92
CA ASP C 86 23.33 -25.29 -14.91
C ASP C 86 24.63 -25.91 -15.45
N ILE C 87 24.96 -27.11 -15.02
CA ILE C 87 26.15 -27.75 -15.56
C ILE C 87 26.03 -28.03 -17.07
N GLU C 88 24.82 -28.37 -17.51
CA GLU C 88 24.57 -28.58 -18.93
C GLU C 88 24.81 -27.29 -19.71
N ILE C 89 24.58 -26.13 -19.09
CA ILE C 89 24.92 -24.88 -19.77
C ILE C 89 26.44 -24.69 -19.88
N ILE C 90 27.19 -24.98 -18.80
CA ILE C 90 28.65 -24.98 -18.94
C ILE C 90 29.12 -25.87 -20.14
N GLU C 91 28.58 -27.08 -20.18
CA GLU C 91 28.93 -28.03 -21.25
C GLU C 91 28.55 -27.45 -22.62
N LYS C 92 27.35 -26.92 -22.73
CA LYS C 92 26.90 -26.39 -24.02
C LYS C 92 27.82 -25.26 -24.53
N LEU C 93 28.31 -24.45 -23.61
CA LEU C 93 29.18 -23.32 -23.97
C LEU C 93 30.64 -23.79 -24.17
N GLY C 94 30.90 -25.06 -23.87
CA GLY C 94 32.26 -25.66 -23.94
C GLY C 94 33.31 -25.04 -23.01
N VAL C 95 32.85 -24.51 -21.88
CA VAL C 95 33.73 -23.90 -20.87
C VAL C 95 34.48 -25.02 -20.19
N LYS C 96 35.74 -24.80 -19.88
CA LYS C 96 36.64 -25.91 -19.51
C LYS C 96 36.70 -26.21 -18.02
N ALA C 97 36.32 -25.23 -17.18
CA ALA C 97 36.48 -25.39 -15.75
C ALA C 97 35.35 -24.69 -15.03
N TYR C 98 35.03 -25.21 -13.86
CA TYR C 98 33.95 -24.62 -13.05
C TYR C 98 34.42 -24.43 -11.62
N ARG C 99 34.52 -23.18 -11.18
CA ARG C 99 34.87 -22.89 -9.79
C ARG C 99 33.58 -22.71 -9.01
N PHE C 100 33.39 -23.50 -7.96
CA PHE C 100 32.14 -23.38 -7.17
C PHE C 100 32.56 -23.59 -5.74
N SER C 101 31.69 -23.25 -4.78
CA SER C 101 32.07 -23.43 -3.40
C SER C 101 31.15 -24.47 -2.72
N ILE C 102 31.63 -24.96 -1.59
CA ILE C 102 30.86 -25.90 -0.79
CA ILE C 102 30.91 -25.91 -0.74
C ILE C 102 30.37 -25.21 0.50
N SER C 103 29.12 -25.45 0.84
CA SER C 103 28.51 -24.86 2.02
C SER C 103 28.88 -25.68 3.23
N TRP C 104 29.74 -25.11 4.06
CA TRP C 104 30.24 -25.83 5.25
C TRP C 104 29.12 -26.43 6.12
N PRO C 105 28.04 -25.64 6.41
CA PRO C 105 27.01 -26.25 7.24
C PRO C 105 26.09 -27.30 6.55
N ARG C 106 26.13 -27.43 5.23
CA ARG C 106 25.51 -28.61 4.60
C ARG C 106 26.29 -29.86 4.92
N ILE C 107 27.58 -29.69 5.11
CA ILE C 107 28.47 -30.85 5.41
C ILE C 107 28.54 -31.17 6.88
N LEU C 108 28.71 -30.14 7.71
CA LEU C 108 28.79 -30.32 9.17
C LEU C 108 27.81 -29.34 9.77
N PRO C 109 26.57 -29.77 9.97
CA PRO C 109 25.54 -28.83 10.38
C PRO C 109 25.89 -28.11 11.68
N GLU C 110 26.66 -28.76 12.57
CA GLU C 110 27.10 -28.15 13.84
CA GLU C 110 27.07 -28.09 13.82
C GLU C 110 28.51 -27.59 13.74
N GLY C 111 29.04 -27.48 12.53
CA GLY C 111 30.39 -26.91 12.34
C GLY C 111 31.48 -27.98 12.42
N THR C 112 31.40 -28.84 13.44
CA THR C 112 32.31 -29.96 13.55
C THR C 112 31.52 -31.16 13.99
N GLY C 113 32.14 -32.34 14.00
CA GLY C 113 31.47 -33.52 14.50
C GLY C 113 30.71 -34.27 13.43
N ARG C 114 29.40 -34.40 13.62
CA ARG C 114 28.54 -35.21 12.76
C ARG C 114 28.52 -34.78 11.30
N VAL C 115 28.86 -35.70 10.38
CA VAL C 115 28.87 -35.38 8.96
C VAL C 115 27.52 -35.66 8.36
N ASN C 116 27.02 -34.73 7.56
CA ASN C 116 25.73 -34.87 6.93
C ASN C 116 25.84 -35.55 5.57
N GLN C 117 25.42 -36.82 5.50
CA GLN C 117 25.61 -37.58 4.28
C GLN C 117 24.87 -36.97 3.07
N LYS C 118 23.70 -36.37 3.29
CA LYS C 118 23.00 -35.73 2.19
C LYS C 118 23.78 -34.54 1.63
N GLY C 119 24.54 -33.86 2.48
CA GLY C 119 25.38 -32.76 1.99
C GLY C 119 26.52 -33.28 1.12
N LEU C 120 27.20 -34.34 1.57
CA LEU C 120 28.12 -35.04 0.66
C LEU C 120 27.47 -35.45 -0.66
N ASP C 121 26.26 -36.01 -0.62
CA ASP C 121 25.61 -36.54 -1.83
C ASP C 121 25.41 -35.38 -2.84
N PHE C 122 24.96 -34.22 -2.35
CA PHE C 122 24.66 -33.09 -3.22
C PHE C 122 25.91 -32.70 -4.03
N TYR C 123 27.03 -32.56 -3.34
CA TYR C 123 28.25 -32.12 -4.02
C TYR C 123 28.88 -33.28 -4.80
N ASN C 124 28.72 -34.51 -4.30
CA ASN C 124 29.20 -35.66 -5.09
C ASN C 124 28.57 -35.71 -6.47
N ARG C 125 27.26 -35.43 -6.56
CA ARG C 125 26.60 -35.48 -7.86
C ARG C 125 27.12 -34.39 -8.80
N ILE C 126 27.37 -33.20 -8.24
CA ILE C 126 27.90 -32.10 -9.04
C ILE C 126 29.30 -32.47 -9.57
N ILE C 127 30.14 -32.95 -8.68
CA ILE C 127 31.51 -33.27 -9.04
C ILE C 127 31.53 -34.40 -10.07
N ASP C 128 30.73 -35.42 -9.83
CA ASP C 128 30.67 -36.56 -10.80
C ASP C 128 30.18 -36.07 -12.16
N THR C 129 29.17 -35.19 -12.15
CA THR C 129 28.64 -34.70 -13.38
C THR C 129 29.65 -33.85 -14.17
N LEU C 130 30.38 -32.98 -13.47
CA LEU C 130 31.40 -32.16 -14.12
C LEU C 130 32.43 -33.08 -14.77
N LEU C 131 32.91 -34.09 -14.04
CA LEU C 131 33.95 -34.97 -14.63
CA LEU C 131 33.96 -34.96 -14.61
C LEU C 131 33.41 -35.71 -15.84
N GLU C 132 32.17 -36.18 -15.71
CA GLU C 132 31.56 -36.89 -16.81
C GLU C 132 31.59 -36.02 -18.05
N LYS C 133 31.49 -34.69 -17.85
CA LYS C 133 31.36 -33.77 -18.98
C LYS C 133 32.71 -33.17 -19.36
N GLY C 134 33.79 -33.68 -18.76
CA GLY C 134 35.13 -33.17 -19.06
C GLY C 134 35.38 -31.75 -18.57
N ILE C 135 34.62 -31.32 -17.56
CA ILE C 135 34.80 -29.99 -16.98
C ILE C 135 35.64 -30.09 -15.72
N THR C 136 36.72 -29.30 -15.60
CA THR C 136 37.60 -29.42 -14.42
C THR C 136 37.01 -28.68 -13.21
N PRO C 137 36.77 -29.38 -12.09
CA PRO C 137 36.25 -28.61 -10.95
C PRO C 137 37.35 -27.92 -10.14
N PHE C 138 37.09 -26.66 -9.76
CA PHE C 138 37.94 -25.94 -8.81
C PHE C 138 37.03 -25.71 -7.63
N VAL C 139 37.32 -26.33 -6.48
CA VAL C 139 36.48 -26.17 -5.30
C VAL C 139 37.02 -25.10 -4.33
N THR C 140 36.15 -24.10 -4.07
CA THR C 140 36.40 -23.20 -2.98
C THR C 140 35.84 -23.81 -1.70
N ILE C 141 36.74 -24.05 -0.74
CA ILE C 141 36.34 -24.63 0.52
C ILE C 141 35.43 -23.68 1.31
N TYR C 142 35.80 -22.40 1.34
CA TYR C 142 35.11 -21.42 2.16
C TYR C 142 34.85 -20.16 1.34
N HIS C 143 33.59 -19.93 1.03
CA HIS C 143 33.19 -18.69 0.35
C HIS C 143 32.08 -18.06 1.20
N TRP C 144 32.33 -17.99 2.52
CA TRP C 144 31.72 -16.99 3.42
C TRP C 144 30.55 -17.50 4.21
N ASP C 145 30.09 -18.71 3.93
CA ASP C 145 28.88 -19.21 4.65
C ASP C 145 29.26 -20.09 5.84
N LEU C 146 29.89 -19.45 6.82
CA LEU C 146 30.29 -20.12 8.08
C LEU C 146 29.07 -20.74 8.76
N PRO C 147 29.21 -21.95 9.28
CA PRO C 147 28.11 -22.49 10.09
C PRO C 147 27.80 -21.57 11.27
N PHE C 148 26.51 -21.27 11.46
CA PHE C 148 26.11 -20.42 12.56
C PHE C 148 26.54 -21.00 13.93
N ALA C 149 26.48 -22.33 14.08
CA ALA C 149 27.03 -22.96 15.31
C ALA C 149 28.46 -22.50 15.73
N LEU C 150 29.33 -22.28 14.74
CA LEU C 150 30.67 -21.79 15.01
C LEU C 150 30.69 -20.28 15.30
N GLN C 151 29.77 -19.52 14.70
CA GLN C 151 29.69 -18.08 15.05
C GLN C 151 29.35 -17.83 16.54
N LEU C 152 28.53 -18.70 17.10
CA LEU C 152 28.13 -18.63 18.49
C LEU C 152 29.35 -18.78 19.39
N LYS C 153 30.37 -19.47 18.90
CA LYS C 153 31.64 -19.67 19.59
CA LYS C 153 31.63 -19.65 19.60
C LYS C 153 32.71 -18.65 19.16
N GLY C 154 32.29 -17.59 18.49
CA GLY C 154 33.20 -16.54 18.04
C GLY C 154 33.67 -16.54 16.59
N GLY C 155 33.39 -17.61 15.89
CA GLY C 155 33.74 -17.71 14.47
C GLY C 155 35.19 -17.39 14.20
N TRP C 156 35.45 -16.53 13.22
CA TRP C 156 36.84 -16.20 12.83
C TRP C 156 37.64 -15.45 13.90
N ALA C 157 36.93 -14.98 14.95
CA ALA C 157 37.59 -14.31 16.09
C ALA C 157 38.27 -15.31 17.01
N ASN C 158 37.86 -16.56 16.93
CA ASN C 158 38.32 -17.60 17.88
C ASN C 158 39.50 -18.39 17.27
N ARG C 159 40.65 -18.38 17.93
CA ARG C 159 41.80 -19.15 17.43
C ARG C 159 41.43 -20.59 17.14
N GLU C 160 40.46 -21.15 17.88
CA GLU C 160 40.09 -22.53 17.62
C GLU C 160 39.52 -22.78 16.21
N ILE C 161 39.17 -21.71 15.48
CA ILE C 161 38.65 -21.95 14.13
C ILE C 161 39.72 -22.63 13.26
N ALA C 162 41.00 -22.51 13.60
CA ALA C 162 42.04 -23.21 12.80
C ALA C 162 41.81 -24.72 12.86
N ASP C 163 41.39 -25.21 14.03
CA ASP C 163 41.04 -26.63 14.17
C ASP C 163 39.74 -26.94 13.49
N TRP C 164 38.72 -26.08 13.65
CA TRP C 164 37.45 -26.40 13.04
C TRP C 164 37.59 -26.47 11.52
N PHE C 165 38.30 -25.48 10.94
CA PHE C 165 38.43 -25.40 9.50
C PHE C 165 39.27 -26.61 9.00
N ALA C 166 40.23 -27.05 9.83
CA ALA C 166 41.04 -28.19 9.44
C ALA C 166 40.21 -29.46 9.36
N GLU C 167 39.26 -29.61 10.28
CA GLU C 167 38.38 -30.76 10.32
C GLU C 167 37.48 -30.77 9.10
N TYR C 168 36.82 -29.63 8.86
CA TYR C 168 35.95 -29.48 7.70
C TYR C 168 36.75 -29.77 6.42
N SER C 169 37.92 -29.16 6.31
CA SER C 169 38.71 -29.34 5.07
CA SER C 169 38.69 -29.33 5.08
C SER C 169 39.05 -30.82 4.86
N ARG C 170 39.43 -31.51 5.93
CA ARG C 170 39.80 -32.93 5.82
CA ARG C 170 39.80 -32.94 5.81
CA ARG C 170 39.79 -32.94 5.83
C ARG C 170 38.60 -33.77 5.34
N VAL C 171 37.43 -33.46 5.88
CA VAL C 171 36.25 -34.13 5.44
C VAL C 171 36.10 -33.96 3.94
N LEU C 172 36.23 -32.74 3.45
CA LEU C 172 36.10 -32.52 2.02
C LEU C 172 37.17 -33.29 1.23
N PHE C 173 38.40 -33.24 1.70
CA PHE C 173 39.48 -33.92 0.99
C PHE C 173 39.28 -35.45 0.93
N GLU C 174 38.92 -36.07 2.05
CA GLU C 174 38.76 -37.53 2.06
C GLU C 174 37.56 -37.93 1.19
N ASN C 175 36.49 -37.11 1.17
CA ASN C 175 35.31 -37.46 0.37
C ASN C 175 35.36 -37.14 -1.11
N PHE C 176 35.98 -36.00 -1.44
CA PHE C 176 35.95 -35.49 -2.78
C PHE C 176 37.29 -35.47 -3.48
N GLY C 177 38.37 -35.63 -2.72
CA GLY C 177 39.71 -35.49 -3.22
C GLY C 177 40.22 -36.60 -4.13
N ASP C 178 39.48 -37.70 -4.24
CA ASP C 178 39.79 -38.73 -5.25
C ASP C 178 39.49 -38.20 -6.65
N ARG C 179 38.57 -37.23 -6.76
CA ARG C 179 38.13 -36.68 -8.06
C ARG C 179 38.48 -35.20 -8.26
N VAL C 180 38.33 -34.39 -7.21
CA VAL C 180 38.70 -32.98 -7.30
C VAL C 180 40.19 -32.81 -6.98
N LYS C 181 40.91 -32.20 -7.91
CA LYS C 181 42.36 -32.07 -7.78
C LYS C 181 42.82 -30.62 -7.69
N ASN C 182 41.89 -29.67 -7.73
CA ASN C 182 42.23 -28.26 -7.67
C ASN C 182 41.34 -27.59 -6.61
N TRP C 183 41.97 -27.06 -5.56
CA TRP C 183 41.26 -26.63 -4.36
C TRP C 183 41.70 -25.24 -3.97
N ILE C 184 40.78 -24.50 -3.37
CA ILE C 184 41.01 -23.14 -2.89
C ILE C 184 40.55 -23.12 -1.43
N THR C 185 41.43 -22.70 -0.51
CA THR C 185 41.05 -22.73 0.92
C THR C 185 40.04 -21.63 1.24
N LEU C 186 40.41 -20.39 0.93
CA LEU C 186 39.57 -19.23 1.31
C LEU C 186 39.31 -18.34 0.10
N ASN C 187 38.06 -17.89 -0.04
CA ASN C 187 37.76 -16.81 -0.95
C ASN C 187 37.89 -15.47 -0.20
N GLU C 188 38.87 -14.67 -0.60
CA GLU C 188 38.98 -13.25 -0.20
C GLU C 188 38.95 -13.06 1.32
N PRO C 189 39.98 -13.56 2.00
CA PRO C 189 40.00 -13.43 3.47
C PRO C 189 39.96 -11.97 3.96
N TRP C 190 40.48 -11.03 3.15
CA TRP C 190 40.37 -9.57 3.50
C TRP C 190 38.89 -9.19 3.64
N VAL C 191 38.08 -9.66 2.71
CA VAL C 191 36.66 -9.32 2.76
C VAL C 191 36.01 -9.98 3.98
N VAL C 192 36.29 -11.28 4.19
CA VAL C 192 35.72 -11.99 5.32
C VAL C 192 36.03 -11.24 6.63
N ALA C 193 37.29 -10.84 6.79
CA ALA C 193 37.71 -10.19 8.03
C ALA C 193 37.17 -8.75 8.11
N ILE C 194 37.48 -7.97 7.09
CA ILE C 194 37.29 -6.50 7.18
C ILE C 194 35.84 -6.08 6.88
N VAL C 195 35.25 -6.62 5.80
CA VAL C 195 33.86 -6.26 5.49
C VAL C 195 32.92 -6.96 6.52
N GLY C 196 33.29 -8.19 6.92
CA GLY C 196 32.49 -8.91 7.88
C GLY C 196 32.59 -8.42 9.32
N HIS C 197 33.76 -7.95 9.72
CA HIS C 197 33.96 -7.70 11.14
C HIS C 197 34.39 -6.28 11.47
N LEU C 198 34.75 -5.47 10.46
CA LEU C 198 35.08 -4.06 10.73
C LEU C 198 33.99 -3.15 10.21
N TYR C 199 33.63 -3.29 8.94
CA TYR C 199 32.51 -2.51 8.37
C TYR C 199 31.14 -3.02 8.77
N GLY C 200 31.06 -4.29 9.11
CA GLY C 200 29.81 -4.91 9.45
C GLY C 200 28.78 -5.03 8.33
N VAL C 201 29.24 -4.93 7.08
CA VAL C 201 28.37 -4.90 5.89
C VAL C 201 28.02 -6.33 5.43
N HIS C 202 28.92 -7.27 5.74
CA HIS C 202 28.69 -8.70 5.47
C HIS C 202 28.60 -9.47 6.79
N ALA C 203 28.05 -10.68 6.74
CA ALA C 203 27.97 -11.52 7.93
C ALA C 203 29.38 -11.70 8.45
N PRO C 204 29.53 -11.76 9.79
CA PRO C 204 28.49 -11.75 10.79
C PRO C 204 28.05 -10.35 11.27
N GLY C 205 28.49 -9.30 10.60
CA GLY C 205 27.83 -8.00 10.74
C GLY C 205 28.39 -7.21 11.92
N MET C 206 29.67 -7.42 12.23
CA MET C 206 30.31 -6.79 13.39
C MET C 206 31.17 -5.58 13.03
N ARG C 207 31.39 -4.70 14.02
CA ARG C 207 32.25 -3.49 13.80
C ARG C 207 33.23 -3.30 14.93
N ASP C 208 34.34 -4.04 14.80
CA ASP C 208 35.33 -4.01 15.81
C ASP C 208 36.69 -4.32 15.18
N ILE C 209 37.55 -3.31 15.15
CA ILE C 209 38.83 -3.41 14.42
C ILE C 209 39.77 -4.45 15.03
N TYR C 210 39.68 -4.66 16.33
CA TYR C 210 40.54 -5.68 16.99
C TYR C 210 40.06 -7.08 16.59
N VAL C 211 38.75 -7.26 16.60
CA VAL C 211 38.21 -8.54 16.14
C VAL C 211 38.60 -8.73 14.64
N ALA C 212 38.48 -7.68 13.84
CA ALA C 212 38.79 -7.82 12.41
C ALA C 212 40.21 -8.30 12.15
N PHE C 213 41.17 -7.70 12.85
CA PHE C 213 42.56 -8.15 12.68
C PHE C 213 42.84 -9.51 13.21
N ARG C 214 42.14 -9.92 14.27
CA ARG C 214 42.26 -11.30 14.74
CA ARG C 214 42.30 -11.30 14.73
C ARG C 214 41.66 -12.26 13.73
N ALA C 215 40.58 -11.82 13.06
CA ALA C 215 40.06 -12.63 11.96
C ALA C 215 41.09 -12.77 10.82
N VAL C 216 41.76 -11.70 10.45
CA VAL C 216 42.75 -11.78 9.36
C VAL C 216 43.75 -12.88 9.75
N HIS C 217 44.21 -12.79 11.00
CA HIS C 217 45.25 -13.73 11.49
C HIS C 217 44.75 -15.17 11.56
N ASN C 218 43.53 -15.38 12.09
CA ASN C 218 43.01 -16.75 12.18
C ASN C 218 42.67 -17.36 10.81
N LEU C 219 42.30 -16.50 9.84
CA LEU C 219 42.09 -16.97 8.47
C LEU C 219 43.37 -17.56 7.91
N LEU C 220 44.47 -16.85 8.12
CA LEU C 220 45.77 -17.38 7.66
C LEU C 220 46.10 -18.70 8.39
N ARG C 221 45.93 -18.71 9.70
CA ARG C 221 46.21 -19.94 10.46
C ARG C 221 45.36 -21.12 9.94
N ALA C 222 44.07 -20.87 9.71
CA ALA C 222 43.19 -21.92 9.21
C ALA C 222 43.55 -22.39 7.80
N HIS C 223 43.81 -21.44 6.92
CA HIS C 223 44.34 -21.76 5.62
C HIS C 223 45.55 -22.72 5.69
N ALA C 224 46.53 -22.37 6.52
CA ALA C 224 47.78 -23.15 6.57
C ALA C 224 47.50 -24.55 7.11
N ARG C 225 46.58 -24.67 8.09
CA ARG C 225 46.22 -26.01 8.58
C ARG C 225 45.55 -26.85 7.48
N ALA C 226 44.73 -26.22 6.65
CA ALA C 226 44.07 -26.94 5.58
C ALA C 226 45.06 -27.45 4.53
N VAL C 227 46.00 -26.61 4.19
CA VAL C 227 47.01 -26.98 3.20
C VAL C 227 47.86 -28.15 3.79
N LYS C 228 48.17 -28.09 5.07
CA LYS C 228 48.98 -29.16 5.68
C LYS C 228 48.24 -30.53 5.61
N VAL C 229 46.95 -30.56 5.95
CA VAL C 229 46.23 -31.81 5.86
C VAL C 229 45.96 -32.21 4.40
N PHE C 230 45.82 -31.23 3.50
CA PHE C 230 45.72 -31.53 2.06
C PHE C 230 46.88 -32.42 1.60
N ARG C 231 48.10 -32.06 1.97
CA ARG C 231 49.30 -32.82 1.54
C ARG C 231 49.22 -34.30 2.00
N GLU C 232 48.47 -34.53 3.07
CA GLU C 232 48.33 -35.84 3.69
C GLU C 232 47.19 -36.67 3.10
N THR C 233 46.30 -36.02 2.36
CA THR C 233 45.03 -36.65 2.05
C THR C 233 44.67 -36.65 0.57
N VAL C 234 45.29 -35.80 -0.24
CA VAL C 234 44.93 -35.78 -1.65
C VAL C 234 46.10 -36.08 -2.53
N LYS C 235 45.89 -37.02 -3.43
CA LYS C 235 46.98 -37.48 -4.25
C LYS C 235 46.97 -36.65 -5.53
N ASP C 236 48.13 -36.12 -5.90
CA ASP C 236 48.27 -35.41 -7.17
C ASP C 236 47.38 -34.16 -7.24
N GLY C 237 47.23 -33.48 -6.12
CA GLY C 237 46.33 -32.32 -6.03
C GLY C 237 47.11 -31.01 -5.99
N LYS C 238 46.46 -29.91 -6.33
CA LYS C 238 47.02 -28.59 -6.13
C LYS C 238 46.06 -27.77 -5.28
N ILE C 239 46.64 -26.94 -4.42
CA ILE C 239 45.81 -26.08 -3.54
C ILE C 239 46.33 -24.69 -3.50
N GLY C 240 45.40 -23.73 -3.34
CA GLY C 240 45.75 -22.35 -3.45
C GLY C 240 44.80 -21.57 -2.55
N ILE C 241 44.73 -20.27 -2.77
CA ILE C 241 43.94 -19.35 -1.95
C ILE C 241 43.72 -18.12 -2.84
N VAL C 242 42.56 -17.47 -2.66
CA VAL C 242 42.04 -16.42 -3.54
C VAL C 242 41.96 -15.08 -2.83
N PHE C 243 42.50 -14.03 -3.46
CA PHE C 243 42.49 -12.66 -2.88
C PHE C 243 41.72 -11.69 -3.74
N ASN C 244 41.02 -10.76 -3.09
CA ASN C 244 40.45 -9.63 -3.83
C ASN C 244 41.59 -8.66 -4.10
N ASN C 245 41.49 -7.86 -5.16
CA ASN C 245 42.52 -6.88 -5.50
C ASN C 245 41.87 -5.71 -6.24
N GLY C 246 42.34 -4.50 -5.95
CA GLY C 246 42.03 -3.35 -6.80
C GLY C 246 43.31 -2.75 -7.36
N TYR C 247 43.17 -1.98 -8.43
CA TYR C 247 44.32 -1.25 -8.95
C TYR C 247 44.26 0.18 -8.47
N PHE C 248 45.14 0.48 -7.51
CA PHE C 248 45.12 1.79 -6.84
C PHE C 248 46.12 2.69 -7.55
N GLU C 249 45.70 3.93 -7.85
CA GLU C 249 46.61 4.88 -8.47
C GLU C 249 46.57 6.16 -7.65
N PRO C 250 47.69 6.93 -7.63
CA PRO C 250 47.77 8.13 -6.80
C PRO C 250 47.01 9.33 -7.37
N ALA C 251 46.31 10.08 -6.51
CA ALA C 251 45.59 11.26 -7.00
C ALA C 251 46.55 12.34 -7.50
N SER C 252 47.80 12.27 -7.07
CA SER C 252 48.79 13.23 -7.50
C SER C 252 50.15 12.61 -7.30
N GLU C 253 51.19 13.32 -7.76
CA GLU C 253 52.58 12.92 -7.58
C GLU C 253 53.16 13.27 -6.20
N LYS C 254 52.41 13.97 -5.35
CA LYS C 254 52.86 14.17 -3.97
C LYS C 254 53.22 12.83 -3.31
N GLU C 255 54.37 12.81 -2.64
CA GLU C 255 54.86 11.61 -1.98
C GLU C 255 53.86 10.94 -1.03
N GLU C 256 53.06 11.74 -0.33
CA GLU C 256 52.07 11.17 0.58
C GLU C 256 50.94 10.44 -0.19
N ASP C 257 50.65 10.87 -1.42
CA ASP C 257 49.67 10.17 -2.25
C ASP C 257 50.25 8.85 -2.78
N ILE C 258 51.52 8.87 -3.16
CA ILE C 258 52.16 7.66 -3.62
C ILE C 258 52.24 6.66 -2.46
N ARG C 259 52.49 7.16 -1.26
CA ARG C 259 52.52 6.31 -0.05
C ARG C 259 51.14 5.75 0.29
N ALA C 260 50.10 6.58 0.22
CA ALA C 260 48.73 6.13 0.36
C ALA C 260 48.43 4.93 -0.59
N VAL C 261 48.91 5.00 -1.83
CA VAL C 261 48.73 3.88 -2.77
C VAL C 261 49.46 2.62 -2.27
N ARG C 262 50.68 2.78 -1.79
CA ARG C 262 51.41 1.64 -1.28
C ARG C 262 50.66 1.00 -0.10
N PHE C 263 50.13 1.83 0.79
CA PHE C 263 49.41 1.28 1.92
C PHE C 263 48.15 0.55 1.43
N MET C 264 47.43 1.15 0.51
CA MET C 264 46.24 0.47 -0.03
C MET C 264 46.55 -0.89 -0.73
N HIS C 265 47.64 -0.97 -1.48
CA HIS C 265 48.06 -2.23 -2.07
C HIS C 265 48.42 -3.23 -0.99
N GLN C 266 49.19 -2.82 0.02
CA GLN C 266 49.62 -3.77 1.02
C GLN C 266 48.46 -4.30 1.86
N PHE C 267 47.48 -3.43 2.11
CA PHE C 267 46.39 -3.79 2.99
C PHE C 267 45.25 -4.47 2.27
N ASN C 268 44.82 -3.91 1.13
CA ASN C 268 43.62 -4.39 0.44
C ASN C 268 43.85 -5.50 -0.56
N ASN C 269 45.09 -5.63 -1.03
CA ASN C 269 45.39 -6.62 -2.05
C ASN C 269 46.19 -7.81 -1.48
N TYR C 270 46.64 -8.69 -2.36
CA TYR C 270 47.27 -9.95 -1.89
C TYR C 270 48.40 -9.83 -0.84
N PRO C 271 49.19 -8.72 -0.79
CA PRO C 271 50.35 -8.72 0.15
C PRO C 271 49.96 -8.95 1.61
N LEU C 272 48.77 -8.50 2.00
CA LEU C 272 48.34 -8.68 3.37
C LEU C 272 48.49 -10.15 3.77
N PHE C 273 48.25 -11.07 2.82
CA PHE C 273 48.29 -12.52 3.12
C PHE C 273 49.52 -13.19 2.55
N LEU C 274 49.99 -12.69 1.42
CA LEU C 274 51.14 -13.34 0.77
C LEU C 274 52.46 -12.94 1.45
N ASN C 275 52.50 -11.79 2.10
CA ASN C 275 53.74 -11.44 2.81
C ASN C 275 53.92 -12.43 3.95
N PRO C 276 52.84 -12.71 4.71
CA PRO C 276 52.99 -13.79 5.71
C PRO C 276 53.31 -15.18 5.13
N ILE C 277 52.61 -15.59 4.07
CA ILE C 277 52.80 -16.93 3.51
C ILE C 277 54.24 -17.09 2.95
N TYR C 278 54.70 -16.10 2.19
CA TYR C 278 56.03 -16.16 1.53
C TYR C 278 57.20 -15.56 2.33
N ARG C 279 56.92 -14.63 3.24
CA ARG C 279 58.00 -13.96 3.96
C ARG C 279 57.92 -14.08 5.48
N GLY C 280 56.83 -14.58 6.03
CA GLY C 280 56.76 -14.78 7.47
C GLY C 280 56.38 -13.57 8.32
N ASP C 281 55.79 -12.54 7.73
CA ASP C 281 55.29 -11.43 8.51
C ASP C 281 54.33 -10.59 7.67
N TYR C 282 53.54 -9.75 8.33
CA TYR C 282 52.63 -8.83 7.62
C TYR C 282 53.46 -7.80 6.85
N PRO C 283 52.88 -7.13 5.83
CA PRO C 283 53.59 -6.04 5.19
C PRO C 283 53.89 -4.85 6.13
N GLU C 284 55.01 -4.17 5.84
CA GLU C 284 55.49 -3.06 6.68
C GLU C 284 54.44 -2.00 7.02
N LEU C 285 53.71 -1.53 6.01
CA LEU C 285 52.77 -0.43 6.24
C LEU C 285 51.48 -0.90 6.90
N VAL C 286 51.18 -2.20 6.80
CA VAL C 286 50.05 -2.76 7.54
C VAL C 286 50.44 -2.84 9.02
N LEU C 287 51.67 -3.27 9.27
CA LEU C 287 52.13 -3.36 10.67
C LEU C 287 52.18 -1.95 11.28
N GLU C 288 52.55 -0.96 10.47
CA GLU C 288 52.56 0.43 10.93
C GLU C 288 51.20 0.89 11.43
N PHE C 289 50.16 0.54 10.67
CA PHE C 289 48.77 0.90 10.98
C PHE C 289 48.16 -0.02 12.01
N ALA C 290 48.46 -1.32 11.94
CA ALA C 290 47.64 -2.32 12.64
C ALA C 290 48.34 -3.21 13.65
N ARG C 291 49.61 -2.95 13.99
CA ARG C 291 50.24 -3.82 14.96
C ARG C 291 49.42 -3.85 16.25
N GLU C 292 48.86 -2.69 16.60
CA GLU C 292 48.08 -2.56 17.82
CA GLU C 292 48.05 -2.53 17.81
C GLU C 292 46.91 -3.54 17.89
N TYR C 293 46.34 -3.86 16.73
CA TYR C 293 45.11 -4.68 16.64
C TYR C 293 45.32 -6.17 16.54
N LEU C 294 46.53 -6.54 16.15
CA LEU C 294 46.91 -7.93 16.01
C LEU C 294 47.17 -8.56 17.38
N PRO C 295 47.02 -9.88 17.48
CA PRO C 295 47.39 -10.53 18.73
C PRO C 295 48.85 -10.21 19.07
N GLU C 296 49.11 -9.96 20.35
N GLU C 296 49.16 -10.04 20.35
CA GLU C 296 50.48 -9.94 20.81
CA GLU C 296 50.53 -9.65 20.76
C GLU C 296 50.95 -11.36 20.53
C GLU C 296 51.67 -10.57 20.24
N ASN C 297 52.19 -11.46 20.07
N ASN C 297 51.48 -11.88 20.35
CA ASN C 297 52.75 -12.77 19.81
CA ASN C 297 52.50 -12.83 19.91
C ASN C 297 52.21 -13.41 18.52
C ASN C 297 52.15 -13.42 18.54
N TYR C 298 51.53 -12.63 17.68
CA TYR C 298 51.01 -13.15 16.41
C TYR C 298 52.14 -13.80 15.63
N LYS C 299 53.37 -13.33 15.82
CA LYS C 299 54.45 -13.80 14.94
C LYS C 299 54.86 -15.25 15.24
N ASP C 300 54.51 -15.71 16.43
CA ASP C 300 54.72 -17.11 16.78
C ASP C 300 54.01 -18.06 15.81
N ASP C 301 52.97 -17.57 15.12
CA ASP C 301 52.21 -18.43 14.26
C ASP C 301 52.73 -18.41 12.83
N MET C 302 53.69 -17.53 12.55
CA MET C 302 54.14 -17.33 11.16
C MET C 302 54.83 -18.52 10.51
N SER C 303 55.58 -19.29 11.27
CA SER C 303 56.27 -20.41 10.66
CA SER C 303 56.28 -20.42 10.66
C SER C 303 55.27 -21.41 10.09
N GLU C 304 54.20 -21.67 10.83
CA GLU C 304 53.16 -22.57 10.33
C GLU C 304 52.37 -21.95 9.18
N ILE C 305 52.16 -20.64 9.25
CA ILE C 305 51.48 -19.90 8.15
C ILE C 305 52.22 -20.05 6.80
N GLN C 306 53.54 -20.29 6.82
CA GLN C 306 54.32 -20.38 5.57
C GLN C 306 54.23 -21.74 4.84
N GLU C 307 53.30 -22.58 5.26
CA GLU C 307 52.99 -23.84 4.60
C GLU C 307 52.93 -23.60 3.09
N LYS C 308 53.71 -24.38 2.31
CA LYS C 308 53.82 -24.12 0.87
C LYS C 308 52.50 -24.29 0.08
N ILE C 309 52.19 -23.32 -0.78
CA ILE C 309 50.99 -23.41 -1.62
C ILE C 309 51.34 -23.62 -3.09
N ASP C 310 50.40 -24.08 -3.90
CA ASP C 310 50.69 -24.37 -5.31
C ASP C 310 50.38 -23.22 -6.29
N PHE C 311 49.38 -22.42 -5.92
CA PHE C 311 48.96 -21.35 -6.84
C PHE C 311 48.28 -20.24 -6.02
N VAL C 312 48.26 -19.04 -6.60
CA VAL C 312 47.55 -17.88 -6.05
C VAL C 312 46.39 -17.55 -6.99
N GLY C 313 45.18 -17.43 -6.44
CA GLY C 313 44.03 -16.97 -7.22
C GLY C 313 43.85 -15.48 -6.94
N LEU C 314 43.80 -14.68 -8.00
CA LEU C 314 43.51 -13.25 -7.87
C LEU C 314 42.13 -12.94 -8.50
N ASN C 315 41.30 -12.25 -7.73
CA ASN C 315 40.05 -11.69 -8.25
C ASN C 315 40.34 -10.23 -8.54
N TYR C 316 39.70 -9.68 -9.58
CA TYR C 316 39.94 -8.31 -9.96
C TYR C 316 38.69 -7.80 -10.65
N TYR C 317 38.20 -6.64 -10.20
CA TYR C 317 37.06 -5.99 -10.83
C TYR C 317 37.26 -4.50 -11.17
N SER C 318 38.08 -3.78 -10.40
CA SER C 318 38.01 -2.33 -10.46
CA SER C 318 37.99 -2.32 -10.40
C SER C 318 39.30 -1.62 -10.08
N GLY C 319 39.36 -0.34 -10.50
CA GLY C 319 40.48 0.53 -10.22
C GLY C 319 40.00 1.67 -9.33
N HIS C 320 40.93 2.22 -8.53
CA HIS C 320 40.60 3.27 -7.56
C HIS C 320 41.69 4.34 -7.49
N LEU C 321 41.28 5.60 -7.63
CA LEU C 321 42.14 6.74 -7.37
C LEU C 321 42.14 6.99 -5.84
N VAL C 322 43.33 7.13 -5.26
CA VAL C 322 43.42 7.30 -3.81
CA VAL C 322 43.41 7.32 -3.82
C VAL C 322 44.32 8.48 -3.45
N LYS C 323 44.04 9.12 -2.32
CA LYS C 323 44.95 10.17 -1.83
C LYS C 323 45.16 10.08 -0.32
N PHE C 324 46.25 10.66 0.13
CA PHE C 324 46.46 10.89 1.53
C PHE C 324 45.37 11.84 2.03
N ASP C 325 44.80 11.50 3.18
CA ASP C 325 43.73 12.29 3.77
C ASP C 325 43.95 12.24 5.28
N PRO C 326 44.35 13.39 5.86
CA PRO C 326 44.82 13.34 7.25
C PRO C 326 43.69 13.05 8.23
N ASP C 327 42.46 13.26 7.79
CA ASP C 327 41.30 13.07 8.62
C ASP C 327 40.49 11.85 8.23
N ALA C 328 41.16 10.78 7.83
CA ALA C 328 40.47 9.57 7.41
C ALA C 328 41.04 8.37 8.15
N PRO C 329 40.22 7.35 8.42
CA PRO C 329 40.78 6.12 9.00
C PRO C 329 41.90 5.61 8.07
N ALA C 330 43.05 5.30 8.66
CA ALA C 330 44.24 4.90 7.92
C ALA C 330 44.84 6.01 7.05
N LYS C 331 44.28 7.21 7.15
CA LYS C 331 44.81 8.42 6.49
C LYS C 331 44.76 8.31 4.95
N VAL C 332 43.76 7.63 4.44
CA VAL C 332 43.62 7.47 2.99
C VAL C 332 42.16 7.64 2.64
N SER C 333 41.88 8.32 1.53
CA SER C 333 40.53 8.34 0.99
CA SER C 333 40.53 8.42 0.98
C SER C 333 40.51 8.10 -0.52
N PHE C 334 39.38 7.56 -1.01
CA PHE C 334 39.26 7.30 -2.43
C PHE C 334 38.86 8.62 -3.07
N VAL C 335 39.24 8.82 -4.32
CA VAL C 335 38.78 9.97 -5.09
C VAL C 335 38.02 9.49 -6.32
N GLU C 336 36.79 9.93 -6.47
CA GLU C 336 35.99 9.50 -7.61
C GLU C 336 36.55 10.00 -8.95
N ARG C 337 36.57 9.14 -9.98
CA ARG C 337 36.99 9.60 -11.30
C ARG C 337 35.86 9.52 -12.30
N ASP C 338 35.97 10.32 -13.33
CA ASP C 338 35.03 10.32 -14.42
C ASP C 338 35.37 9.25 -15.42
N LEU C 339 35.27 7.99 -15.02
CA LEU C 339 35.58 6.86 -15.90
CA LEU C 339 35.57 6.88 -15.92
C LEU C 339 34.32 6.04 -16.10
N PRO C 340 34.27 5.19 -17.17
CA PRO C 340 33.15 4.29 -17.32
C PRO C 340 33.01 3.44 -16.06
N LYS C 341 31.76 3.18 -15.67
CA LYS C 341 31.43 2.45 -14.44
CA LYS C 341 31.45 2.44 -14.45
C LYS C 341 30.43 1.34 -14.73
N THR C 342 30.42 0.29 -13.90
CA THR C 342 29.42 -0.74 -14.02
C THR C 342 28.21 -0.29 -13.20
N ALA C 343 27.19 -1.14 -13.12
CA ALA C 343 26.02 -0.80 -12.28
C ALA C 343 26.29 -0.78 -10.78
N MET C 344 27.46 -1.25 -10.36
CA MET C 344 27.87 -1.10 -8.96
C MET C 344 28.46 0.30 -8.70
N GLY C 345 28.74 1.06 -9.77
CA GLY C 345 29.47 2.34 -9.62
C GLY C 345 30.96 2.12 -9.63
N TRP C 346 31.38 0.90 -9.96
CA TRP C 346 32.82 0.59 -9.94
C TRP C 346 33.48 0.98 -11.25
N GLU C 347 34.58 1.72 -11.16
CA GLU C 347 35.29 2.17 -12.33
C GLU C 347 35.96 0.99 -13.07
N ILE C 348 35.83 1.03 -14.39
CA ILE C 348 36.32 0.00 -15.29
C ILE C 348 37.71 0.40 -15.76
N VAL C 349 38.74 -0.33 -15.31
CA VAL C 349 40.13 0.02 -15.58
C VAL C 349 40.83 -1.28 -15.92
N PRO C 350 40.71 -1.73 -17.16
CA PRO C 350 41.16 -3.09 -17.50
C PRO C 350 42.68 -3.28 -17.32
N GLU C 351 43.46 -2.22 -17.49
CA GLU C 351 44.92 -2.36 -17.29
C GLU C 351 45.26 -2.75 -15.87
N GLY C 352 44.34 -2.51 -14.93
CA GLY C 352 44.62 -2.97 -13.58
C GLY C 352 44.77 -4.48 -13.44
N ILE C 353 44.15 -5.28 -14.30
CA ILE C 353 44.30 -6.74 -14.20
C ILE C 353 45.71 -7.14 -14.70
N TYR C 354 46.22 -6.40 -15.67
CA TYR C 354 47.63 -6.57 -16.10
C TYR C 354 48.56 -6.19 -14.94
N TRP C 355 48.32 -5.03 -14.34
CA TRP C 355 49.15 -4.57 -13.25
C TRP C 355 49.24 -5.55 -12.08
N ILE C 356 48.08 -6.07 -11.64
CA ILE C 356 48.08 -6.95 -10.48
CA ILE C 356 48.08 -6.93 -10.48
C ILE C 356 48.76 -8.26 -10.79
N LEU C 357 48.62 -8.73 -12.02
CA LEU C 357 49.29 -9.98 -12.42
C LEU C 357 50.82 -9.77 -12.45
N LYS C 358 51.25 -8.69 -13.08
CA LYS C 358 52.72 -8.38 -13.15
C LYS C 358 53.27 -8.24 -11.74
N LYS C 359 52.55 -7.53 -10.89
CA LYS C 359 53.03 -7.19 -9.57
C LYS C 359 53.07 -8.39 -8.66
N VAL C 360 52.10 -9.30 -8.78
CA VAL C 360 52.21 -10.49 -7.95
C VAL C 360 53.45 -11.32 -8.34
N LYS C 361 53.76 -11.36 -9.63
CA LYS C 361 54.96 -12.06 -10.07
C LYS C 361 56.24 -11.42 -9.48
N GLU C 362 56.38 -10.11 -9.66
CA GLU C 362 57.48 -9.34 -9.11
C GLU C 362 57.62 -9.43 -7.58
N GLU C 363 56.52 -9.38 -6.85
CA GLU C 363 56.63 -9.33 -5.41
C GLU C 363 56.81 -10.73 -4.78
N TYR C 364 56.11 -11.75 -5.29
CA TYR C 364 56.09 -13.05 -4.59
C TYR C 364 56.43 -14.21 -5.52
N ASN C 365 56.46 -13.98 -6.82
CA ASN C 365 56.80 -15.06 -7.76
C ASN C 365 56.13 -16.41 -7.50
N PRO C 366 54.78 -16.42 -7.39
CA PRO C 366 54.15 -17.72 -7.17
C PRO C 366 54.30 -18.60 -8.40
N PRO C 367 54.37 -19.92 -8.23
CA PRO C 367 54.61 -20.86 -9.34
C PRO C 367 53.49 -20.82 -10.40
N GLU C 368 52.25 -20.57 -9.97
CA GLU C 368 51.15 -20.49 -10.89
C GLU C 368 50.15 -19.48 -10.32
N VAL C 369 49.45 -18.80 -11.22
CA VAL C 369 48.43 -17.81 -10.85
C VAL C 369 47.20 -18.09 -11.68
N TYR C 370 46.01 -17.86 -11.11
CA TYR C 370 44.76 -17.90 -11.88
C TYR C 370 44.02 -16.62 -11.60
N ILE C 371 43.32 -16.10 -12.61
CA ILE C 371 42.32 -15.07 -12.31
C ILE C 371 41.10 -15.88 -11.92
N THR C 372 40.79 -15.85 -10.63
CA THR C 372 39.69 -16.70 -10.14
C THR C 372 38.32 -15.99 -10.17
N GLU C 373 38.29 -14.69 -10.46
CA GLU C 373 37.04 -13.96 -10.71
C GLU C 373 37.36 -12.68 -11.49
N ASN C 374 36.60 -12.42 -12.56
CA ASN C 374 36.61 -11.12 -13.18
C ASN C 374 35.23 -10.97 -13.83
N GLY C 375 34.60 -9.81 -13.73
CA GLY C 375 33.28 -9.75 -14.33
C GLY C 375 32.59 -8.45 -13.95
N ALA C 376 31.31 -8.30 -14.29
CA ALA C 376 30.69 -6.98 -14.14
C ALA C 376 29.16 -7.05 -14.00
N ALA C 377 28.61 -6.15 -13.19
CA ALA C 377 27.16 -5.98 -13.12
C ALA C 377 26.71 -4.84 -14.03
N PHE C 378 25.65 -5.15 -14.80
CA PHE C 378 24.99 -4.19 -15.69
C PHE C 378 23.51 -4.44 -15.59
N ASP C 379 22.69 -3.46 -15.98
CA ASP C 379 21.24 -3.58 -15.85
CA ASP C 379 21.25 -3.57 -15.86
C ASP C 379 20.68 -4.39 -17.00
N ASP C 380 20.89 -5.70 -16.99
CA ASP C 380 20.46 -6.54 -18.11
C ASP C 380 18.93 -6.63 -18.21
N VAL C 381 18.45 -6.62 -19.44
CA VAL C 381 17.04 -6.86 -19.74
C VAL C 381 16.88 -7.89 -20.83
N VAL C 382 15.73 -8.58 -20.83
CA VAL C 382 15.40 -9.50 -21.90
C VAL C 382 14.67 -8.74 -23.00
N SER C 383 15.23 -8.71 -24.18
CA SER C 383 14.64 -7.94 -25.27
C SER C 383 13.44 -8.70 -25.82
N GLU C 384 12.72 -8.02 -26.69
CA GLU C 384 11.55 -8.64 -27.28
C GLU C 384 11.89 -9.91 -28.07
N ASP C 385 13.10 -10.03 -28.63
CA ASP C 385 13.47 -11.28 -29.32
C ASP C 385 13.77 -12.46 -28.37
N GLY C 386 13.63 -12.21 -27.07
CA GLY C 386 13.89 -13.22 -26.02
C GLY C 386 15.36 -13.44 -25.67
N ARG C 387 16.22 -12.56 -26.17
CA ARG C 387 17.64 -12.67 -25.87
CA ARG C 387 17.65 -12.64 -25.89
C ARG C 387 18.08 -11.55 -24.92
N VAL C 388 19.27 -11.69 -24.34
CA VAL C 388 19.75 -10.67 -23.42
C VAL C 388 21.03 -10.10 -24.06
N HIS C 389 20.89 -8.93 -24.67
CA HIS C 389 22.01 -8.35 -25.42
C HIS C 389 22.88 -7.52 -24.50
N ASP C 390 23.89 -8.15 -23.88
CA ASP C 390 24.63 -7.42 -22.85
C ASP C 390 26.01 -7.04 -23.36
N GLN C 391 26.04 -6.20 -24.41
CA GLN C 391 27.29 -5.89 -25.04
C GLN C 391 28.26 -5.23 -24.05
N ASN C 392 27.75 -4.49 -23.07
CA ASN C 392 28.62 -3.83 -22.11
CA ASN C 392 28.64 -3.82 -22.08
C ASN C 392 29.50 -4.84 -21.37
N ARG C 393 28.89 -5.98 -21.06
CA ARG C 393 29.60 -7.03 -20.34
C ARG C 393 30.64 -7.66 -21.28
N ILE C 394 30.30 -7.85 -22.55
CA ILE C 394 31.29 -8.36 -23.53
C ILE C 394 32.48 -7.43 -23.61
N ASP C 395 32.22 -6.14 -23.72
CA ASP C 395 33.31 -5.20 -23.88
C ASP C 395 34.17 -5.17 -22.63
N TYR C 396 33.53 -5.26 -21.46
CA TYR C 396 34.28 -5.34 -20.19
C TYR C 396 35.18 -6.59 -20.19
N LEU C 397 34.60 -7.76 -20.46
CA LEU C 397 35.39 -8.99 -20.41
C LEU C 397 36.52 -8.99 -21.47
N LYS C 398 36.21 -8.58 -22.68
CA LYS C 398 37.19 -8.50 -23.75
C LYS C 398 38.44 -7.69 -23.33
N ALA C 399 38.23 -6.52 -22.76
CA ALA C 399 39.33 -5.64 -22.41
C ALA C 399 40.19 -6.27 -21.33
N HIS C 400 39.56 -6.86 -20.30
CA HIS C 400 40.35 -7.55 -19.25
C HIS C 400 41.07 -8.79 -19.74
N ILE C 401 40.44 -9.55 -20.63
CA ILE C 401 41.06 -10.77 -21.15
C ILE C 401 42.32 -10.37 -21.96
N GLY C 402 42.22 -9.28 -22.70
CA GLY C 402 43.39 -8.82 -23.51
C GLY C 402 44.56 -8.40 -22.62
N GLN C 403 44.23 -7.76 -21.49
CA GLN C 403 45.21 -7.36 -20.51
C GLN C 403 45.86 -8.54 -19.81
N ALA C 404 45.07 -9.58 -19.48
CA ALA C 404 45.61 -10.85 -18.97
C ALA C 404 46.57 -11.49 -19.99
N TRP C 405 46.18 -11.47 -21.26
CA TRP C 405 47.06 -11.99 -22.32
C TRP C 405 48.42 -11.25 -22.30
N LYS C 406 48.37 -9.93 -22.17
CA LYS C 406 49.60 -9.13 -22.11
C LYS C 406 50.53 -9.59 -20.95
N ALA C 407 49.95 -9.80 -19.77
CA ALA C 407 50.72 -10.32 -18.63
C ALA C 407 51.42 -11.64 -19.00
N ILE C 408 50.69 -12.53 -19.69
CA ILE C 408 51.26 -13.83 -20.07
C ILE C 408 52.48 -13.61 -21.01
N GLN C 409 52.34 -12.68 -21.95
CA GLN C 409 53.47 -12.40 -22.89
C GLN C 409 54.68 -11.90 -22.12
N GLU C 410 54.44 -11.26 -20.97
CA GLU C 410 55.53 -10.76 -20.12
C GLU C 410 55.89 -11.75 -19.01
N GLY C 411 55.51 -13.00 -19.17
CA GLY C 411 56.03 -14.03 -18.31
C GLY C 411 55.24 -14.38 -17.05
N VAL C 412 54.09 -13.74 -16.82
CA VAL C 412 53.29 -14.16 -15.66
C VAL C 412 52.79 -15.56 -15.89
N PRO C 413 53.00 -16.50 -14.94
CA PRO C 413 52.52 -17.85 -15.18
C PRO C 413 51.00 -18.02 -14.93
N LEU C 414 50.20 -17.23 -15.65
CA LEU C 414 48.73 -17.31 -15.59
C LEU C 414 48.24 -18.61 -16.25
N LYS C 415 47.66 -19.52 -15.44
CA LYS C 415 47.19 -20.81 -15.94
C LYS C 415 45.69 -20.86 -16.35
N GLY C 416 44.93 -19.82 -16.03
CA GLY C 416 43.49 -19.91 -16.25
C GLY C 416 42.80 -18.61 -15.88
N TYR C 417 41.53 -18.51 -16.27
CA TYR C 417 40.77 -17.28 -16.08
C TYR C 417 39.31 -17.66 -15.90
N PHE C 418 38.68 -17.20 -14.83
CA PHE C 418 37.29 -17.58 -14.54
C PHE C 418 36.38 -16.35 -14.52
N VAL C 419 35.29 -16.40 -15.29
CA VAL C 419 34.39 -15.28 -15.31
C VAL C 419 33.51 -15.41 -14.05
N TRP C 420 33.34 -14.31 -13.33
CA TRP C 420 32.24 -14.19 -12.36
C TRP C 420 31.09 -13.48 -13.08
N SER C 421 29.90 -14.09 -13.24
CA SER C 421 29.61 -15.44 -12.74
C SER C 421 28.95 -16.23 -13.89
N LEU C 422 28.86 -17.55 -13.75
CA LEU C 422 27.97 -18.32 -14.61
C LEU C 422 26.54 -17.74 -14.62
N LEU C 423 26.01 -17.45 -13.43
CA LEU C 423 24.58 -17.04 -13.26
C LEU C 423 24.44 -15.70 -12.57
N ASP C 424 23.46 -14.88 -12.98
CA ASP C 424 22.94 -13.83 -12.06
C ASP C 424 22.58 -14.50 -10.73
N ASN C 425 22.82 -13.83 -9.62
CA ASN C 425 22.71 -14.49 -8.35
C ASN C 425 22.60 -13.47 -7.20
N PHE C 426 22.53 -13.97 -5.98
CA PHE C 426 22.47 -13.14 -4.76
C PHE C 426 23.78 -12.42 -4.50
N GLU C 427 23.82 -11.09 -4.72
CA GLU C 427 25.07 -10.32 -4.59
C GLU C 427 25.16 -9.75 -3.19
N TRP C 428 25.14 -10.66 -2.22
CA TRP C 428 25.49 -10.34 -0.82
C TRP C 428 24.60 -9.17 -0.38
N ALA C 429 25.18 -8.12 0.16
CA ALA C 429 24.34 -7.05 0.75
C ALA C 429 23.51 -6.28 -0.28
N GLU C 430 23.85 -6.44 -1.56
CA GLU C 430 23.05 -5.84 -2.66
C GLU C 430 21.87 -6.73 -3.10
N GLY C 431 21.77 -7.96 -2.59
CA GLY C 431 20.68 -8.85 -2.98
C GLY C 431 20.67 -9.14 -4.48
N TYR C 432 19.48 -9.34 -5.03
CA TYR C 432 19.34 -9.76 -6.42
C TYR C 432 19.43 -8.63 -7.40
N SER C 433 19.54 -7.41 -6.90
CA SER C 433 19.52 -6.21 -7.74
C SER C 433 20.75 -6.07 -8.65
N LYS C 434 21.80 -6.86 -8.40
CA LYS C 434 22.99 -6.70 -9.22
C LYS C 434 23.29 -8.02 -9.92
N ARG C 435 23.25 -7.98 -11.24
CA ARG C 435 23.36 -9.17 -12.08
C ARG C 435 24.75 -9.23 -12.67
N PHE C 436 25.51 -10.29 -12.34
CA PHE C 436 26.83 -10.54 -12.91
C PHE C 436 26.92 -11.73 -13.85
N GLY C 437 25.81 -12.42 -14.14
CA GLY C 437 25.93 -13.65 -14.95
C GLY C 437 26.29 -13.47 -16.43
N ILE C 438 26.83 -14.51 -17.04
CA ILE C 438 26.79 -14.65 -18.50
C ILE C 438 25.49 -15.38 -18.91
N VAL C 439 24.73 -15.79 -17.90
CA VAL C 439 23.42 -16.41 -18.07
C VAL C 439 22.45 -15.65 -17.19
N TYR C 440 21.39 -15.16 -17.79
CA TYR C 440 20.40 -14.39 -17.08
C TYR C 440 19.47 -15.35 -16.33
N VAL C 441 19.07 -15.00 -15.10
CA VAL C 441 18.07 -15.80 -14.41
C VAL C 441 16.82 -14.95 -14.16
N ASP C 442 15.68 -15.41 -14.65
CA ASP C 442 14.40 -14.73 -14.37
C ASP C 442 13.95 -15.35 -13.06
N TYR C 443 14.01 -14.59 -11.98
CA TYR C 443 13.77 -15.15 -10.65
C TYR C 443 12.28 -15.49 -10.45
N SER C 444 11.40 -14.91 -11.25
CA SER C 444 9.98 -15.33 -11.11
C SER C 444 9.72 -16.76 -11.62
N THR C 445 10.51 -17.24 -12.58
CA THR C 445 10.25 -18.56 -13.16
C THR C 445 11.44 -19.51 -13.05
N GLN C 446 12.58 -18.97 -12.65
CA GLN C 446 13.86 -19.67 -12.65
C GLN C 446 14.39 -20.01 -14.04
N LYS C 447 13.78 -19.49 -15.10
CA LYS C 447 14.31 -19.73 -16.45
C LYS C 447 15.71 -19.17 -16.58
N ARG C 448 16.60 -19.92 -17.24
CA ARG C 448 17.93 -19.45 -17.61
C ARG C 448 17.91 -18.99 -19.06
N ILE C 449 18.49 -17.84 -19.31
CA ILE C 449 18.63 -17.34 -20.68
C ILE C 449 20.10 -17.00 -20.88
N VAL C 450 20.79 -17.79 -21.71
CA VAL C 450 22.19 -17.45 -21.95
C VAL C 450 22.29 -16.04 -22.58
N LYS C 451 23.12 -15.17 -21.98
CA LYS C 451 23.30 -13.83 -22.52
C LYS C 451 24.23 -13.85 -23.73
N ASP C 452 24.24 -12.77 -24.51
CA ASP C 452 25.23 -12.64 -25.58
C ASP C 452 26.63 -12.89 -25.04
N SER C 453 26.94 -12.40 -23.84
CA SER C 453 28.29 -12.59 -23.28
C SER C 453 28.63 -14.07 -23.14
N GLY C 454 27.64 -14.91 -22.79
CA GLY C 454 27.83 -16.37 -22.70
C GLY C 454 28.24 -16.95 -24.06
N TYR C 455 27.52 -16.58 -25.11
CA TYR C 455 27.88 -17.08 -26.46
C TYR C 455 29.20 -16.50 -26.93
N TRP C 456 29.45 -15.23 -26.60
CA TRP C 456 30.76 -14.60 -26.91
C TRP C 456 31.90 -15.36 -26.19
N TYR C 457 31.72 -15.62 -24.91
CA TYR C 457 32.77 -16.29 -24.14
C TYR C 457 32.99 -17.73 -24.67
N SER C 458 31.91 -18.37 -25.07
CA SER C 458 31.98 -19.70 -25.68
C SER C 458 32.96 -19.67 -26.87
N ASN C 459 32.86 -18.61 -27.68
CA ASN C 459 33.74 -18.45 -28.81
CA ASN C 459 33.75 -18.43 -28.82
C ASN C 459 35.19 -18.16 -28.39
N VAL C 460 35.35 -17.39 -27.32
CA VAL C 460 36.71 -17.16 -26.80
C VAL C 460 37.32 -18.50 -26.42
N VAL C 461 36.55 -19.33 -25.72
CA VAL C 461 37.11 -20.62 -25.26
C VAL C 461 37.45 -21.47 -26.50
N LYS C 462 36.53 -21.50 -27.46
CA LYS C 462 36.76 -22.29 -28.69
C LYS C 462 38.05 -21.91 -29.42
N ASN C 463 38.28 -20.60 -29.55
CA ASN C 463 39.48 -20.08 -30.22
C ASN C 463 40.71 -19.97 -29.31
N ASN C 464 40.54 -20.33 -28.05
CA ASN C 464 41.60 -20.15 -27.04
C ASN C 464 42.15 -18.74 -27.06
N GLY C 465 41.24 -17.77 -27.19
CA GLY C 465 41.66 -16.38 -27.12
C GLY C 465 40.75 -15.43 -27.90
N LEU C 466 41.28 -14.25 -28.20
CA LEU C 466 40.52 -13.16 -28.80
C LEU C 466 40.94 -13.01 -30.25
N GLU C 467 40.01 -12.64 -31.11
CA GLU C 467 40.39 -12.57 -32.53
C GLU C 467 39.90 -11.27 -33.16
N VAL D 25 -17.45 6.25 -64.73
CA VAL D 25 -17.86 5.38 -63.58
C VAL D 25 -16.80 5.25 -62.47
N LYS D 26 -17.24 4.88 -61.27
CA LYS D 26 -16.35 4.63 -60.14
C LYS D 26 -16.56 3.18 -59.68
N LYS D 27 -15.72 2.29 -60.18
CA LYS D 27 -15.82 0.86 -59.87
C LYS D 27 -15.00 0.48 -58.63
N PHE D 28 -15.61 -0.30 -57.73
CA PHE D 28 -14.95 -0.69 -56.50
C PHE D 28 -14.10 -1.91 -56.74
N PRO D 29 -13.27 -2.27 -55.75
CA PRO D 29 -12.45 -3.49 -55.92
C PRO D 29 -13.28 -4.76 -56.06
N GLU D 30 -12.67 -5.73 -56.75
CA GLU D 30 -13.28 -7.04 -56.81
C GLU D 30 -13.48 -7.56 -55.40
N GLY D 31 -14.67 -8.10 -55.13
CA GLY D 31 -14.94 -8.69 -53.83
C GLY D 31 -15.46 -7.69 -52.81
N PHE D 32 -15.55 -6.43 -53.20
CA PHE D 32 -16.07 -5.42 -52.29
C PHE D 32 -17.46 -5.80 -51.79
N LEU D 33 -17.70 -5.63 -50.50
CA LEU D 33 -18.93 -6.17 -49.89
C LEU D 33 -19.98 -5.07 -49.68
N TRP D 34 -21.09 -5.12 -50.42
CA TRP D 34 -22.11 -4.11 -50.26
C TRP D 34 -23.19 -4.64 -49.34
N GLY D 35 -23.57 -3.86 -48.34
CA GLY D 35 -24.51 -4.38 -47.32
C GLY D 35 -25.58 -3.37 -46.93
N VAL D 36 -26.46 -3.82 -46.04
CA VAL D 36 -27.45 -2.97 -45.39
C VAL D 36 -27.45 -3.41 -43.92
N ALA D 37 -27.82 -2.51 -43.02
CA ALA D 37 -27.67 -2.75 -41.58
C ALA D 37 -28.97 -2.43 -40.87
N THR D 38 -29.27 -3.22 -39.83
CA THR D 38 -30.33 -2.93 -38.83
C THR D 38 -29.82 -3.24 -37.43
N ALA D 39 -30.69 -3.06 -36.42
CA ALA D 39 -30.37 -3.45 -35.05
C ALA D 39 -31.63 -4.04 -34.43
N SER D 40 -31.43 -4.95 -33.47
CA SER D 40 -32.50 -5.79 -32.94
C SER D 40 -33.62 -4.96 -32.39
N TYR D 41 -33.33 -4.07 -31.45
CA TYR D 41 -34.44 -3.36 -30.79
C TYR D 41 -35.17 -2.43 -31.77
N GLN D 42 -34.47 -1.97 -32.80
CA GLN D 42 -35.06 -0.98 -33.69
C GLN D 42 -36.07 -1.57 -34.63
N ILE D 43 -35.93 -2.86 -34.96
CA ILE D 43 -36.83 -3.47 -35.96
C ILE D 43 -37.70 -4.63 -35.46
N GLU D 44 -37.27 -5.30 -34.39
CA GLU D 44 -37.90 -6.58 -34.09
C GLU D 44 -39.34 -6.53 -33.56
N GLY D 45 -39.56 -5.67 -32.57
CA GLY D 45 -40.80 -5.75 -31.75
C GLY D 45 -40.79 -7.06 -30.95
N SER D 46 -41.91 -7.34 -30.27
CA SER D 46 -42.04 -8.60 -29.47
C SER D 46 -40.89 -8.76 -28.45
N PRO D 47 -40.63 -7.72 -27.64
CA PRO D 47 -39.43 -7.78 -26.79
C PRO D 47 -39.51 -8.83 -25.69
N LEU D 48 -40.71 -9.32 -25.38
CA LEU D 48 -40.87 -10.27 -24.28
C LEU D 48 -41.37 -11.61 -24.80
N ALA D 49 -41.31 -11.79 -26.12
CA ALA D 49 -41.78 -13.04 -26.73
C ALA D 49 -40.85 -14.21 -26.37
N ASP D 50 -41.44 -15.38 -26.13
CA ASP D 50 -40.73 -16.67 -26.19
C ASP D 50 -39.60 -16.72 -25.14
N GLY D 51 -39.91 -16.25 -23.95
CA GLY D 51 -39.01 -16.27 -22.79
C GLY D 51 -37.90 -15.23 -22.73
N ALA D 52 -37.94 -14.24 -23.63
CA ALA D 52 -36.98 -13.15 -23.55
C ALA D 52 -37.12 -12.35 -22.26
N GLY D 53 -35.98 -11.90 -21.77
CA GLY D 53 -35.94 -10.97 -20.64
C GLY D 53 -36.05 -9.53 -21.11
N MET D 54 -36.48 -8.66 -20.21
CA MET D 54 -36.48 -7.23 -20.51
C MET D 54 -35.07 -6.72 -20.78
N SER D 55 -34.95 -5.78 -21.73
CA SER D 55 -33.75 -4.97 -21.95
C SER D 55 -33.92 -3.59 -21.33
N ILE D 56 -32.81 -2.86 -21.23
CA ILE D 56 -32.84 -1.47 -20.75
C ILE D 56 -33.58 -0.59 -21.72
N TRP D 57 -33.68 -1.00 -22.99
CA TRP D 57 -34.49 -0.15 -23.91
C TRP D 57 -35.99 -0.35 -23.77
N HIS D 58 -36.38 -1.54 -23.36
CA HIS D 58 -37.79 -1.73 -23.02
C HIS D 58 -38.19 -0.82 -21.82
N THR D 59 -37.41 -0.87 -20.76
CA THR D 59 -37.74 -0.11 -19.52
C THR D 59 -37.59 1.40 -19.74
N PHE D 60 -36.54 1.78 -20.49
CA PHE D 60 -36.30 3.20 -20.76
C PHE D 60 -37.43 3.76 -21.65
N SER D 61 -37.77 3.06 -22.73
CA SER D 61 -38.81 3.58 -23.64
C SER D 61 -40.19 3.51 -22.98
N HIS D 62 -40.38 2.60 -22.04
CA HIS D 62 -41.67 2.60 -21.31
C HIS D 62 -41.71 3.57 -20.13
N THR D 63 -40.70 4.40 -20.00
CA THR D 63 -40.67 5.46 -18.99
C THR D 63 -41.13 6.79 -19.63
N PRO D 64 -42.17 7.42 -19.08
CA PRO D 64 -42.67 8.62 -19.74
C PRO D 64 -41.60 9.67 -19.88
N GLY D 65 -41.59 10.34 -21.02
CA GLY D 65 -40.74 11.48 -21.20
C GLY D 65 -39.44 11.14 -21.88
N ASN D 66 -39.11 9.85 -22.02
CA ASN D 66 -37.80 9.52 -22.56
C ASN D 66 -37.72 9.47 -24.08
N VAL D 67 -38.84 9.19 -24.75
CA VAL D 67 -38.83 8.99 -26.21
C VAL D 67 -39.92 9.82 -26.82
N LYS D 68 -39.60 10.47 -27.94
CA LYS D 68 -40.56 11.32 -28.66
C LYS D 68 -41.87 10.57 -28.90
N ASN D 69 -42.98 11.27 -28.65
CA ASN D 69 -44.32 10.71 -28.86
C ASN D 69 -44.68 9.50 -27.99
N GLY D 70 -43.87 9.18 -26.99
CA GLY D 70 -44.12 7.97 -26.20
C GLY D 70 -43.91 6.67 -27.01
N ASP D 71 -43.15 6.75 -28.09
CA ASP D 71 -42.88 5.57 -28.94
C ASP D 71 -42.05 4.53 -28.19
N THR D 72 -42.30 3.25 -28.46
CA THR D 72 -41.49 2.22 -27.82
C THR D 72 -41.12 1.22 -28.90
N GLY D 73 -40.26 0.28 -28.54
CA GLY D 73 -39.90 -0.82 -29.45
C GLY D 73 -40.85 -2.03 -29.39
N ASP D 74 -42.05 -1.86 -28.80
CA ASP D 74 -42.90 -3.04 -28.60
C ASP D 74 -43.27 -3.72 -29.94
N VAL D 75 -43.50 -2.93 -30.99
CA VAL D 75 -43.89 -3.48 -32.28
C VAL D 75 -42.81 -3.22 -33.33
N ALA D 76 -42.35 -1.97 -33.43
CA ALA D 76 -41.36 -1.58 -34.43
C ALA D 76 -41.78 -2.04 -35.83
N CYS D 77 -40.91 -2.76 -36.55
CA CYS D 77 -41.22 -3.26 -37.88
C CYS D 77 -41.77 -4.71 -37.85
N ASP D 78 -42.03 -5.21 -36.64
CA ASP D 78 -42.51 -6.57 -36.47
C ASP D 78 -41.61 -7.57 -37.19
N HIS D 79 -40.31 -7.27 -37.23
CA HIS D 79 -39.36 -8.19 -37.88
C HIS D 79 -39.29 -9.53 -37.10
N TYR D 80 -39.70 -9.52 -35.86
CA TYR D 80 -39.69 -10.80 -35.12
C TYR D 80 -40.59 -11.81 -35.87
N ASN D 81 -41.64 -11.30 -36.52
CA ASN D 81 -42.53 -12.15 -37.30
C ASN D 81 -42.28 -12.11 -38.80
N ARG D 82 -41.76 -11.00 -39.30
CA ARG D 82 -41.70 -10.75 -40.75
C ARG D 82 -40.31 -10.90 -41.31
N TRP D 83 -39.40 -11.49 -40.53
CA TRP D 83 -37.99 -11.54 -40.87
C TRP D 83 -37.79 -12.15 -42.26
N LYS D 84 -38.61 -13.15 -42.60
CA LYS D 84 -38.38 -13.84 -43.88
C LYS D 84 -38.63 -12.91 -45.07
N GLU D 85 -39.72 -12.15 -45.00
CA GLU D 85 -40.04 -11.17 -46.02
C GLU D 85 -38.89 -10.16 -46.16
N ASP D 86 -38.39 -9.68 -45.03
CA ASP D 86 -37.29 -8.69 -45.07
C ASP D 86 -36.02 -9.26 -45.71
N ILE D 87 -35.63 -10.47 -45.33
CA ILE D 87 -34.47 -11.09 -46.00
C ILE D 87 -34.78 -11.29 -47.50
N GLU D 88 -36.02 -11.61 -47.84
CA GLU D 88 -36.38 -11.72 -49.27
C GLU D 88 -36.19 -10.39 -50.02
N ILE D 89 -36.36 -9.26 -49.32
CA ILE D 89 -36.11 -7.97 -49.94
C ILE D 89 -34.60 -7.81 -50.18
N ILE D 90 -33.79 -8.16 -49.18
CA ILE D 90 -32.34 -8.09 -49.36
C ILE D 90 -31.92 -8.88 -50.59
N GLU D 91 -32.40 -10.11 -50.69
CA GLU D 91 -32.15 -10.99 -51.82
C GLU D 91 -32.59 -10.38 -53.15
N LYS D 92 -33.82 -9.89 -53.18
CA LYS D 92 -34.40 -9.37 -54.40
C LYS D 92 -33.63 -8.14 -54.89
N LEU D 93 -33.04 -7.37 -53.97
CA LEU D 93 -32.21 -6.24 -54.35
C LEU D 93 -30.77 -6.63 -54.71
N GLY D 94 -30.40 -7.88 -54.46
CA GLY D 94 -29.04 -8.34 -54.81
C GLY D 94 -28.01 -7.86 -53.81
N VAL D 95 -28.46 -7.39 -52.63
CA VAL D 95 -27.52 -6.90 -51.61
C VAL D 95 -26.76 -8.11 -51.03
N LYS D 96 -25.45 -7.97 -50.90
CA LYS D 96 -24.63 -9.14 -50.62
C LYS D 96 -24.32 -9.39 -49.15
N ALA D 97 -24.54 -8.39 -48.29
CA ALA D 97 -24.28 -8.60 -46.88
C ALA D 97 -25.36 -7.92 -45.99
N TYR D 98 -25.65 -8.54 -44.85
CA TYR D 98 -26.64 -7.97 -43.93
C TYR D 98 -26.00 -7.85 -42.54
N ARG D 99 -25.86 -6.61 -42.06
CA ARG D 99 -25.38 -6.41 -40.69
C ARG D 99 -26.60 -6.30 -39.78
N PHE D 100 -26.68 -7.18 -38.78
CA PHE D 100 -27.80 -7.16 -37.85
C PHE D 100 -27.28 -7.41 -36.45
N SER D 101 -28.11 -7.15 -35.41
CA SER D 101 -27.64 -7.32 -34.07
C SER D 101 -28.47 -8.39 -33.38
N ILE D 102 -27.85 -9.00 -32.38
CA ILE D 102 -28.54 -9.95 -31.55
C ILE D 102 -28.99 -9.36 -30.21
N SER D 103 -30.23 -9.64 -29.81
CA SER D 103 -30.71 -9.17 -28.51
C SER D 103 -30.17 -10.07 -27.41
N TRP D 104 -29.21 -9.57 -26.62
CA TRP D 104 -28.68 -10.29 -25.47
C TRP D 104 -29.80 -10.91 -24.60
N PRO D 105 -30.85 -10.13 -24.27
CA PRO D 105 -31.80 -10.75 -23.34
C PRO D 105 -32.77 -11.77 -23.99
N ARG D 106 -32.80 -11.84 -25.34
CA ARG D 106 -33.45 -12.99 -25.98
C ARG D 106 -32.63 -14.27 -25.73
N ILE D 107 -31.32 -14.13 -25.54
CA ILE D 107 -30.41 -15.28 -25.50
C ILE D 107 -30.18 -15.72 -24.06
N LEU D 108 -29.90 -14.74 -23.21
CA LEU D 108 -29.74 -14.92 -21.76
C LEU D 108 -30.66 -13.94 -21.06
N PRO D 109 -31.89 -14.38 -20.76
CA PRO D 109 -32.91 -13.50 -20.22
C PRO D 109 -32.48 -12.81 -18.93
N GLU D 110 -31.63 -13.47 -18.14
CA GLU D 110 -31.11 -12.88 -16.90
CA GLU D 110 -31.13 -12.86 -16.90
C GLU D 110 -29.70 -12.32 -17.08
N GLY D 111 -29.21 -12.27 -18.33
CA GLY D 111 -27.90 -11.69 -18.60
C GLY D 111 -26.77 -12.71 -18.58
N THR D 112 -26.77 -13.55 -17.56
CA THR D 112 -25.86 -14.70 -17.51
C THR D 112 -26.70 -15.91 -17.11
N GLY D 113 -26.10 -17.09 -17.23
CA GLY D 113 -26.78 -18.29 -16.73
C GLY D 113 -27.56 -18.98 -17.82
N ARG D 114 -28.83 -19.27 -17.57
CA ARG D 114 -29.56 -20.12 -18.50
C ARG D 114 -29.76 -19.48 -19.88
N VAL D 115 -29.54 -20.29 -20.91
CA VAL D 115 -29.74 -19.87 -22.31
C VAL D 115 -31.19 -20.16 -22.76
N ASN D 116 -31.79 -19.18 -23.42
CA ASN D 116 -33.13 -19.32 -23.92
C ASN D 116 -33.12 -19.95 -25.34
N GLN D 117 -33.50 -21.24 -25.43
CA GLN D 117 -33.38 -21.96 -26.70
C GLN D 117 -34.16 -21.26 -27.82
N LYS D 118 -35.33 -20.74 -27.49
CA LYS D 118 -36.15 -20.06 -28.47
C LYS D 118 -35.47 -18.80 -29.03
N GLY D 119 -34.62 -18.16 -28.22
CA GLY D 119 -33.81 -17.02 -28.69
C GLY D 119 -32.76 -17.44 -29.70
N LEU D 120 -32.03 -18.51 -29.40
CA LEU D 120 -31.16 -19.13 -30.39
C LEU D 120 -31.92 -19.52 -31.67
N ASP D 121 -33.12 -20.11 -31.52
CA ASP D 121 -33.86 -20.58 -32.69
C ASP D 121 -34.16 -19.38 -33.62
N PHE D 122 -34.52 -18.24 -33.04
CA PHE D 122 -34.93 -17.08 -33.83
C PHE D 122 -33.75 -16.67 -34.69
N TYR D 123 -32.59 -16.53 -34.07
CA TYR D 123 -31.45 -16.08 -34.87
C TYR D 123 -30.87 -17.14 -35.83
N ASN D 124 -30.90 -18.41 -35.43
CA ASN D 124 -30.48 -19.51 -36.30
CA ASN D 124 -30.49 -19.53 -36.29
C ASN D 124 -31.24 -19.52 -37.64
N ARG D 125 -32.56 -19.35 -37.57
CA ARG D 125 -33.42 -19.24 -38.76
CA ARG D 125 -33.37 -19.29 -38.79
C ARG D 125 -32.99 -18.11 -39.68
N ILE D 126 -32.73 -16.95 -39.09
CA ILE D 126 -32.27 -15.82 -39.88
C ILE D 126 -30.90 -16.14 -40.55
N ILE D 127 -29.98 -16.65 -39.75
CA ILE D 127 -28.65 -17.00 -40.28
C ILE D 127 -28.76 -18.02 -41.44
N ASP D 128 -29.47 -19.12 -41.22
CA ASP D 128 -29.59 -20.16 -42.24
C ASP D 128 -30.26 -19.62 -43.50
N THR D 129 -31.24 -18.74 -43.32
CA THR D 129 -31.93 -18.16 -44.46
C THR D 129 -31.01 -17.22 -45.26
N LEU D 130 -30.24 -16.39 -44.58
CA LEU D 130 -29.26 -15.52 -45.25
C LEU D 130 -28.29 -16.34 -46.11
N LEU D 131 -27.72 -17.37 -45.52
CA LEU D 131 -26.75 -18.22 -46.23
CA LEU D 131 -26.75 -18.21 -46.22
C LEU D 131 -27.38 -18.94 -47.39
N GLU D 132 -28.61 -19.43 -47.20
CA GLU D 132 -29.33 -20.11 -48.27
C GLU D 132 -29.46 -19.17 -49.47
N LYS D 133 -29.54 -17.86 -49.19
CA LYS D 133 -29.79 -16.86 -50.23
C LYS D 133 -28.52 -16.11 -50.68
N GLY D 134 -27.37 -16.61 -50.25
CA GLY D 134 -26.06 -16.04 -50.61
C GLY D 134 -25.72 -14.67 -49.99
N ILE D 135 -26.25 -14.40 -48.81
CA ILE D 135 -26.07 -13.11 -48.19
C ILE D 135 -25.14 -13.32 -47.00
N THR D 136 -24.10 -12.51 -46.91
CA THR D 136 -23.13 -12.66 -45.81
C THR D 136 -23.64 -12.01 -44.52
N PRO D 137 -23.78 -12.80 -43.44
CA PRO D 137 -24.19 -12.18 -42.16
C PRO D 137 -23.02 -11.46 -41.51
N PHE D 138 -23.23 -10.23 -41.04
CA PHE D 138 -22.27 -9.58 -40.16
C PHE D 138 -23.02 -9.36 -38.85
N VAL D 139 -22.58 -10.03 -37.78
CA VAL D 139 -23.33 -9.96 -36.53
C VAL D 139 -22.77 -8.94 -35.55
N THR D 140 -23.62 -7.99 -35.16
CA THR D 140 -23.29 -7.14 -34.07
C THR D 140 -23.77 -7.79 -32.78
N ILE D 141 -22.81 -8.08 -31.89
CA ILE D 141 -23.10 -8.74 -30.63
C ILE D 141 -23.89 -7.82 -29.70
N TYR D 142 -23.48 -6.55 -29.62
CA TYR D 142 -24.19 -5.60 -28.75
C TYR D 142 -24.56 -4.31 -29.42
N HIS D 143 -25.85 -4.10 -29.66
CA HIS D 143 -26.30 -2.83 -30.21
C HIS D 143 -27.34 -2.21 -29.25
N TRP D 144 -26.99 -2.22 -27.97
CA TRP D 144 -27.46 -1.30 -26.93
C TRP D 144 -28.57 -1.85 -26.02
N ASP D 145 -29.13 -2.98 -26.39
CA ASP D 145 -30.20 -3.58 -25.60
C ASP D 145 -29.67 -4.53 -24.52
N LEU D 146 -28.95 -3.95 -23.55
CA LEU D 146 -28.48 -4.68 -22.34
C LEU D 146 -29.64 -5.36 -21.59
N PRO D 147 -29.45 -6.60 -21.13
CA PRO D 147 -30.45 -7.18 -20.22
C PRO D 147 -30.70 -6.27 -19.03
N PHE D 148 -31.97 -6.05 -18.73
CA PHE D 148 -32.31 -5.20 -17.60
C PHE D 148 -31.76 -5.83 -16.30
N ALA D 149 -31.76 -7.14 -16.23
CA ALA D 149 -31.21 -7.83 -15.06
C ALA D 149 -29.76 -7.38 -14.72
N LEU D 150 -28.97 -7.10 -15.75
CA LEU D 150 -27.56 -6.67 -15.52
C LEU D 150 -27.50 -5.19 -15.17
N GLN D 151 -28.44 -4.40 -15.71
CA GLN D 151 -28.57 -2.99 -15.29
C GLN D 151 -28.85 -2.88 -13.80
N LEU D 152 -29.67 -3.76 -13.26
CA LEU D 152 -29.92 -3.75 -11.80
C LEU D 152 -28.65 -3.97 -10.96
N LYS D 153 -27.61 -4.53 -11.56
CA LYS D 153 -26.33 -4.71 -10.88
C LYS D 153 -25.25 -3.72 -11.35
N GLY D 154 -25.68 -2.62 -11.98
CA GLY D 154 -24.78 -1.58 -12.41
C GLY D 154 -24.56 -1.47 -13.92
N GLY D 155 -24.93 -2.51 -14.67
CA GLY D 155 -24.70 -2.52 -16.11
C GLY D 155 -23.24 -2.19 -16.45
N TRP D 156 -23.06 -1.29 -17.42
CA TRP D 156 -21.71 -0.95 -17.91
C TRP D 156 -20.82 -0.28 -16.85
N ALA D 157 -21.40 0.12 -15.73
CA ALA D 157 -20.62 0.75 -14.64
C ALA D 157 -19.90 -0.31 -13.81
N ASN D 158 -20.31 -1.56 -13.91
CA ASN D 158 -19.79 -2.62 -13.02
C ASN D 158 -18.68 -3.35 -13.77
N ARG D 159 -17.48 -3.34 -13.21
CA ARG D 159 -16.33 -4.08 -13.78
C ARG D 159 -16.66 -5.52 -14.18
N GLU D 160 -17.58 -6.16 -13.46
CA GLU D 160 -17.94 -7.55 -13.78
C GLU D 160 -18.55 -7.73 -15.18
N ILE D 161 -18.97 -6.63 -15.80
CA ILE D 161 -19.63 -6.77 -17.11
C ILE D 161 -18.65 -7.31 -18.16
N ALA D 162 -17.35 -7.18 -17.93
CA ALA D 162 -16.40 -7.82 -18.88
C ALA D 162 -16.60 -9.34 -18.89
N ASP D 163 -16.78 -9.95 -17.72
CA ASP D 163 -17.10 -11.38 -17.71
C ASP D 163 -18.52 -11.67 -18.29
N TRP D 164 -19.50 -10.87 -17.90
CA TRP D 164 -20.87 -11.10 -18.41
C TRP D 164 -20.88 -11.05 -19.92
N PHE D 165 -20.20 -10.05 -20.48
CA PHE D 165 -20.22 -9.85 -21.92
C PHE D 165 -19.44 -10.98 -22.64
N ALA D 166 -18.35 -11.39 -22.03
CA ALA D 166 -17.51 -12.44 -22.59
C ALA D 166 -18.28 -13.76 -22.64
N GLU D 167 -19.04 -14.03 -21.60
CA GLU D 167 -19.81 -15.25 -21.57
CA GLU D 167 -19.89 -15.23 -21.49
CA GLU D 167 -19.79 -15.26 -21.57
C GLU D 167 -20.99 -15.25 -22.54
N TYR D 168 -21.68 -14.11 -22.67
CA TYR D 168 -22.71 -13.94 -23.69
C TYR D 168 -22.09 -14.12 -25.08
N SER D 169 -20.96 -13.48 -25.36
CA SER D 169 -20.30 -13.64 -26.65
CA SER D 169 -20.36 -13.66 -26.67
C SER D 169 -19.93 -15.12 -26.90
N ARG D 170 -19.46 -15.81 -25.84
CA ARG D 170 -19.13 -17.22 -26.00
C ARG D 170 -20.33 -18.04 -26.45
N VAL D 171 -21.50 -17.80 -25.87
CA VAL D 171 -22.69 -18.49 -26.32
C VAL D 171 -22.95 -18.24 -27.80
N LEU D 172 -22.84 -16.97 -28.23
CA LEU D 172 -23.08 -16.65 -29.62
C LEU D 172 -22.07 -17.37 -30.52
N PHE D 173 -20.80 -17.38 -30.13
CA PHE D 173 -19.77 -17.95 -30.98
C PHE D 173 -19.95 -19.46 -31.07
N GLU D 174 -20.32 -20.10 -29.95
CA GLU D 174 -20.48 -21.55 -29.96
C GLU D 174 -21.71 -21.97 -30.79
N ASN D 175 -22.76 -21.18 -30.72
CA ASN D 175 -24.00 -21.51 -31.44
C ASN D 175 -24.05 -21.11 -32.91
N PHE D 176 -23.42 -19.99 -33.27
CA PHE D 176 -23.59 -19.43 -34.62
C PHE D 176 -22.29 -19.35 -35.42
N GLY D 177 -21.16 -19.57 -34.75
CA GLY D 177 -19.86 -19.32 -35.33
C GLY D 177 -19.45 -20.32 -36.38
N ASP D 178 -20.15 -21.46 -36.45
CA ASP D 178 -19.96 -22.40 -37.57
C ASP D 178 -20.43 -21.77 -38.88
N ARG D 179 -21.32 -20.79 -38.80
CA ARG D 179 -21.87 -20.21 -40.01
C ARG D 179 -21.57 -18.72 -40.15
N VAL D 180 -21.65 -17.98 -39.05
CA VAL D 180 -21.29 -16.60 -39.06
C VAL D 180 -19.79 -16.43 -38.86
N LYS D 181 -19.12 -15.76 -39.79
CA LYS D 181 -17.67 -15.62 -39.74
C LYS D 181 -17.23 -14.15 -39.67
N ASN D 182 -18.20 -13.23 -39.57
CA ASN D 182 -17.88 -11.81 -39.48
C ASN D 182 -18.65 -11.22 -38.31
N TRP D 183 -17.92 -10.79 -37.30
CA TRP D 183 -18.51 -10.41 -36.00
C TRP D 183 -18.09 -9.03 -35.57
N ILE D 184 -18.94 -8.35 -34.81
CA ILE D 184 -18.64 -7.02 -34.32
C ILE D 184 -19.00 -7.08 -32.85
N THR D 185 -18.10 -6.68 -31.96
CA THR D 185 -18.36 -6.79 -30.53
C THR D 185 -19.34 -5.73 -30.08
N LEU D 186 -18.99 -4.46 -30.33
CA LEU D 186 -19.81 -3.33 -29.84
C LEU D 186 -20.16 -2.37 -30.96
N ASN D 187 -21.39 -1.89 -30.92
CA ASN D 187 -21.77 -0.79 -31.78
C ASN D 187 -21.60 0.48 -30.99
N GLU D 188 -20.72 1.38 -31.44
CA GLU D 188 -20.61 2.75 -30.88
C GLU D 188 -20.50 2.85 -29.34
N PRO D 189 -19.39 2.35 -28.79
CA PRO D 189 -19.21 2.37 -27.38
C PRO D 189 -19.28 3.81 -26.82
N TRP D 190 -18.89 4.82 -27.62
CA TRP D 190 -18.93 6.19 -27.14
C TRP D 190 -20.39 6.54 -26.84
N VAL D 191 -21.27 6.12 -27.73
CA VAL D 191 -22.69 6.47 -27.53
C VAL D 191 -23.23 5.71 -26.31
N VAL D 192 -23.02 4.41 -26.31
CA VAL D 192 -23.41 3.62 -25.12
C VAL D 192 -22.99 4.33 -23.81
N ALA D 193 -21.71 4.72 -23.72
CA ALA D 193 -21.19 5.30 -22.48
C ALA D 193 -21.69 6.73 -22.28
N ILE D 194 -21.46 7.56 -23.27
CA ILE D 194 -21.66 9.02 -23.07
C ILE D 194 -23.13 9.41 -23.20
N VAL D 195 -23.82 8.94 -24.24
CA VAL D 195 -25.21 9.30 -24.38
C VAL D 195 -26.07 8.54 -23.38
N GLY D 196 -25.72 7.28 -23.07
CA GLY D 196 -26.49 6.54 -22.07
C GLY D 196 -26.22 6.94 -20.63
N HIS D 197 -25.04 7.50 -20.32
CA HIS D 197 -24.64 7.62 -18.89
C HIS D 197 -24.13 9.01 -18.50
N LEU D 198 -23.82 9.84 -19.51
CA LEU D 198 -23.50 11.23 -19.20
C LEU D 198 -24.67 12.14 -19.58
N TYR D 199 -25.16 12.04 -20.83
CA TYR D 199 -26.26 12.93 -21.28
C TYR D 199 -27.60 12.39 -20.86
N GLY D 200 -27.65 11.09 -20.62
CA GLY D 200 -28.89 10.46 -20.15
C GLY D 200 -30.00 10.43 -21.18
N VAL D 201 -29.65 10.54 -22.46
CA VAL D 201 -30.62 10.63 -23.55
C VAL D 201 -30.98 9.24 -24.10
N HIS D 202 -30.13 8.25 -23.83
CA HIS D 202 -30.40 6.88 -24.20
C HIS D 202 -30.40 6.05 -22.92
N ALA D 203 -30.92 4.84 -23.00
CA ALA D 203 -30.89 3.92 -21.86
C ALA D 203 -29.41 3.73 -21.43
N PRO D 204 -29.16 3.64 -20.12
CA PRO D 204 -30.15 3.57 -19.05
C PRO D 204 -30.59 4.89 -18.48
N GLY D 205 -30.29 5.98 -19.19
CA GLY D 205 -30.84 7.29 -18.87
C GLY D 205 -30.11 8.00 -17.75
N MET D 206 -28.82 7.80 -17.61
CA MET D 206 -28.07 8.37 -16.46
C MET D 206 -27.29 9.65 -16.80
N ARG D 207 -27.02 10.48 -15.78
CA ARG D 207 -26.13 11.64 -15.92
C ARG D 207 -25.07 11.72 -14.84
N ASP D 208 -23.94 11.06 -15.05
CA ASP D 208 -22.91 11.01 -14.04
C ASP D 208 -21.62 10.79 -14.83
N ILE D 209 -20.74 11.77 -14.81
CA ILE D 209 -19.57 11.69 -15.69
C ILE D 209 -18.56 10.62 -15.21
N TYR D 210 -18.59 10.33 -13.91
CA TYR D 210 -17.75 9.26 -13.38
C TYR D 210 -18.24 7.90 -13.79
N VAL D 211 -19.54 7.70 -13.75
CA VAL D 211 -20.08 6.44 -14.33
C VAL D 211 -19.78 6.33 -15.86
N ALA D 212 -19.96 7.44 -16.57
CA ALA D 212 -19.81 7.43 -18.00
C ALA D 212 -18.40 6.93 -18.40
N PHE D 213 -17.38 7.46 -17.72
CA PHE D 213 -16.00 7.09 -18.06
C PHE D 213 -15.64 5.68 -17.58
N ARG D 214 -16.26 5.22 -16.50
CA ARG D 214 -16.13 3.80 -16.17
C ARG D 214 -16.78 2.91 -17.22
N ALA D 215 -17.90 3.37 -17.79
CA ALA D 215 -18.53 2.63 -18.86
C ALA D 215 -17.61 2.59 -20.07
N VAL D 216 -16.94 3.70 -20.42
CA VAL D 216 -16.03 3.67 -21.56
C VAL D 216 -15.02 2.54 -21.33
N HIS D 217 -14.45 2.55 -20.13
CA HIS D 217 -13.37 1.61 -19.76
C HIS D 217 -13.87 0.18 -19.75
N ASN D 218 -15.03 -0.09 -19.15
CA ASN D 218 -15.54 -1.45 -19.10
C ASN D 218 -15.97 -1.97 -20.48
N LEU D 219 -16.44 -1.07 -21.35
CA LEU D 219 -16.74 -1.45 -22.72
C LEU D 219 -15.47 -1.96 -23.46
N LEU D 220 -14.38 -1.24 -23.27
CA LEU D 220 -13.11 -1.69 -23.84
C LEU D 220 -12.71 -3.04 -23.26
N ARG D 221 -12.79 -3.17 -21.95
CA ARG D 221 -12.42 -4.47 -21.31
C ARG D 221 -13.31 -5.62 -21.81
N ALA D 222 -14.59 -5.35 -21.90
CA ALA D 222 -15.53 -6.36 -22.40
C ALA D 222 -15.29 -6.76 -23.86
N HIS D 223 -15.18 -5.75 -24.72
CA HIS D 223 -14.79 -5.99 -26.11
C HIS D 223 -13.53 -6.90 -26.21
N ALA D 224 -12.49 -6.55 -25.46
CA ALA D 224 -11.23 -7.29 -25.55
C ALA D 224 -11.33 -8.72 -25.08
N ARG D 225 -12.11 -8.94 -24.01
CA ARG D 225 -12.31 -10.27 -23.46
C ARG D 225 -13.09 -11.13 -24.45
N ALA D 226 -14.09 -10.51 -25.09
CA ALA D 226 -14.84 -11.16 -26.13
C ALA D 226 -13.98 -11.58 -27.34
N VAL D 227 -13.10 -10.70 -27.79
CA VAL D 227 -12.18 -11.09 -28.87
C VAL D 227 -11.29 -12.27 -28.42
N LYS D 228 -10.80 -12.20 -27.18
CA LYS D 228 -9.98 -13.30 -26.65
C LYS D 228 -10.74 -14.65 -26.72
N VAL D 229 -12.00 -14.65 -26.26
CA VAL D 229 -12.89 -15.82 -26.41
C VAL D 229 -13.12 -16.25 -27.86
N PHE D 230 -13.29 -15.27 -28.74
CA PHE D 230 -13.48 -15.52 -30.15
C PHE D 230 -12.29 -16.36 -30.69
N ARG D 231 -11.06 -15.97 -30.32
CA ARG D 231 -9.88 -16.67 -30.83
C ARG D 231 -9.91 -18.14 -30.42
N GLU D 232 -10.53 -18.46 -29.28
CA GLU D 232 -10.62 -19.86 -28.78
C GLU D 232 -11.75 -20.65 -29.46
N THR D 233 -12.73 -19.95 -30.03
CA THR D 233 -13.99 -20.62 -30.32
C THR D 233 -14.37 -20.64 -31.80
N VAL D 234 -13.90 -19.68 -32.58
CA VAL D 234 -14.37 -19.58 -33.96
C VAL D 234 -13.21 -19.79 -34.91
N LYS D 235 -13.36 -20.74 -35.82
CA LYS D 235 -12.31 -20.97 -36.80
C LYS D 235 -12.63 -20.22 -38.09
N ASP D 236 -11.61 -19.63 -38.68
CA ASP D 236 -11.76 -19.07 -40.00
C ASP D 236 -12.68 -17.85 -39.96
N GLY D 237 -12.65 -17.10 -38.86
CA GLY D 237 -13.55 -15.93 -38.70
C GLY D 237 -12.83 -14.61 -38.44
N LYS D 238 -13.55 -13.50 -38.57
CA LYS D 238 -12.95 -12.18 -38.32
C LYS D 238 -13.81 -11.38 -37.35
N ILE D 239 -13.16 -10.61 -36.47
CA ILE D 239 -13.90 -9.82 -35.48
C ILE D 239 -13.36 -8.41 -35.36
N GLY D 240 -14.26 -7.47 -35.06
CA GLY D 240 -13.91 -6.07 -35.14
C GLY D 240 -14.87 -5.37 -34.22
N ILE D 241 -14.94 -4.05 -34.35
CA ILE D 241 -15.70 -3.25 -33.43
C ILE D 241 -16.03 -1.98 -34.21
N VAL D 242 -17.14 -1.31 -33.84
CA VAL D 242 -17.70 -0.19 -34.60
C VAL D 242 -17.77 1.09 -33.80
N PHE D 243 -17.34 2.19 -34.43
CA PHE D 243 -17.32 3.48 -33.76
C PHE D 243 -18.13 4.52 -34.55
N ASN D 244 -18.76 5.42 -33.81
CA ASN D 244 -19.37 6.61 -34.42
C ASN D 244 -18.26 7.59 -34.77
N ASN D 245 -18.45 8.42 -35.80
CA ASN D 245 -17.48 9.46 -36.10
C ASN D 245 -18.20 10.64 -36.72
N GLY D 246 -17.78 11.84 -36.36
CA GLY D 246 -18.14 13.01 -37.12
C GLY D 246 -16.94 13.68 -37.76
N TYR D 247 -17.20 14.49 -38.77
CA TYR D 247 -16.12 15.25 -39.39
C TYR D 247 -16.08 16.64 -38.77
N PHE D 248 -15.15 16.85 -37.84
CA PHE D 248 -15.09 18.14 -37.14
C PHE D 248 -14.14 19.08 -37.86
N GLU D 249 -14.59 20.31 -38.03
CA GLU D 249 -13.75 21.34 -38.65
C GLU D 249 -13.77 22.57 -37.78
N PRO D 250 -12.69 23.35 -37.82
CA PRO D 250 -12.57 24.48 -36.88
C PRO D 250 -13.31 25.71 -37.37
N ALA D 251 -14.00 26.40 -36.47
CA ALA D 251 -14.77 27.59 -36.83
C ALA D 251 -13.83 28.70 -37.36
N SER D 252 -12.60 28.70 -36.92
CA SER D 252 -11.61 29.67 -37.40
C SER D 252 -10.24 29.06 -37.27
N GLU D 253 -9.23 29.77 -37.79
CA GLU D 253 -7.86 29.28 -37.79
C GLU D 253 -7.13 29.54 -36.47
N LYS D 254 -7.83 30.15 -35.50
CA LYS D 254 -7.24 30.41 -34.17
C LYS D 254 -6.74 29.10 -33.54
N GLU D 255 -5.65 29.19 -32.78
CA GLU D 255 -5.01 28.00 -32.23
C GLU D 255 -6.05 27.24 -31.42
N GLU D 256 -6.81 27.96 -30.62
CA GLU D 256 -7.76 27.34 -29.70
C GLU D 256 -8.91 26.59 -30.40
N ASP D 257 -9.25 27.03 -31.62
CA ASP D 257 -10.28 26.34 -32.41
C ASP D 257 -9.74 25.07 -33.07
N ILE D 258 -8.50 25.12 -33.56
CA ILE D 258 -7.84 23.93 -34.03
C ILE D 258 -7.74 22.87 -32.92
N ARG D 259 -7.43 23.33 -31.71
CA ARG D 259 -7.28 22.43 -30.57
C ARG D 259 -8.64 21.83 -30.22
N ALA D 260 -9.68 22.65 -30.24
CA ALA D 260 -11.04 22.15 -30.03
C ALA D 260 -11.38 21.01 -31.01
N VAL D 261 -11.02 21.17 -32.27
CA VAL D 261 -11.22 20.08 -33.25
C VAL D 261 -10.43 18.81 -32.85
N ARG D 262 -9.19 18.98 -32.39
CA ARG D 262 -8.37 17.83 -32.03
CA ARG D 262 -8.39 17.83 -32.06
C ARG D 262 -9.04 17.10 -30.88
N PHE D 263 -9.54 17.84 -29.90
CA PHE D 263 -10.22 17.24 -28.77
C PHE D 263 -11.48 16.46 -29.20
N MET D 264 -12.31 17.08 -30.05
CA MET D 264 -13.53 16.43 -30.47
C MET D 264 -13.22 15.15 -31.27
N HIS D 265 -12.21 15.18 -32.16
CA HIS D 265 -11.82 13.96 -32.91
C HIS D 265 -11.35 12.87 -31.95
N GLN D 266 -10.51 13.26 -30.99
CA GLN D 266 -9.96 12.30 -30.03
C GLN D 266 -11.04 11.72 -29.10
N PHE D 267 -11.97 12.55 -28.65
CA PHE D 267 -13.01 12.11 -27.73
C PHE D 267 -14.21 11.44 -28.41
N ASN D 268 -14.73 12.04 -29.50
CA ASN D 268 -15.96 11.59 -30.13
CA ASN D 268 -15.96 11.53 -30.09
C ASN D 268 -15.80 10.54 -31.22
N ASN D 269 -14.58 10.41 -31.78
CA ASN D 269 -14.35 9.50 -32.92
C ASN D 269 -13.54 8.27 -32.47
N TYR D 270 -13.18 7.44 -33.42
CA TYR D 270 -12.47 6.18 -33.11
C TYR D 270 -11.24 6.27 -32.12
N PRO D 271 -10.50 7.40 -32.09
CA PRO D 271 -9.28 7.38 -31.25
C PRO D 271 -9.54 7.07 -29.80
N LEU D 272 -10.71 7.47 -29.27
CA LEU D 272 -10.96 7.22 -27.88
C LEU D 272 -10.78 5.74 -27.54
N PHE D 273 -11.14 4.86 -28.49
CA PHE D 273 -11.05 3.41 -28.28
C PHE D 273 -9.87 2.78 -29.04
N LEU D 274 -9.47 3.37 -30.17
CA LEU D 274 -8.35 2.78 -30.93
C LEU D 274 -6.97 3.14 -30.33
N ASN D 275 -6.87 4.27 -29.63
CA ASN D 275 -5.60 4.56 -28.94
C ASN D 275 -5.33 3.52 -27.86
N PRO D 276 -6.34 3.18 -27.05
CA PRO D 276 -6.15 2.07 -26.14
C PRO D 276 -5.80 0.78 -26.88
N ILE D 277 -6.58 0.41 -27.90
CA ILE D 277 -6.42 -0.89 -28.54
C ILE D 277 -5.05 -1.00 -29.27
N TYR D 278 -4.66 0.06 -29.95
CA TYR D 278 -3.42 0.03 -30.76
C TYR D 278 -2.18 0.56 -30.02
N ARG D 279 -2.39 1.47 -29.07
CA ARG D 279 -1.26 2.13 -28.38
C ARG D 279 -1.20 1.91 -26.87
N GLY D 280 -2.23 1.28 -26.29
CA GLY D 280 -2.22 1.00 -24.85
C GLY D 280 -2.50 2.16 -23.90
N ASP D 281 -3.05 3.28 -24.40
CA ASP D 281 -3.54 4.33 -23.51
C ASP D 281 -4.63 5.14 -24.23
N TYR D 282 -5.46 5.86 -23.48
CA TYR D 282 -6.40 6.84 -24.05
C TYR D 282 -5.64 7.99 -24.73
N PRO D 283 -6.30 8.67 -25.69
CA PRO D 283 -5.62 9.79 -26.36
C PRO D 283 -5.26 10.91 -25.40
N GLU D 284 -4.21 11.64 -25.72
CA GLU D 284 -3.65 12.67 -24.83
C GLU D 284 -4.67 13.69 -24.32
N LEU D 285 -5.43 14.26 -25.25
CA LEU D 285 -6.37 15.31 -24.86
C LEU D 285 -7.55 14.77 -24.06
N VAL D 286 -7.90 13.52 -24.32
CA VAL D 286 -8.92 12.88 -23.49
C VAL D 286 -8.42 12.75 -22.05
N LEU D 287 -7.19 12.31 -21.90
CA LEU D 287 -6.65 12.17 -20.55
C LEU D 287 -6.59 13.54 -19.87
N GLU D 288 -6.18 14.58 -20.61
CA GLU D 288 -6.21 15.91 -19.98
C GLU D 288 -7.56 16.27 -19.40
N PHE D 289 -8.63 16.00 -20.14
CA PHE D 289 -9.99 16.34 -19.69
C PHE D 289 -10.49 15.35 -18.64
N ALA D 290 -10.24 14.07 -18.84
CA ALA D 290 -11.03 13.04 -18.15
C ALA D 290 -10.26 12.06 -17.24
N ARG D 291 -8.95 12.26 -17.07
CA ARG D 291 -8.21 11.37 -16.15
C ARG D 291 -8.92 11.24 -14.80
N GLU D 292 -9.40 12.37 -14.28
CA GLU D 292 -10.11 12.39 -12.98
C GLU D 292 -11.32 11.42 -12.89
N TYR D 293 -11.96 11.13 -14.03
CA TYR D 293 -13.20 10.36 -14.06
C TYR D 293 -12.93 8.89 -14.29
N LEU D 294 -11.74 8.59 -14.81
CA LEU D 294 -11.38 7.19 -15.03
C LEU D 294 -11.08 6.52 -13.71
N PRO D 295 -11.21 5.18 -13.66
CA PRO D 295 -10.77 4.47 -12.47
C PRO D 295 -9.27 4.70 -12.22
N GLU D 296 -8.86 4.75 -10.96
CA GLU D 296 -7.46 5.11 -10.62
C GLU D 296 -6.37 4.32 -11.39
N ASN D 297 -6.47 3.00 -11.32
CA ASN D 297 -5.47 2.14 -11.94
C ASN D 297 -5.93 1.65 -13.32
N TYR D 298 -6.74 2.46 -14.02
CA TYR D 298 -7.28 2.00 -15.31
C TYR D 298 -6.16 1.45 -16.21
N LYS D 299 -4.98 2.05 -16.16
CA LYS D 299 -3.96 1.64 -17.15
C LYS D 299 -3.50 0.18 -16.95
N ASP D 300 -3.67 -0.34 -15.75
CA ASP D 300 -3.42 -1.76 -15.48
C ASP D 300 -4.16 -2.70 -16.43
N ASP D 301 -5.28 -2.24 -17.00
CA ASP D 301 -6.10 -3.08 -17.88
C ASP D 301 -5.72 -2.96 -19.33
N MET D 302 -4.82 -2.05 -19.63
CA MET D 302 -4.50 -1.74 -21.01
C MET D 302 -3.84 -2.88 -21.77
N SER D 303 -2.99 -3.67 -21.11
CA SER D 303 -2.31 -4.74 -21.83
CA SER D 303 -2.31 -4.74 -21.83
C SER D 303 -3.36 -5.68 -22.41
N GLU D 304 -4.40 -5.97 -21.64
CA GLU D 304 -5.45 -6.88 -22.10
C GLU D 304 -6.35 -6.24 -23.16
N ILE D 305 -6.60 -4.93 -23.02
CA ILE D 305 -7.38 -4.18 -24.03
C ILE D 305 -6.75 -4.19 -25.44
N GLN D 306 -5.43 -4.41 -25.52
CA GLN D 306 -4.72 -4.42 -26.79
C GLN D 306 -4.86 -5.74 -27.57
N GLU D 307 -5.73 -6.63 -27.10
CA GLU D 307 -6.10 -7.84 -27.86
C GLU D 307 -6.30 -7.52 -29.36
N LYS D 308 -5.57 -8.22 -30.23
CA LYS D 308 -5.58 -7.90 -31.64
C LYS D 308 -6.98 -8.07 -32.29
N ILE D 309 -7.42 -7.06 -33.04
CA ILE D 309 -8.67 -7.14 -33.79
C ILE D 309 -8.40 -7.28 -35.30
N ASP D 310 -9.39 -7.75 -36.05
CA ASP D 310 -9.21 -7.96 -37.49
C ASP D 310 -9.66 -6.78 -38.36
N PHE D 311 -10.63 -6.00 -37.90
CA PHE D 311 -11.09 -4.88 -38.70
C PHE D 311 -11.70 -3.81 -37.82
N VAL D 312 -11.79 -2.60 -38.34
CA VAL D 312 -12.47 -1.48 -37.64
C VAL D 312 -13.71 -1.13 -38.48
N GLY D 313 -14.85 -1.01 -37.82
CA GLY D 313 -16.04 -0.54 -38.53
C GLY D 313 -16.21 0.94 -38.19
N LEU D 314 -16.40 1.79 -39.19
CA LEU D 314 -16.68 3.17 -38.92
C LEU D 314 -18.10 3.50 -39.37
N ASN D 315 -18.85 4.16 -38.51
CA ASN D 315 -20.14 4.70 -38.90
C ASN D 315 -19.89 6.18 -39.15
N TYR D 316 -20.61 6.78 -40.08
CA TYR D 316 -20.38 8.16 -40.42
C TYR D 316 -21.67 8.71 -41.03
N TYR D 317 -22.10 9.85 -40.52
CA TYR D 317 -23.33 10.49 -40.95
C TYR D 317 -23.22 12.01 -41.19
N SER D 318 -22.38 12.70 -40.43
CA SER D 318 -22.45 14.15 -40.37
CA SER D 318 -22.45 14.16 -40.35
C SER D 318 -21.13 14.87 -40.08
N GLY D 319 -21.10 16.13 -40.48
CA GLY D 319 -19.96 17.03 -40.23
C GLY D 319 -20.40 18.11 -39.26
N HIS D 320 -19.45 18.69 -38.53
CA HIS D 320 -19.73 19.67 -37.45
C HIS D 320 -18.65 20.76 -37.38
N LEU D 321 -19.10 22.02 -37.34
CA LEU D 321 -18.18 23.11 -37.12
C LEU D 321 -18.06 23.31 -35.61
N VAL D 322 -16.83 23.45 -35.13
CA VAL D 322 -16.54 23.43 -33.70
CA VAL D 322 -16.60 23.49 -33.69
C VAL D 322 -15.63 24.61 -33.33
N LYS D 323 -15.81 25.15 -32.13
CA LYS D 323 -15.02 26.29 -31.66
C LYS D 323 -14.69 26.17 -30.18
N PHE D 324 -13.57 26.76 -29.79
CA PHE D 324 -13.21 26.86 -28.39
C PHE D 324 -14.25 27.71 -27.70
N ASP D 325 -14.69 27.24 -26.55
CA ASP D 325 -15.71 27.97 -25.80
C ASP D 325 -15.48 27.80 -24.31
N PRO D 326 -14.82 28.79 -23.70
CA PRO D 326 -14.70 28.80 -22.23
C PRO D 326 -16.07 29.12 -21.67
N ASP D 327 -16.73 28.14 -21.07
CA ASP D 327 -18.14 28.29 -20.68
C ASP D 327 -18.87 27.02 -21.07
N ALA D 328 -18.42 26.41 -22.14
CA ALA D 328 -18.95 25.13 -22.55
C ALA D 328 -18.28 24.06 -21.72
N PRO D 329 -19.02 23.02 -21.35
CA PRO D 329 -18.39 21.86 -20.71
C PRO D 329 -17.38 21.27 -21.68
N ALA D 330 -16.16 20.97 -21.21
CA ALA D 330 -15.06 20.52 -22.09
C ALA D 330 -14.50 21.63 -22.97
N LYS D 331 -15.07 22.83 -22.84
CA LYS D 331 -14.55 24.02 -23.49
C LYS D 331 -14.76 24.02 -25.01
N VAL D 332 -15.75 23.28 -25.49
CA VAL D 332 -16.03 23.22 -26.92
C VAL D 332 -17.49 23.46 -27.19
N SER D 333 -17.79 24.20 -28.25
CA SER D 333 -19.17 24.31 -28.71
CA SER D 333 -19.16 24.37 -28.71
C SER D 333 -19.26 24.08 -30.21
N PHE D 334 -20.42 23.58 -30.63
CA PHE D 334 -20.72 23.39 -32.03
C PHE D 334 -21.21 24.70 -32.60
N VAL D 335 -20.88 24.98 -33.85
CA VAL D 335 -21.42 26.16 -34.49
C VAL D 335 -22.27 25.74 -35.70
N GLU D 336 -23.55 26.12 -35.72
CA GLU D 336 -24.43 25.82 -36.89
C GLU D 336 -23.91 26.43 -38.21
N ARG D 337 -23.98 25.68 -39.31
CA ARG D 337 -23.62 26.20 -40.64
C ARG D 337 -24.80 26.15 -41.60
N ASP D 338 -24.74 26.99 -42.62
CA ASP D 338 -25.77 27.00 -43.67
CA ASP D 338 -25.69 27.05 -43.72
C ASP D 338 -25.42 26.00 -44.77
N LEU D 339 -25.48 24.73 -44.41
CA LEU D 339 -25.23 23.64 -45.34
C LEU D 339 -26.51 22.80 -45.47
N PRO D 340 -26.63 21.97 -46.52
CA PRO D 340 -27.75 21.06 -46.64
C PRO D 340 -27.84 20.13 -45.42
N LYS D 341 -29.06 19.86 -44.93
CA LYS D 341 -29.24 19.06 -43.71
C LYS D 341 -30.30 18.01 -43.96
N THR D 342 -30.26 16.93 -43.17
CA THR D 342 -31.25 15.88 -43.30
C THR D 342 -32.36 16.27 -42.35
N ALA D 343 -33.38 15.43 -42.27
CA ALA D 343 -34.51 15.73 -41.40
C ALA D 343 -34.12 15.70 -39.92
N MET D 344 -32.93 15.19 -39.62
CA MET D 344 -32.41 15.29 -38.24
C MET D 344 -31.82 16.65 -37.94
N GLY D 345 -31.63 17.48 -38.96
CA GLY D 345 -30.86 18.69 -38.80
C GLY D 345 -29.35 18.48 -38.90
N TRP D 346 -28.93 17.27 -39.24
CA TRP D 346 -27.48 17.01 -39.37
C TRP D 346 -26.94 17.51 -40.72
N GLU D 347 -25.84 18.26 -40.67
CA GLU D 347 -25.20 18.75 -41.90
C GLU D 347 -24.65 17.63 -42.78
N ILE D 348 -24.90 17.73 -44.09
CA ILE D 348 -24.47 16.72 -45.01
C ILE D 348 -23.09 17.16 -45.53
N VAL D 349 -22.06 16.39 -45.16
CA VAL D 349 -20.68 16.77 -45.52
C VAL D 349 -20.02 15.50 -46.01
N PRO D 350 -20.17 15.22 -47.31
CA PRO D 350 -19.80 13.88 -47.71
C PRO D 350 -18.29 13.70 -47.71
N GLU D 351 -17.54 14.79 -47.88
CA GLU D 351 -16.07 14.70 -47.85
C GLU D 351 -15.60 14.22 -46.48
N GLY D 352 -16.48 14.27 -45.48
CA GLY D 352 -16.07 13.80 -44.16
C GLY D 352 -15.88 12.28 -44.10
N ILE D 353 -16.54 11.53 -44.97
CA ILE D 353 -16.37 10.08 -44.96
C ILE D 353 -15.01 9.72 -45.57
N TYR D 354 -14.64 10.47 -46.60
CA TYR D 354 -13.26 10.39 -47.10
C TYR D 354 -12.22 10.74 -46.01
N TRP D 355 -12.46 11.86 -45.33
CA TRP D 355 -11.56 12.31 -44.28
C TRP D 355 -11.43 11.24 -43.21
N ILE D 356 -12.57 10.73 -42.73
CA ILE D 356 -12.45 9.75 -41.63
C ILE D 356 -11.74 8.44 -42.04
N LEU D 357 -11.97 8.00 -43.27
CA LEU D 357 -11.36 6.78 -43.80
C LEU D 357 -9.83 6.97 -43.90
N LYS D 358 -9.44 8.12 -44.45
CA LYS D 358 -8.05 8.50 -44.61
C LYS D 358 -7.39 8.61 -43.26
N LYS D 359 -8.07 9.26 -42.31
CA LYS D 359 -7.51 9.53 -41.00
C LYS D 359 -7.31 8.25 -40.20
N VAL D 360 -8.24 7.30 -40.28
CA VAL D 360 -8.03 6.06 -39.53
C VAL D 360 -6.85 5.28 -40.12
N LYS D 361 -6.69 5.31 -41.44
CA LYS D 361 -5.52 4.67 -42.04
C LYS D 361 -4.25 5.31 -41.52
N GLU D 362 -4.24 6.65 -41.51
CA GLU D 362 -3.04 7.35 -41.07
CA GLU D 362 -3.09 7.44 -41.03
C GLU D 362 -2.69 7.16 -39.61
N GLU D 363 -3.67 7.24 -38.73
CA GLU D 363 -3.41 7.14 -37.32
C GLU D 363 -3.18 5.73 -36.81
N TYR D 364 -3.93 4.74 -37.29
CA TYR D 364 -3.84 3.38 -36.71
C TYR D 364 -3.57 2.28 -37.71
N ASN D 365 -3.73 2.59 -38.99
CA ASN D 365 -3.50 1.64 -40.07
C ASN D 365 -4.10 0.25 -39.84
N PRO D 366 -5.42 0.19 -39.52
CA PRO D 366 -6.01 -1.15 -39.36
C PRO D 366 -5.86 -1.97 -40.64
N PRO D 367 -5.77 -3.31 -40.53
CA PRO D 367 -5.61 -4.06 -41.76
C PRO D 367 -6.83 -3.96 -42.68
N GLU D 368 -8.02 -3.79 -42.10
CA GLU D 368 -9.21 -3.70 -42.90
C GLU D 368 -10.18 -2.74 -42.24
N VAL D 369 -11.01 -2.10 -43.07
CA VAL D 369 -11.99 -1.15 -42.55
C VAL D 369 -13.31 -1.41 -43.28
N TYR D 370 -14.43 -1.23 -42.59
CA TYR D 370 -15.74 -1.25 -43.27
C TYR D 370 -16.45 0.04 -42.88
N ILE D 371 -17.24 0.60 -43.78
CA ILE D 371 -18.19 1.61 -43.35
C ILE D 371 -19.38 0.78 -42.89
N THR D 372 -19.61 0.74 -41.60
CA THR D 372 -20.63 -0.13 -41.05
C THR D 372 -22.04 0.52 -40.95
N GLU D 373 -22.11 1.85 -41.14
CA GLU D 373 -23.41 2.56 -41.27
C GLU D 373 -23.12 3.84 -42.02
N ASN D 374 -23.95 4.13 -43.01
CA ASN D 374 -24.01 5.50 -43.55
C ASN D 374 -25.42 5.63 -44.13
N GLY D 375 -26.09 6.74 -43.85
CA GLY D 375 -27.45 6.90 -44.33
C GLY D 375 -28.05 8.20 -43.85
N ALA D 376 -29.35 8.40 -44.06
CA ALA D 376 -29.92 9.71 -43.75
C ALA D 376 -31.42 9.62 -43.53
N ALA D 377 -31.94 10.49 -42.67
CA ALA D 377 -33.38 10.57 -42.46
C ALA D 377 -33.90 11.71 -43.33
N PHE D 378 -34.98 11.46 -44.08
CA PHE D 378 -35.71 12.51 -44.81
C PHE D 378 -37.19 12.27 -44.58
N ASP D 379 -37.99 13.28 -44.88
CA ASP D 379 -39.42 13.15 -44.62
CA ASP D 379 -39.43 13.23 -44.68
C ASP D 379 -40.07 12.47 -45.82
N ASP D 380 -39.91 11.14 -45.87
CA ASP D 380 -40.33 10.35 -47.02
C ASP D 380 -41.83 10.25 -47.01
N VAL D 381 -42.43 10.34 -48.20
CA VAL D 381 -43.87 10.07 -48.37
C VAL D 381 -44.15 9.14 -49.56
N VAL D 382 -45.16 8.28 -49.41
CA VAL D 382 -45.64 7.52 -50.54
C VAL D 382 -46.46 8.44 -51.47
N SER D 383 -45.99 8.62 -52.71
CA SER D 383 -46.68 9.49 -53.67
C SER D 383 -47.93 8.82 -54.19
N GLU D 384 -48.71 9.56 -54.99
CA GLU D 384 -49.92 8.98 -55.57
C GLU D 384 -49.61 7.80 -56.47
N ASP D 385 -48.41 7.73 -57.04
CA ASP D 385 -48.09 6.61 -57.90
C ASP D 385 -47.70 5.33 -57.16
N GLY D 386 -47.75 5.38 -55.82
CA GLY D 386 -47.48 4.22 -54.98
C GLY D 386 -46.00 4.01 -54.66
N ARG D 387 -45.16 4.91 -55.14
CA ARG D 387 -43.72 4.81 -54.98
C ARG D 387 -43.20 5.83 -53.95
N VAL D 388 -41.96 5.66 -53.50
CA VAL D 388 -41.35 6.64 -52.61
C VAL D 388 -40.15 7.22 -53.30
N HIS D 389 -40.30 8.47 -53.76
CA HIS D 389 -39.27 9.10 -54.59
C HIS D 389 -38.23 9.83 -53.73
N ASP D 390 -37.36 9.08 -53.05
CA ASP D 390 -36.50 9.72 -52.06
C ASP D 390 -35.17 10.08 -52.70
N GLN D 391 -35.22 10.95 -53.71
CA GLN D 391 -34.01 11.32 -54.39
C GLN D 391 -32.99 11.96 -53.44
N ASN D 392 -33.44 12.70 -52.43
CA ASN D 392 -32.46 13.25 -51.47
C ASN D 392 -31.60 12.15 -50.81
N ARG D 393 -32.22 11.02 -50.52
CA ARG D 393 -31.47 9.88 -49.99
C ARG D 393 -30.47 9.32 -51.01
N ILE D 394 -30.90 9.22 -52.27
CA ILE D 394 -29.98 8.70 -53.30
C ILE D 394 -28.78 9.66 -53.40
N ASP D 395 -29.03 10.96 -53.47
CA ASP D 395 -27.90 11.88 -53.60
C ASP D 395 -26.96 11.86 -52.40
N TYR D 396 -27.54 11.68 -51.22
CA TYR D 396 -26.74 11.53 -50.02
C TYR D 396 -25.83 10.31 -50.15
N LEU D 397 -26.41 9.15 -50.42
CA LEU D 397 -25.66 7.90 -50.51
C LEU D 397 -24.64 7.94 -51.65
N LYS D 398 -25.09 8.42 -52.82
CA LYS D 398 -24.17 8.56 -53.94
C LYS D 398 -22.96 9.43 -53.56
N ALA D 399 -23.17 10.57 -52.89
CA ALA D 399 -21.99 11.39 -52.59
C ALA D 399 -21.01 10.71 -51.64
N HIS D 400 -21.54 10.01 -50.65
CA HIS D 400 -20.68 9.37 -49.64
C HIS D 400 -19.99 8.17 -50.24
N ILE D 401 -20.69 7.43 -51.11
CA ILE D 401 -20.09 6.26 -51.74
C ILE D 401 -18.92 6.72 -52.66
N GLY D 402 -19.13 7.84 -53.36
CA GLY D 402 -18.07 8.41 -54.20
C GLY D 402 -16.84 8.83 -53.40
N GLN D 403 -17.07 9.40 -52.21
CA GLN D 403 -15.97 9.78 -51.35
C GLN D 403 -15.25 8.57 -50.78
N ALA D 404 -16.00 7.50 -50.49
CA ALA D 404 -15.36 6.27 -50.02
C ALA D 404 -14.52 5.68 -51.15
N TRP D 405 -15.03 5.77 -52.37
CA TRP D 405 -14.25 5.28 -53.52
C TRP D 405 -12.91 6.03 -53.62
N LYS D 406 -12.94 7.33 -53.37
CA LYS D 406 -11.72 8.13 -53.45
C LYS D 406 -10.71 7.62 -52.43
N ALA D 407 -11.20 7.37 -51.22
CA ALA D 407 -10.34 6.84 -50.16
C ALA D 407 -9.69 5.54 -50.60
N ILE D 408 -10.44 4.69 -51.31
CA ILE D 408 -9.87 3.41 -51.72
C ILE D 408 -8.75 3.64 -52.76
N GLN D 409 -8.99 4.61 -53.64
CA GLN D 409 -8.02 4.90 -54.70
C GLN D 409 -6.74 5.39 -54.05
N GLU D 410 -6.86 5.99 -52.87
CA GLU D 410 -5.69 6.49 -52.14
C GLU D 410 -5.11 5.50 -51.14
N GLY D 411 -5.57 4.27 -51.21
CA GLY D 411 -4.95 3.18 -50.45
C GLY D 411 -5.57 2.75 -49.15
N VAL D 412 -6.70 3.36 -48.75
CA VAL D 412 -7.41 2.88 -47.54
C VAL D 412 -7.97 1.49 -47.81
N PRO D 413 -7.75 0.54 -46.89
CA PRO D 413 -8.22 -0.82 -47.16
C PRO D 413 -9.70 -1.02 -46.76
N LEU D 414 -10.58 -0.29 -47.43
CA LEU D 414 -12.02 -0.37 -47.18
C LEU D 414 -12.55 -1.60 -47.91
N LYS D 415 -13.11 -2.55 -47.15
CA LYS D 415 -13.54 -3.82 -47.70
C LYS D 415 -15.04 -3.91 -48.00
N GLY D 416 -15.81 -2.91 -47.54
CA GLY D 416 -17.28 -3.02 -47.64
C GLY D 416 -17.95 -1.77 -47.09
N TYR D 417 -19.22 -1.61 -47.44
CA TYR D 417 -20.02 -0.44 -47.12
C TYR D 417 -21.46 -0.93 -46.85
N PHE D 418 -21.99 -0.52 -45.69
CA PHE D 418 -23.37 -0.87 -45.30
C PHE D 418 -24.26 0.37 -45.17
N VAL D 419 -25.38 0.36 -45.87
CA VAL D 419 -26.35 1.46 -45.73
C VAL D 419 -27.10 1.29 -44.43
N TRP D 420 -27.18 2.35 -43.65
CA TRP D 420 -28.20 2.39 -42.59
C TRP D 420 -29.42 3.13 -43.17
N SER D 421 -30.58 2.48 -43.28
CA SER D 421 -30.86 1.14 -42.81
C SER D 421 -31.65 0.43 -43.91
N LEU D 422 -31.75 -0.90 -43.86
CA LEU D 422 -32.68 -1.59 -44.76
C LEU D 422 -34.11 -1.06 -44.57
N LEU D 423 -34.54 -0.85 -43.32
CA LEU D 423 -35.96 -0.50 -43.04
C LEU D 423 -36.06 0.80 -42.27
N ASP D 424 -37.12 1.59 -42.50
CA ASP D 424 -37.40 2.65 -41.55
C ASP D 424 -37.66 1.92 -40.21
N ASN D 425 -37.33 2.54 -39.10
CA ASN D 425 -37.42 1.85 -37.82
C ASN D 425 -37.47 2.78 -36.63
N PHE D 426 -37.41 2.20 -35.42
CA PHE D 426 -37.42 2.96 -34.17
C PHE D 426 -36.06 3.67 -33.99
N GLU D 427 -36.04 4.98 -34.17
CA GLU D 427 -34.79 5.76 -34.09
C GLU D 427 -34.61 6.23 -32.65
N TRP D 428 -34.51 5.24 -31.76
CA TRP D 428 -34.09 5.53 -30.37
C TRP D 428 -34.94 6.66 -29.77
N ALA D 429 -34.34 7.71 -29.21
CA ALA D 429 -35.16 8.71 -28.52
C ALA D 429 -36.03 9.53 -29.47
N GLU D 430 -35.79 9.45 -30.77
CA GLU D 430 -36.63 10.12 -31.76
C GLU D 430 -37.84 9.27 -32.13
N GLY D 431 -37.87 8.02 -31.68
CA GLY D 431 -38.96 7.14 -32.06
C GLY D 431 -39.11 6.93 -33.57
N TYR D 432 -40.35 6.70 -34.04
CA TYR D 432 -40.59 6.33 -35.43
C TYR D 432 -40.61 7.55 -36.35
N SER D 433 -40.48 8.75 -35.77
CA SER D 433 -40.56 10.00 -36.54
C SER D 433 -39.41 10.18 -37.57
N LYS D 434 -38.33 9.43 -37.44
CA LYS D 434 -37.21 9.65 -38.38
C LYS D 434 -36.99 8.39 -39.19
N ARG D 435 -37.09 8.50 -40.52
CA ARG D 435 -37.04 7.33 -41.39
C ARG D 435 -35.71 7.31 -42.10
N PHE D 436 -34.94 6.23 -41.89
CA PHE D 436 -33.62 6.02 -42.50
C PHE D 436 -33.61 4.89 -43.53
N GLY D 437 -34.74 4.22 -43.74
CA GLY D 437 -34.80 3.04 -44.62
C GLY D 437 -34.53 3.30 -46.11
N ILE D 438 -34.01 2.28 -46.80
CA ILE D 438 -34.11 2.30 -48.26
C ILE D 438 -35.40 1.58 -48.61
N VAL D 439 -36.05 1.00 -47.59
CA VAL D 439 -37.38 0.40 -47.69
C VAL D 439 -38.30 1.12 -46.69
N TYR D 440 -39.42 1.63 -47.20
CA TYR D 440 -40.41 2.36 -46.38
C TYR D 440 -41.30 1.38 -45.65
N VAL D 441 -41.56 1.65 -44.38
CA VAL D 441 -42.48 0.82 -43.61
C VAL D 441 -43.70 1.65 -43.24
N ASP D 442 -44.85 1.20 -43.68
CA ASP D 442 -46.09 1.82 -43.25
C ASP D 442 -46.48 1.13 -41.96
N TYR D 443 -46.35 1.82 -40.84
CA TYR D 443 -46.53 1.19 -39.53
C TYR D 443 -47.99 0.79 -39.25
N SER D 444 -48.95 1.35 -39.98
CA SER D 444 -50.32 0.97 -39.69
C SER D 444 -50.62 -0.42 -40.25
N THR D 445 -49.91 -0.82 -41.31
CA THR D 445 -50.14 -2.13 -41.93
C THR D 445 -48.89 -3.06 -41.91
N GLN D 446 -47.74 -2.52 -41.54
CA GLN D 446 -46.45 -3.21 -41.72
C GLN D 446 -46.09 -3.47 -43.18
N LYS D 447 -46.77 -2.79 -44.11
CA LYS D 447 -46.35 -2.94 -45.52
C LYS D 447 -44.94 -2.39 -45.74
N ARG D 448 -44.13 -3.14 -46.47
CA ARG D 448 -42.86 -2.67 -46.99
C ARG D 448 -43.01 -2.13 -48.41
N ILE D 449 -42.52 -0.92 -48.65
CA ILE D 449 -42.46 -0.34 -49.99
C ILE D 449 -41.01 0.07 -50.30
N VAL D 450 -40.37 -0.66 -51.21
CA VAL D 450 -38.97 -0.36 -51.55
C VAL D 450 -38.92 1.05 -52.14
N LYS D 451 -38.10 1.92 -51.55
CA LYS D 451 -37.94 3.29 -52.01
C LYS D 451 -37.06 3.34 -53.26
N ASP D 452 -37.15 4.44 -54.02
CA ASP D 452 -36.29 4.60 -55.20
C ASP D 452 -34.83 4.35 -54.77
N SER D 453 -34.45 4.75 -53.55
CA SER D 453 -33.04 4.60 -53.07
C SER D 453 -32.65 3.14 -53.02
N GLY D 454 -33.61 2.27 -52.71
CA GLY D 454 -33.39 0.81 -52.63
C GLY D 454 -33.12 0.23 -54.00
N TYR D 455 -33.88 0.68 -55.00
CA TYR D 455 -33.64 0.25 -56.38
C TYR D 455 -32.34 0.82 -56.91
N TRP D 456 -32.08 2.08 -56.58
CA TRP D 456 -30.84 2.71 -57.00
C TRP D 456 -29.64 1.95 -56.40
N TYR D 457 -29.73 1.62 -55.12
CA TYR D 457 -28.66 0.88 -54.43
C TYR D 457 -28.45 -0.52 -55.03
N SER D 458 -29.55 -1.20 -55.37
CA SER D 458 -29.47 -2.48 -56.06
C SER D 458 -28.57 -2.40 -57.30
N ASN D 459 -28.72 -1.31 -58.03
CA ASN D 459 -27.96 -1.07 -59.24
C ASN D 459 -26.50 -0.86 -58.89
N VAL D 460 -26.24 -0.10 -57.82
CA VAL D 460 -24.88 0.10 -57.31
C VAL D 460 -24.22 -1.25 -57.06
N VAL D 461 -24.93 -2.14 -56.38
CA VAL D 461 -24.38 -3.46 -56.03
C VAL D 461 -24.12 -4.26 -57.30
N LYS D 462 -25.09 -4.28 -58.19
CA LYS D 462 -24.97 -5.03 -59.44
C LYS D 462 -23.81 -4.54 -60.32
N ASN D 463 -23.58 -3.21 -60.38
CA ASN D 463 -22.45 -2.63 -61.11
C ASN D 463 -21.13 -2.54 -60.31
N ASN D 464 -21.18 -2.95 -59.04
CA ASN D 464 -20.08 -2.80 -58.10
C ASN D 464 -19.53 -1.38 -58.05
N GLY D 465 -20.42 -0.40 -58.01
CA GLY D 465 -19.97 0.95 -57.94
C GLY D 465 -20.89 1.91 -58.65
N LEU D 466 -20.40 3.11 -58.89
CA LEU D 466 -21.26 4.18 -59.41
C LEU D 466 -21.11 4.37 -60.93
N GLU D 467 -22.21 4.71 -61.59
CA GLU D 467 -22.25 4.81 -63.06
C GLU D 467 -22.92 6.11 -63.52
#